data_2R6F
#
_entry.id   2R6F
#
_cell.length_a   102.713
_cell.length_b   94.720
_cell.length_c   130.481
_cell.angle_alpha   90.000
_cell.angle_beta   108.800
_cell.angle_gamma   90.000
#
_symmetry.space_group_name_H-M   'P 1 21 1'
#
loop_
_entity.id
_entity.type
_entity.pdbx_description
1 polymer 'Excinuclease ABC subunit A'
2 non-polymer "ADENOSINE-5'-DIPHOSPHATE"
3 non-polymer 'ZINC ION'
4 water water
#
_entity_poly.entity_id   1
_entity_poly.type   'polypeptide(L)'
_entity_poly.pdbx_seq_one_letter_code
;(MSE)GSSHHHHHHSSGLVPRGSH(MSE)DKIIVKGARAHNLKNIDVEIPRGKLVVLTGLSGSGKSSLAFDTIYAEGQRR
YVESLSAYARQFLGQ(MSE)EKPDVDAIEGLSPAISIDQKTTSRNPRSTVGTVTEIYDYLRLLFARIGRPICPTHGIEIQ
SQTIEQ(MSE)VDRLLSYPERTK(MSE)QILAPIVSGKKGTHAKTLEDIRKQGYVRVRIDRE(MSE)RELTGDIELEKNK
KHSIDVVVDRIIIKDGIAARLADSLETALKLADGKVVVDVIGEGELLFSEKHACPYCGFSIGELEPRLFSFNSPFGACPD
CDGLGAKLEVDLDLVIPNDELTLKEHAIAPWEPQSSQYYPQLLEAVCRHYGIP(MSE)DVPVKDLPKEQLDKILYGSGGE
PIYFRYTNDFGQVREQYIAFEGVIPNVERRYRETSSDYIREQ(MSE)EKY(MSE)AEQPCPTCQGYRLKKESLAVLVGGK
HIGEVTA(MSE)SVTEALAFFDGLELTEKEAQIARLILREIRDRLGFLQNVGLDYLTLSRSAGTLSGGEAQRIRLATQIG
SRLTGVLYVLDEPSIGLHQRDNDRLIATLKS(MSE)RDLGNTLIVVEHDEDT(MSE)LAADYLIDIGPGAGIHGGEVVAA
GTPEEV(MSE)NDPNSLTGQYLSGKKFIPIPAERRRPDGRWLEVVGAREHNLKNVSVKIPLGTFVAVTGVSGSGKSTLVN
EVLYKALAQKLHRAKAKPGEHRDIRGLEHLDKVIDIDQSPIGRTPRSNPATYTGVFDDIRDVFASTNEAKVRGYKKGRFS
FNVKGGRCEACHGDGIIKIE(MSE)HFLPDVYVPCEVCHGKRYNRETLEVTYKGKNIAEVLD(MSE)TVEDALDFFASIP
KIKRKLETLYDVGLGY(MSE)KLGQPATTLSGGEAQRVKLAAELHRRSNGRTLYILDEPTTGLHVDDIARLLDVLHRLVD
NGDTVLVIEHNLDVIKTADYIIDLGPEGGDRGGQIVAVGTPEEVAEVKESHTGRYLKPILERDRAR(MSE)QARYEAAKA
;
_entity_poly.pdbx_strand_id   A,B
#
loop_
_chem_comp.id
_chem_comp.type
_chem_comp.name
_chem_comp.formula
ADP non-polymer ADENOSINE-5'-DIPHOSPHATE 'C10 H15 N5 O10 P2'
ZN non-polymer 'ZINC ION' 'Zn 2'
#
# COMPACT_ATOMS: atom_id res chain seq x y z
N MSE A 21 -2.57 26.17 5.38
CA MSE A 21 -3.35 27.43 5.57
C MSE A 21 -4.78 27.28 5.01
O MSE A 21 -5.43 26.29 5.33
CB MSE A 21 -2.59 28.61 4.94
CG MSE A 21 -2.13 28.40 3.49
SE MSE A 21 -1.43 30.05 2.68
CE MSE A 21 -0.30 30.70 4.16
N ASP A 22 -5.27 28.24 4.22
CA ASP A 22 -6.64 28.18 3.69
C ASP A 22 -6.69 28.03 2.17
N LYS A 23 -5.57 27.64 1.55
CA LYS A 23 -5.51 27.39 0.10
C LYS A 23 -4.28 26.58 -0.32
N ILE A 24 -4.45 25.78 -1.35
CA ILE A 24 -3.42 24.90 -1.91
C ILE A 24 -2.79 25.59 -3.13
N ILE A 25 -1.50 25.93 -3.01
CA ILE A 25 -0.77 26.65 -4.05
C ILE A 25 0.23 25.75 -4.80
N VAL A 26 0.17 25.78 -6.13
CA VAL A 26 1.07 24.98 -6.97
C VAL A 26 1.94 25.94 -7.81
N LYS A 27 3.25 25.81 -7.63
CA LYS A 27 4.24 26.69 -8.26
C LYS A 27 5.05 26.02 -9.37
N GLY A 28 4.88 26.50 -10.60
CA GLY A 28 5.66 26.00 -11.74
C GLY A 28 5.42 24.57 -12.16
N ALA A 29 4.18 24.27 -12.53
CA ALA A 29 3.82 22.93 -12.97
C ALA A 29 4.22 22.76 -14.43
N ARG A 30 4.78 21.61 -14.77
CA ARG A 30 5.20 21.31 -16.15
C ARG A 30 4.80 19.91 -16.64
N ALA A 31 3.90 19.26 -15.90
CA ALA A 31 3.43 17.90 -16.21
C ALA A 31 3.67 17.42 -17.65
N HIS A 32 2.83 17.83 -18.60
CA HIS A 32 2.99 17.42 -20.01
C HIS A 32 3.18 18.63 -20.90
N ASN A 33 2.07 19.34 -21.13
CA ASN A 33 2.05 20.55 -21.95
C ASN A 33 1.90 21.80 -21.10
N LEU A 34 1.96 21.63 -19.77
CA LEU A 34 1.80 22.75 -18.86
C LEU A 34 3.02 23.69 -18.98
N LYS A 35 2.73 24.98 -19.16
CA LYS A 35 3.75 25.99 -19.42
C LYS A 35 4.33 26.62 -18.17
N ASN A 36 5.01 25.81 -17.35
CA ASN A 36 5.60 26.28 -16.10
C ASN A 36 4.65 27.26 -15.39
N ILE A 37 3.43 26.78 -15.14
CA ILE A 37 2.35 27.61 -14.57
C ILE A 37 2.20 27.59 -13.06
N ASP A 38 1.81 28.73 -12.51
CA ASP A 38 1.51 28.88 -11.09
C ASP A 38 0.00 28.96 -10.99
N VAL A 39 -0.57 28.39 -9.94
CA VAL A 39 -2.03 28.43 -9.76
C VAL A 39 -2.44 28.19 -8.31
N GLU A 40 -3.44 28.97 -7.87
CA GLU A 40 -4.00 28.89 -6.53
C GLU A 40 -5.40 28.26 -6.57
N ILE A 41 -5.62 27.25 -5.74
CA ILE A 41 -6.91 26.57 -5.64
C ILE A 41 -7.45 26.75 -4.23
N PRO A 42 -8.69 27.26 -4.09
CA PRO A 42 -9.18 27.42 -2.73
C PRO A 42 -9.37 26.08 -2.05
N ARG A 43 -9.00 26.05 -0.78
CA ARG A 43 -9.09 24.86 0.03
C ARG A 43 -10.53 24.70 0.51
N GLY A 44 -10.91 23.46 0.78
CA GLY A 44 -12.25 23.12 1.27
C GLY A 44 -13.45 23.58 0.45
N LYS A 45 -13.28 23.66 -0.86
CA LYS A 45 -14.38 24.09 -1.72
C LYS A 45 -14.46 23.27 -3.00
N LEU A 46 -15.55 23.47 -3.74
CA LEU A 46 -15.78 22.74 -4.97
C LEU A 46 -15.15 23.49 -6.13
N VAL A 47 -13.90 23.16 -6.45
CA VAL A 47 -13.18 23.76 -7.56
C VAL A 47 -13.39 22.92 -8.82
N VAL A 48 -13.71 23.57 -9.94
CA VAL A 48 -13.97 22.86 -11.19
C VAL A 48 -13.03 23.27 -12.32
N LEU A 49 -12.16 22.35 -12.73
CA LEU A 49 -11.22 22.57 -13.83
C LEU A 49 -11.95 22.32 -15.14
N THR A 50 -11.83 23.27 -16.06
CA THR A 50 -12.52 23.17 -17.34
C THR A 50 -11.60 23.65 -18.45
N GLY A 51 -12.00 23.39 -19.70
CA GLY A 51 -11.20 23.79 -20.86
C GLY A 51 -11.35 22.79 -21.98
N LEU A 52 -10.68 23.06 -23.09
CA LEU A 52 -10.75 22.15 -24.24
C LEU A 52 -10.15 20.78 -23.94
N SER A 53 -10.46 19.82 -24.81
CA SER A 53 -9.89 18.50 -24.70
C SER A 53 -8.41 18.65 -25.02
N GLY A 54 -7.57 18.13 -24.15
CA GLY A 54 -6.13 18.19 -24.33
C GLY A 54 -5.52 19.51 -23.90
N SER A 55 -6.28 20.35 -23.22
CA SER A 55 -5.77 21.65 -22.78
C SER A 55 -4.74 21.49 -21.64
N GLY A 56 -4.99 20.55 -20.74
CA GLY A 56 -4.06 20.26 -19.63
C GLY A 56 -4.69 20.07 -18.27
N LYS A 57 -5.96 19.69 -18.25
CA LYS A 57 -6.68 19.51 -17.00
C LYS A 57 -6.18 18.32 -16.18
N SER A 58 -6.10 17.15 -16.79
CA SER A 58 -5.63 15.94 -16.09
C SER A 58 -4.16 16.07 -15.73
N SER A 59 -3.40 16.68 -16.63
CA SER A 59 -1.98 16.89 -16.42
C SER A 59 -1.76 17.63 -15.10
N LEU A 60 -2.67 18.58 -14.79
CA LEU A 60 -2.58 19.35 -13.56
C LEU A 60 -3.33 18.63 -12.42
N ALA A 61 -4.62 18.40 -12.63
CA ALA A 61 -5.47 17.80 -11.62
C ALA A 61 -4.99 16.45 -11.13
N PHE A 62 -4.75 15.54 -12.06
CA PHE A 62 -4.34 14.15 -11.75
C PHE A 62 -2.85 13.84 -11.79
N ASP A 63 -2.20 14.21 -12.88
CA ASP A 63 -0.79 13.89 -13.04
C ASP A 63 0.14 14.76 -12.20
N THR A 64 -0.39 15.80 -11.56
CA THR A 64 0.41 16.73 -10.73
C THR A 64 -0.05 16.87 -9.28
N ILE A 65 -1.25 17.39 -9.06
CA ILE A 65 -1.77 17.62 -7.71
C ILE A 65 -2.06 16.30 -7.01
N TYR A 66 -2.89 15.47 -7.63
CA TYR A 66 -3.24 14.17 -7.08
C TYR A 66 -2.01 13.27 -6.92
N ALA A 67 -1.17 13.23 -7.96
CA ALA A 67 0.03 12.42 -7.94
C ALA A 67 0.88 12.69 -6.69
N GLU A 68 1.05 13.97 -6.39
CA GLU A 68 1.82 14.41 -5.22
C GLU A 68 1.15 14.11 -3.88
N GLY A 69 -0.16 14.30 -3.81
CA GLY A 69 -0.90 14.05 -2.58
C GLY A 69 -0.81 12.60 -2.16
N GLN A 70 -0.97 11.70 -3.12
CA GLN A 70 -0.90 10.28 -2.81
C GLN A 70 0.49 9.89 -2.39
N ARG A 71 1.48 10.20 -3.23
CA ARG A 71 2.84 9.80 -2.93
C ARG A 71 3.26 10.26 -1.55
N ARG A 72 3.22 11.56 -1.31
CA ARG A 72 3.66 12.11 -0.01
C ARG A 72 3.09 11.42 1.23
N TYR A 73 1.89 10.85 1.11
CA TYR A 73 1.28 10.11 2.21
C TYR A 73 1.79 8.68 2.23
N VAL A 74 1.60 7.97 1.13
CA VAL A 74 2.05 6.58 0.99
C VAL A 74 3.55 6.47 1.25
N GLU A 75 4.28 7.47 0.81
CA GLU A 75 5.73 7.55 0.97
C GLU A 75 6.09 7.56 2.46
N SER A 76 5.11 7.82 3.33
CA SER A 76 5.35 7.88 4.78
C SER A 76 4.79 6.70 5.59
N LEU A 77 4.10 5.78 4.91
CA LEU A 77 3.51 4.61 5.58
C LEU A 77 4.56 3.67 6.20
N SER A 78 5.75 3.64 5.62
CA SER A 78 6.84 2.82 6.12
C SER A 78 8.20 3.30 5.61
N ALA A 79 9.25 2.59 6.02
CA ALA A 79 10.61 2.90 5.59
C ALA A 79 10.78 2.40 4.16
N TYR A 80 10.44 1.13 3.94
CA TYR A 80 10.53 0.51 2.63
C TYR A 80 9.69 1.25 1.58
N ALA A 81 8.53 1.77 1.99
CA ALA A 81 7.65 2.50 1.08
C ALA A 81 8.34 3.72 0.46
N ARG A 82 9.13 4.43 1.27
CA ARG A 82 9.85 5.62 0.84
C ARG A 82 10.97 5.29 -0.14
N GLN A 83 11.73 4.24 0.20
CA GLN A 83 12.87 3.76 -0.59
C GLN A 83 12.47 3.30 -1.99
N PHE A 84 11.29 2.68 -2.10
CA PHE A 84 10.79 2.14 -3.35
C PHE A 84 10.27 3.26 -4.25
N LEU A 85 9.35 4.06 -3.71
CA LEU A 85 8.74 5.18 -4.44
C LEU A 85 9.67 6.36 -4.65
N GLY A 86 10.49 6.66 -3.65
CA GLY A 86 11.43 7.79 -3.72
C GLY A 86 12.42 7.71 -4.87
N GLN A 87 12.83 6.49 -5.21
CA GLN A 87 13.79 6.28 -6.28
C GLN A 87 13.13 6.40 -7.66
N MSE A 88 11.80 6.26 -7.72
CA MSE A 88 11.06 6.37 -8.99
C MSE A 88 10.91 7.81 -9.50
O MSE A 88 11.54 8.73 -8.97
CB MSE A 88 9.68 5.76 -8.87
CG MSE A 88 9.66 4.35 -8.43
SE MSE A 88 7.88 3.73 -8.84
CE MSE A 88 6.79 5.19 -8.11
N GLU A 89 10.05 7.99 -10.52
CA GLU A 89 9.86 9.28 -11.17
C GLU A 89 8.69 10.08 -10.60
N LYS A 90 9.03 11.17 -9.92
CA LYS A 90 8.08 12.08 -9.29
C LYS A 90 7.60 13.07 -10.37
N PRO A 91 6.42 13.69 -10.18
CA PRO A 91 5.90 14.61 -11.20
C PRO A 91 6.78 15.82 -11.40
N ASP A 92 6.72 16.43 -12.57
CA ASP A 92 7.52 17.59 -12.89
C ASP A 92 6.87 18.85 -12.31
N VAL A 93 7.27 19.18 -11.09
CA VAL A 93 6.76 20.35 -10.37
C VAL A 93 7.83 20.91 -9.44
N ASP A 94 7.96 22.23 -9.40
CA ASP A 94 8.96 22.88 -8.53
C ASP A 94 8.58 22.72 -7.08
N ALA A 95 7.39 23.20 -6.75
CA ALA A 95 6.87 23.13 -5.39
C ALA A 95 5.36 23.21 -5.43
N ILE A 96 4.72 22.57 -4.47
CA ILE A 96 3.27 22.55 -4.34
C ILE A 96 2.96 22.44 -2.84
N GLU A 97 2.71 23.59 -2.21
CA GLU A 97 2.47 23.66 -0.76
C GLU A 97 0.98 23.75 -0.39
N GLY A 98 0.62 23.11 0.72
CA GLY A 98 -0.77 23.09 1.18
C GLY A 98 -1.51 21.83 0.75
N LEU A 99 -0.76 20.80 0.36
CA LEU A 99 -1.33 19.52 -0.04
C LEU A 99 -1.99 18.78 1.09
N SER A 100 -2.82 17.81 0.70
CA SER A 100 -3.51 16.92 1.59
C SER A 100 -3.47 15.57 0.92
N PRO A 101 -3.49 14.48 1.69
CA PRO A 101 -3.56 13.17 1.05
C PRO A 101 -4.69 13.15 0.02
N ALA A 102 -4.36 12.76 -1.22
CA ALA A 102 -5.32 12.79 -2.33
C ALA A 102 -5.90 11.42 -2.66
N ILE A 103 -7.14 11.45 -3.15
CA ILE A 103 -7.88 10.27 -3.53
C ILE A 103 -8.55 10.56 -4.86
N SER A 104 -8.34 9.71 -5.86
CA SER A 104 -8.93 9.95 -7.17
C SER A 104 -10.18 9.11 -7.42
N ILE A 105 -11.15 9.72 -8.08
CA ILE A 105 -12.39 9.08 -8.45
C ILE A 105 -12.49 9.13 -9.96
N ASP A 106 -12.00 8.08 -10.60
CA ASP A 106 -12.01 7.96 -12.07
C ASP A 106 -12.28 6.51 -12.52
N GLN A 107 -12.15 6.26 -13.82
CA GLN A 107 -12.39 4.93 -14.37
C GLN A 107 -11.15 4.02 -14.23
N LYS A 108 -9.97 4.65 -14.14
CA LYS A 108 -8.70 3.93 -14.00
C LYS A 108 -8.56 3.08 -12.72
N THR A 109 -9.35 3.38 -11.70
CA THR A 109 -9.25 2.68 -10.40
C THR A 109 -10.50 1.88 -10.00
N THR A 110 -11.34 1.54 -10.97
CA THR A 110 -12.55 0.72 -10.74
C THR A 110 -12.33 -0.74 -11.21
N SER A 111 -12.74 -1.69 -10.38
CA SER A 111 -12.58 -3.13 -10.64
C SER A 111 -13.41 -3.65 -11.84
N ARG A 112 -12.70 -4.27 -12.79
CA ARG A 112 -13.31 -4.90 -13.96
C ARG A 112 -12.94 -6.38 -13.93
N ASN A 113 -12.46 -6.84 -12.78
CA ASN A 113 -11.91 -8.18 -12.61
C ASN A 113 -12.91 -9.18 -11.97
N PRO A 114 -13.27 -10.25 -12.71
CA PRO A 114 -14.27 -11.26 -12.33
C PRO A 114 -14.33 -11.65 -10.84
N ARG A 115 -15.49 -12.18 -10.44
CA ARG A 115 -15.76 -12.62 -9.05
C ARG A 115 -16.10 -11.47 -8.11
N SER A 116 -16.00 -10.23 -8.59
CA SER A 116 -16.30 -9.06 -7.79
C SER A 116 -17.66 -8.51 -8.22
N THR A 117 -18.48 -8.13 -7.23
CA THR A 117 -19.82 -7.61 -7.47
C THR A 117 -19.95 -6.17 -7.00
N VAL A 118 -21.07 -5.55 -7.32
CA VAL A 118 -21.40 -4.21 -6.88
C VAL A 118 -21.47 -4.21 -5.37
N GLY A 119 -21.97 -5.33 -4.82
CA GLY A 119 -22.09 -5.51 -3.37
C GLY A 119 -20.75 -5.54 -2.67
N THR A 120 -19.77 -6.17 -3.29
CA THR A 120 -18.42 -6.29 -2.72
C THR A 120 -17.66 -4.97 -2.85
N VAL A 121 -17.65 -4.41 -4.06
CA VAL A 121 -16.96 -3.15 -4.32
C VAL A 121 -17.45 -1.98 -3.45
N THR A 122 -18.75 -1.93 -3.18
CA THR A 122 -19.36 -0.88 -2.34
C THR A 122 -19.20 -1.15 -0.86
N GLU A 123 -18.83 -2.39 -0.55
CA GLU A 123 -18.61 -2.87 0.82
C GLU A 123 -19.94 -3.19 1.53
N ILE A 124 -21.05 -3.00 0.82
CA ILE A 124 -22.38 -3.28 1.37
C ILE A 124 -22.57 -4.75 1.66
N TYR A 125 -22.04 -5.61 0.81
CA TYR A 125 -22.19 -7.06 0.98
C TYR A 125 -21.54 -7.53 2.27
N ASP A 126 -20.40 -6.95 2.63
CA ASP A 126 -19.71 -7.31 3.85
C ASP A 126 -20.59 -6.99 5.04
N TYR A 127 -21.19 -5.80 5.06
CA TYR A 127 -22.12 -5.44 6.14
C TYR A 127 -23.29 -6.42 6.21
N LEU A 128 -23.77 -6.89 5.05
CA LEU A 128 -24.84 -7.92 5.03
C LEU A 128 -24.36 -9.23 5.66
N ARG A 129 -23.10 -9.61 5.45
CA ARG A 129 -22.59 -10.83 6.05
C ARG A 129 -22.53 -10.63 7.56
N LEU A 130 -22.20 -9.42 7.97
CA LEU A 130 -22.09 -9.09 9.38
C LEU A 130 -23.49 -9.05 9.98
N LEU A 131 -24.46 -8.61 9.19
CA LEU A 131 -25.86 -8.58 9.63
C LEU A 131 -26.37 -10.00 9.86
N PHE A 132 -26.24 -10.85 8.84
CA PHE A 132 -26.67 -12.25 8.91
C PHE A 132 -25.93 -13.05 9.97
N ALA A 133 -24.70 -12.65 10.30
CA ALA A 133 -23.93 -13.34 11.33
C ALA A 133 -24.53 -13.04 12.72
N ARG A 134 -24.70 -11.75 13.01
CA ARG A 134 -25.21 -11.26 14.29
C ARG A 134 -26.65 -11.64 14.62
N ILE A 135 -27.59 -11.22 13.77
CA ILE A 135 -29.03 -11.41 14.02
C ILE A 135 -29.72 -12.45 13.13
N GLY A 136 -29.01 -13.00 12.16
CA GLY A 136 -29.61 -13.95 11.21
C GLY A 136 -30.16 -15.21 11.84
N ARG A 137 -31.46 -15.42 11.72
CA ARG A 137 -32.12 -16.59 12.27
C ARG A 137 -31.89 -17.80 11.35
N PRO A 138 -31.22 -18.85 11.86
CA PRO A 138 -31.00 -20.03 11.02
C PRO A 138 -32.18 -20.99 11.14
N ILE A 139 -32.71 -21.45 10.00
CA ILE A 139 -33.84 -22.38 10.00
C ILE A 139 -33.48 -23.69 9.29
N CYS A 140 -34.14 -24.76 9.72
CA CYS A 140 -33.93 -26.06 9.11
C CYS A 140 -34.59 -26.06 7.75
N PRO A 141 -33.84 -26.37 6.69
CA PRO A 141 -34.52 -26.43 5.39
C PRO A 141 -35.66 -27.44 5.42
N THR A 142 -35.38 -28.65 5.90
CA THR A 142 -36.36 -29.73 5.98
C THR A 142 -37.58 -29.38 6.82
N HIS A 143 -37.36 -28.89 8.04
CA HIS A 143 -38.47 -28.64 8.97
C HIS A 143 -38.94 -27.19 9.16
N GLY A 144 -38.24 -26.23 8.57
CA GLY A 144 -38.63 -24.81 8.63
C GLY A 144 -38.87 -24.23 10.01
N ILE A 145 -38.20 -24.78 11.01
CA ILE A 145 -38.28 -24.27 12.37
C ILE A 145 -36.94 -23.62 12.67
N GLU A 146 -37.00 -22.50 13.39
CA GLU A 146 -35.79 -21.77 13.78
C GLU A 146 -35.00 -22.63 14.76
N ILE A 147 -33.92 -23.23 14.28
CA ILE A 147 -33.07 -24.05 15.13
C ILE A 147 -32.37 -23.11 16.12
N GLN A 148 -32.42 -23.46 17.40
CA GLN A 148 -31.86 -22.61 18.44
C GLN A 148 -30.61 -23.22 19.09
N SER A 149 -30.03 -22.45 20.00
CA SER A 149 -28.86 -22.87 20.74
C SER A 149 -28.90 -22.17 22.10
N GLN A 150 -28.99 -22.96 23.17
CA GLN A 150 -29.08 -22.40 24.52
C GLN A 150 -27.91 -22.81 25.42
N THR A 151 -27.44 -21.85 26.21
CA THR A 151 -26.38 -22.12 27.18
C THR A 151 -27.04 -22.79 28.37
N ILE A 152 -26.25 -23.36 29.27
CA ILE A 152 -26.80 -24.04 30.46
C ILE A 152 -27.70 -23.10 31.27
N GLU A 153 -27.32 -21.82 31.34
CA GLU A 153 -28.09 -20.82 32.07
C GLU A 153 -29.51 -20.66 31.51
N GLN A 154 -29.62 -20.62 30.19
CA GLN A 154 -30.93 -20.48 29.53
C GLN A 154 -31.78 -21.74 29.65
N MSE A 155 -31.13 -22.91 29.65
CA MSE A 155 -31.83 -24.19 29.77
C MSE A 155 -32.46 -24.36 31.15
O MSE A 155 -33.61 -24.81 31.26
CB MSE A 155 -30.85 -25.36 29.50
CG MSE A 155 -30.32 -25.45 28.07
SE MSE A 155 -28.85 -26.76 27.83
CE MSE A 155 -28.69 -26.72 25.88
N VAL A 156 -31.72 -23.98 32.19
CA VAL A 156 -32.19 -24.12 33.57
C VAL A 156 -33.45 -23.30 33.86
N ASP A 157 -33.41 -21.99 33.60
CA ASP A 157 -34.58 -21.15 33.87
C ASP A 157 -35.80 -21.49 33.02
N ARG A 158 -35.60 -22.11 31.85
CA ARG A 158 -36.71 -22.53 31.01
C ARG A 158 -37.44 -23.71 31.64
N LEU A 159 -36.67 -24.64 32.21
CA LEU A 159 -37.24 -25.80 32.88
C LEU A 159 -37.89 -25.39 34.21
N LEU A 160 -37.29 -24.45 34.91
CA LEU A 160 -37.80 -23.98 36.21
C LEU A 160 -39.14 -23.20 36.13
N SER A 161 -39.50 -22.77 34.92
CA SER A 161 -40.76 -22.05 34.71
C SER A 161 -41.98 -22.99 34.71
N TYR A 162 -41.74 -24.30 34.64
CA TYR A 162 -42.81 -25.31 34.66
C TYR A 162 -43.44 -25.40 36.05
N PRO A 163 -44.67 -25.94 36.13
CA PRO A 163 -45.31 -26.06 37.44
C PRO A 163 -44.54 -27.00 38.36
N GLU A 164 -44.68 -26.81 39.67
CA GLU A 164 -44.00 -27.66 40.65
C GLU A 164 -44.50 -29.09 40.60
N ARG A 165 -43.68 -29.99 41.15
CA ARG A 165 -43.98 -31.41 41.22
C ARG A 165 -43.98 -32.12 39.85
N THR A 166 -43.60 -31.39 38.79
CA THR A 166 -43.54 -31.97 37.44
C THR A 166 -42.23 -32.74 37.31
N LYS A 167 -42.35 -34.05 37.16
CA LYS A 167 -41.18 -34.94 37.07
C LYS A 167 -40.52 -34.84 35.69
N MSE A 168 -39.19 -34.91 35.69
CA MSE A 168 -38.40 -34.85 34.47
C MSE A 168 -37.21 -35.78 34.58
O MSE A 168 -36.57 -35.82 35.63
CB MSE A 168 -37.83 -33.45 34.28
CG MSE A 168 -38.82 -32.34 34.04
SE MSE A 168 -37.84 -30.67 33.67
CE MSE A 168 -39.38 -29.56 33.18
N GLN A 169 -36.91 -36.49 33.51
CA GLN A 169 -35.73 -37.35 33.50
C GLN A 169 -34.77 -36.81 32.45
N ILE A 170 -33.64 -36.29 32.93
CA ILE A 170 -32.59 -35.77 32.06
C ILE A 170 -31.81 -36.95 31.52
N LEU A 171 -31.90 -37.19 30.21
CA LEU A 171 -31.19 -38.29 29.58
C LEU A 171 -30.34 -37.74 28.43
N ALA A 172 -29.23 -38.40 28.12
CA ALA A 172 -28.32 -37.94 27.09
C ALA A 172 -28.08 -38.96 25.98
N PRO A 173 -28.28 -38.56 24.70
CA PRO A 173 -28.01 -39.47 23.58
C PRO A 173 -26.52 -39.63 23.30
N ILE A 220 -30.64 -45.25 21.30
CA ILE A 220 -30.66 -45.41 22.76
C ILE A 220 -30.12 -44.16 23.42
N ASP A 221 -30.73 -43.78 24.55
CA ASP A 221 -30.35 -42.58 25.30
C ASP A 221 -30.16 -42.92 26.79
N VAL A 222 -28.92 -42.78 27.28
CA VAL A 222 -28.61 -43.08 28.69
C VAL A 222 -29.19 -42.03 29.62
N VAL A 223 -29.84 -42.49 30.68
CA VAL A 223 -30.50 -41.60 31.65
C VAL A 223 -29.50 -41.03 32.66
N VAL A 224 -29.42 -39.70 32.74
CA VAL A 224 -28.53 -39.05 33.70
C VAL A 224 -29.18 -39.16 35.08
N ASP A 225 -30.22 -38.36 35.34
CA ASP A 225 -30.98 -38.50 36.60
C ASP A 225 -32.36 -37.84 36.55
N ARG A 226 -33.28 -38.45 37.29
CA ARG A 226 -34.66 -38.01 37.40
C ARG A 226 -34.72 -36.92 38.45
N ILE A 227 -35.51 -35.87 38.18
CA ILE A 227 -35.64 -34.76 39.11
C ILE A 227 -37.07 -34.23 39.17
N ILE A 228 -37.46 -33.76 40.35
CA ILE A 228 -38.76 -33.14 40.55
C ILE A 228 -38.46 -31.65 40.67
N ILE A 229 -39.14 -30.82 39.88
CA ILE A 229 -38.89 -29.38 39.90
C ILE A 229 -39.68 -28.69 40.99
N LYS A 230 -38.97 -28.09 41.95
CA LYS A 230 -39.61 -27.35 43.04
C LYS A 230 -39.14 -25.90 43.05
N ASP A 231 -37.96 -25.66 43.64
CA ASP A 231 -37.44 -24.30 43.74
C ASP A 231 -35.91 -24.30 43.77
N GLY A 232 -35.32 -24.84 44.83
CA GLY A 232 -33.86 -24.85 44.98
C GLY A 232 -33.12 -25.93 44.20
N ILE A 233 -33.78 -26.54 43.22
CA ILE A 233 -33.15 -27.60 42.43
C ILE A 233 -32.35 -27.06 41.22
N ALA A 234 -32.11 -25.74 41.20
CA ALA A 234 -31.31 -25.14 40.13
C ALA A 234 -29.86 -25.67 40.16
N ALA A 235 -29.41 -26.06 41.36
CA ALA A 235 -28.07 -26.62 41.56
C ALA A 235 -27.89 -27.91 40.77
N ARG A 236 -28.68 -28.93 41.09
CA ARG A 236 -28.61 -30.21 40.35
C ARG A 236 -28.93 -30.04 38.87
N LEU A 237 -30.12 -29.50 38.61
CA LEU A 237 -30.60 -29.29 37.24
C LEU A 237 -29.49 -28.72 36.33
N ALA A 238 -28.78 -27.70 36.83
CA ALA A 238 -27.71 -27.06 36.06
C ALA A 238 -26.49 -27.97 35.85
N ASP A 239 -26.22 -28.85 36.82
CA ASP A 239 -25.07 -29.76 36.75
C ASP A 239 -25.37 -31.06 35.99
N SER A 240 -26.63 -31.50 36.02
CA SER A 240 -27.02 -32.72 35.27
C SER A 240 -27.03 -32.41 33.77
N LEU A 241 -27.56 -31.25 33.41
CA LEU A 241 -27.56 -30.82 32.02
C LEU A 241 -26.10 -30.69 31.58
N GLU A 242 -25.30 -30.06 32.43
CA GLU A 242 -23.87 -29.89 32.18
C GLU A 242 -23.21 -31.26 31.94
N THR A 243 -23.60 -32.27 32.74
CA THR A 243 -23.09 -33.64 32.62
C THR A 243 -23.61 -34.32 31.35
N ALA A 244 -24.89 -34.12 31.07
CA ALA A 244 -25.52 -34.71 29.88
C ALA A 244 -24.90 -34.12 28.61
N LEU A 245 -24.64 -32.81 28.61
CA LEU A 245 -24.02 -32.13 27.48
C LEU A 245 -22.54 -32.56 27.31
N LYS A 246 -21.92 -33.08 28.37
CA LYS A 246 -20.55 -33.57 28.30
C LYS A 246 -20.47 -35.02 27.78
N LEU A 247 -21.57 -35.76 27.91
CA LEU A 247 -21.60 -37.17 27.49
C LEU A 247 -22.13 -37.38 26.06
N ALA A 248 -23.11 -36.55 25.68
CA ALA A 248 -23.69 -36.59 24.33
C ALA A 248 -23.12 -35.49 23.44
N ASP A 249 -22.21 -34.69 24.00
CA ASP A 249 -21.53 -33.59 23.30
C ASP A 249 -22.49 -32.49 22.83
N GLY A 250 -22.75 -31.55 23.73
CA GLY A 250 -23.57 -30.38 23.44
C GLY A 250 -25.03 -30.58 23.10
N LYS A 251 -25.61 -31.73 23.44
CA LYS A 251 -27.03 -31.98 23.17
C LYS A 251 -27.60 -32.85 24.28
N VAL A 252 -28.81 -32.51 24.73
CA VAL A 252 -29.48 -33.25 25.79
C VAL A 252 -30.98 -33.13 25.66
N VAL A 253 -31.67 -34.26 25.85
CA VAL A 253 -33.12 -34.31 25.77
C VAL A 253 -33.72 -34.44 27.18
N VAL A 254 -34.80 -33.70 27.41
CA VAL A 254 -35.50 -33.69 28.70
C VAL A 254 -36.91 -34.25 28.50
N ASP A 255 -37.16 -35.43 29.06
CA ASP A 255 -38.48 -36.04 28.96
C ASP A 255 -39.31 -35.62 30.16
N VAL A 256 -40.07 -34.54 30.01
CA VAL A 256 -40.97 -34.11 31.08
C VAL A 256 -42.05 -35.18 31.17
N ILE A 257 -42.42 -35.57 32.40
CA ILE A 257 -43.39 -36.66 32.60
C ILE A 257 -44.83 -36.34 32.16
N GLY A 258 -45.04 -35.14 31.60
CA GLY A 258 -46.31 -34.81 30.95
C GLY A 258 -46.23 -35.37 29.53
N GLU A 259 -45.07 -35.95 29.20
CA GLU A 259 -44.76 -36.59 27.93
C GLU A 259 -44.66 -35.57 26.79
N GLY A 260 -43.74 -34.63 27.00
CA GLY A 260 -43.46 -33.59 26.03
C GLY A 260 -41.95 -33.47 25.95
N GLU A 261 -41.31 -34.49 25.35
CA GLU A 261 -39.85 -34.53 25.23
C GLU A 261 -39.29 -33.33 24.51
N LEU A 262 -39.17 -32.20 25.21
CA LEU A 262 -38.57 -31.01 24.62
C LEU A 262 -37.08 -31.31 24.56
N LEU A 263 -36.35 -30.68 23.64
CA LEU A 263 -34.94 -30.99 23.48
C LEU A 263 -34.10 -29.84 22.92
N PHE A 264 -33.02 -29.52 23.63
CA PHE A 264 -32.12 -28.43 23.25
C PHE A 264 -30.66 -28.82 23.31
N SER A 265 -29.85 -28.05 22.60
CA SER A 265 -28.42 -28.26 22.49
C SER A 265 -27.66 -26.94 22.61
N GLU A 266 -26.35 -27.04 22.78
CA GLU A 266 -25.48 -25.88 22.91
C GLU A 266 -25.12 -25.28 21.55
N LYS A 267 -25.30 -26.09 20.49
CA LYS A 267 -25.04 -25.69 19.11
C LYS A 267 -26.36 -25.38 18.41
N HIS A 268 -26.29 -24.77 17.23
CA HIS A 268 -27.49 -24.49 16.44
C HIS A 268 -27.86 -25.78 15.71
N ALA A 269 -28.80 -26.55 16.25
CA ALA A 269 -29.20 -27.81 15.63
C ALA A 269 -30.70 -28.03 15.65
N CYS A 270 -31.20 -28.75 14.64
CA CYS A 270 -32.63 -29.04 14.54
C CYS A 270 -33.01 -30.20 15.44
N PRO A 271 -33.98 -29.97 16.36
CA PRO A 271 -34.43 -31.04 17.25
C PRO A 271 -34.97 -32.29 16.55
N TYR A 272 -35.29 -32.21 15.26
CA TYR A 272 -35.92 -33.34 14.57
C TYR A 272 -35.13 -34.06 13.46
N CYS A 273 -33.91 -33.59 13.11
CA CYS A 273 -33.13 -34.30 12.07
C CYS A 273 -31.60 -34.14 12.12
N GLY A 274 -31.05 -33.62 13.22
CA GLY A 274 -29.60 -33.44 13.32
C GLY A 274 -29.08 -32.13 12.74
N PHE A 275 -29.29 -31.94 11.43
CA PHE A 275 -28.86 -30.72 10.68
C PHE A 275 -28.40 -29.59 11.59
N SER A 276 -27.08 -29.31 11.52
CA SER A 276 -26.46 -28.29 12.34
C SER A 276 -25.82 -27.19 11.49
N ILE A 277 -25.29 -26.17 12.16
CA ILE A 277 -24.58 -25.08 11.51
C ILE A 277 -23.46 -24.50 12.41
N GLY A 278 -23.32 -25.04 13.63
CA GLY A 278 -22.29 -24.61 14.57
C GLY A 278 -22.42 -23.18 15.08
N GLU A 279 -21.77 -22.25 14.38
CA GLU A 279 -21.79 -20.83 14.75
C GLU A 279 -21.90 -19.90 13.56
N LEU A 280 -22.59 -18.79 13.77
CA LEU A 280 -22.75 -17.76 12.75
C LEU A 280 -21.56 -16.81 12.81
N GLU A 281 -20.81 -16.76 11.71
CA GLU A 281 -19.66 -15.86 11.56
C GLU A 281 -19.74 -15.27 10.17
N PRO A 282 -19.29 -14.02 9.99
CA PRO A 282 -19.37 -13.37 8.68
C PRO A 282 -18.85 -14.22 7.51
N ARG A 283 -17.70 -14.84 7.68
CA ARG A 283 -17.10 -15.67 6.63
C ARG A 283 -17.96 -16.87 6.19
N LEU A 284 -18.97 -17.23 6.99
CA LEU A 284 -19.88 -18.30 6.62
C LEU A 284 -20.80 -17.85 5.48
N PHE A 285 -20.80 -16.55 5.22
CA PHE A 285 -21.62 -15.97 4.15
C PHE A 285 -20.80 -15.37 3.01
N SER A 286 -19.48 -15.60 3.02
CA SER A 286 -18.61 -15.07 1.97
C SER A 286 -18.35 -16.13 0.90
N PHE A 287 -18.23 -15.69 -0.35
CA PHE A 287 -17.92 -16.60 -1.46
C PHE A 287 -16.44 -16.56 -1.86
N ASN A 288 -15.64 -15.86 -1.05
CA ASN A 288 -14.19 -15.80 -1.22
C ASN A 288 -13.60 -16.42 0.04
N SER A 289 -14.18 -17.54 0.44
CA SER A 289 -13.78 -18.27 1.63
C SER A 289 -14.41 -19.65 1.61
N PRO A 290 -13.59 -20.71 1.74
CA PRO A 290 -14.19 -22.04 1.75
C PRO A 290 -15.27 -22.16 2.84
N PHE A 291 -15.16 -21.33 3.88
CA PHE A 291 -16.13 -21.30 4.97
C PHE A 291 -17.56 -21.00 4.51
N GLY A 292 -17.72 -20.34 3.36
CA GLY A 292 -19.06 -20.02 2.84
C GLY A 292 -19.33 -20.27 1.37
N ALA A 293 -18.29 -20.33 0.54
CA ALA A 293 -18.45 -20.50 -0.91
C ALA A 293 -19.08 -21.84 -1.30
N CYS A 294 -19.84 -21.81 -2.39
CA CYS A 294 -20.50 -23.01 -2.91
C CYS A 294 -19.46 -24.00 -3.41
N PRO A 295 -19.60 -25.29 -3.07
CA PRO A 295 -18.62 -26.27 -3.56
C PRO A 295 -18.67 -26.53 -5.07
N ASP A 296 -19.86 -26.74 -5.61
CA ASP A 296 -20.05 -27.10 -7.03
C ASP A 296 -19.71 -26.00 -8.06
N CYS A 297 -19.42 -24.78 -7.60
CA CYS A 297 -19.02 -23.69 -8.50
C CYS A 297 -17.93 -22.77 -7.92
N ASP A 298 -17.51 -23.06 -6.68
CA ASP A 298 -16.50 -22.27 -5.96
C ASP A 298 -16.85 -20.77 -5.92
N GLY A 299 -17.99 -20.45 -5.33
CA GLY A 299 -18.43 -19.07 -5.17
C GLY A 299 -18.48 -18.19 -6.39
N LEU A 300 -18.71 -18.78 -7.57
CA LEU A 300 -18.84 -17.99 -8.80
C LEU A 300 -20.30 -17.74 -9.11
N GLY A 301 -21.14 -18.75 -8.85
CA GLY A 301 -22.57 -18.66 -9.06
C GLY A 301 -23.02 -18.96 -10.48
N ALA A 302 -22.09 -18.88 -11.42
CA ALA A 302 -22.40 -19.15 -12.82
C ALA A 302 -21.55 -20.29 -13.35
N LYS A 303 -22.23 -21.18 -14.08
CA LYS A 303 -21.60 -22.33 -14.74
C LYS A 303 -21.21 -21.76 -16.10
N LEU A 304 -20.81 -22.61 -17.04
CA LEU A 304 -20.48 -22.12 -18.38
C LEU A 304 -20.67 -23.29 -19.33
N GLU A 305 -21.90 -23.44 -19.86
CA GLU A 305 -22.23 -24.58 -20.74
C GLU A 305 -22.88 -24.21 -22.07
N VAL A 306 -22.75 -25.13 -23.02
CA VAL A 306 -23.24 -24.97 -24.39
C VAL A 306 -24.71 -24.57 -24.47
N ASP A 307 -24.97 -23.46 -25.16
CA ASP A 307 -26.32 -22.93 -25.37
C ASP A 307 -26.82 -23.48 -26.71
N LEU A 308 -27.98 -24.13 -26.68
CA LEU A 308 -28.59 -24.71 -27.88
C LEU A 308 -28.84 -23.63 -28.94
N ASP A 309 -29.11 -22.43 -28.48
CA ASP A 309 -29.42 -21.29 -29.35
C ASP A 309 -28.19 -20.84 -30.17
N LEU A 310 -26.99 -20.98 -29.61
CA LEU A 310 -25.75 -20.60 -30.31
C LEU A 310 -25.29 -21.66 -31.31
N VAL A 311 -25.62 -22.92 -31.04
CA VAL A 311 -25.24 -24.01 -31.92
C VAL A 311 -25.97 -23.91 -33.28
N ILE A 312 -27.16 -23.33 -33.28
CA ILE A 312 -27.94 -23.10 -34.52
C ILE A 312 -28.46 -21.65 -34.56
N PRO A 313 -27.79 -20.76 -35.34
CA PRO A 313 -28.17 -19.34 -35.47
C PRO A 313 -29.66 -19.10 -35.74
N ASN A 314 -30.18 -19.73 -36.80
CA ASN A 314 -31.61 -19.69 -37.12
C ASN A 314 -32.14 -21.11 -37.11
N ASP A 315 -33.36 -21.30 -36.62
CA ASP A 315 -33.95 -22.64 -36.55
C ASP A 315 -34.46 -23.08 -37.94
N GLU A 316 -33.98 -22.42 -39.00
CA GLU A 316 -34.39 -22.74 -40.36
C GLU A 316 -33.30 -22.40 -41.39
N LEU A 317 -32.27 -23.23 -41.40
CA LEU A 317 -31.16 -23.09 -42.34
C LEU A 317 -30.85 -24.48 -42.88
N THR A 318 -30.56 -24.55 -44.18
CA THR A 318 -30.27 -25.83 -44.83
C THR A 318 -29.10 -26.53 -44.14
N LEU A 319 -29.33 -27.77 -43.73
CA LEU A 319 -28.32 -28.60 -43.06
C LEU A 319 -27.21 -29.02 -44.03
N LYS A 320 -27.55 -29.02 -45.33
CA LYS A 320 -26.59 -29.31 -46.41
C LYS A 320 -25.55 -28.19 -46.49
N GLU A 321 -25.96 -26.97 -46.15
CA GLU A 321 -25.09 -25.80 -46.16
C GLU A 321 -24.71 -25.40 -44.73
N HIS A 322 -24.34 -26.39 -43.92
CA HIS A 322 -23.90 -26.20 -42.54
C HIS A 322 -24.91 -25.43 -41.66
N ALA A 323 -25.98 -26.13 -41.25
CA ALA A 323 -27.01 -25.53 -40.39
C ALA A 323 -26.44 -25.35 -38.99
N ILE A 324 -25.72 -26.37 -38.51
CA ILE A 324 -25.06 -26.33 -37.21
C ILE A 324 -23.72 -25.58 -37.37
N ALA A 325 -23.56 -24.49 -36.62
CA ALA A 325 -22.38 -23.62 -36.71
C ALA A 325 -21.04 -24.20 -36.22
N PRO A 326 -21.01 -24.82 -35.03
CA PRO A 326 -19.71 -25.31 -34.56
C PRO A 326 -19.01 -26.21 -35.58
N TRP A 327 -19.76 -27.14 -36.16
CA TRP A 327 -19.24 -28.08 -37.15
C TRP A 327 -19.28 -27.40 -38.52
N GLU A 328 -18.36 -26.47 -38.74
CA GLU A 328 -18.26 -25.72 -40.00
C GLU A 328 -16.78 -25.61 -40.38
N PRO A 329 -16.41 -26.02 -41.62
CA PRO A 329 -15.02 -26.04 -42.12
C PRO A 329 -14.12 -24.90 -41.62
N TYR A 334 -13.75 -33.27 -41.78
CA TYR A 334 -14.03 -34.37 -40.87
C TYR A 334 -15.42 -34.29 -40.25
N TYR A 335 -15.70 -33.19 -39.54
CA TYR A 335 -16.99 -32.98 -38.89
C TYR A 335 -18.17 -32.91 -39.90
N PRO A 336 -17.97 -32.26 -41.06
CA PRO A 336 -19.02 -32.26 -42.09
C PRO A 336 -19.35 -33.66 -42.59
N GLN A 337 -18.32 -34.48 -42.83
CA GLN A 337 -18.51 -35.87 -43.27
C GLN A 337 -19.13 -36.75 -42.18
N LEU A 338 -18.97 -36.34 -40.91
CA LEU A 338 -19.52 -37.09 -39.78
C LEU A 338 -21.04 -36.94 -39.76
N LEU A 339 -21.55 -35.74 -40.09
CA LEU A 339 -23.01 -35.53 -40.20
C LEU A 339 -23.61 -36.55 -41.16
N GLU A 340 -22.99 -36.62 -42.35
CA GLU A 340 -23.35 -37.55 -43.41
C GLU A 340 -23.51 -38.99 -42.88
N ALA A 341 -22.62 -39.41 -41.97
CA ALA A 341 -22.68 -40.75 -41.36
C ALA A 341 -23.85 -40.93 -40.38
N VAL A 342 -24.10 -39.93 -39.52
CA VAL A 342 -25.23 -39.97 -38.57
C VAL A 342 -26.56 -39.80 -39.31
N CYS A 343 -26.52 -39.21 -40.50
CA CYS A 343 -27.71 -39.11 -41.35
C CYS A 343 -27.96 -40.47 -41.97
N ARG A 344 -27.20 -40.83 -43.02
CA ARG A 344 -27.31 -42.12 -43.69
C ARG A 344 -27.90 -43.19 -42.77
N HIS A 345 -27.30 -43.30 -41.59
CA HIS A 345 -27.70 -44.27 -40.57
C HIS A 345 -29.13 -44.08 -40.06
N TYR A 346 -29.41 -42.95 -39.42
CA TYR A 346 -30.74 -42.69 -38.87
C TYR A 346 -31.80 -42.30 -39.90
N GLY A 347 -31.36 -41.90 -41.10
CA GLY A 347 -32.28 -41.52 -42.17
C GLY A 347 -32.77 -40.09 -42.02
N ILE A 348 -31.86 -39.19 -41.66
CA ILE A 348 -32.17 -37.78 -41.51
C ILE A 348 -31.88 -37.11 -42.85
N PRO A 349 -32.84 -36.35 -43.39
CA PRO A 349 -32.60 -35.70 -44.69
C PRO A 349 -31.52 -34.60 -44.63
N MSE A 350 -30.74 -34.48 -45.70
CA MSE A 350 -29.66 -33.50 -45.81
C MSE A 350 -30.25 -32.12 -46.13
O MSE A 350 -29.99 -31.14 -45.43
CB MSE A 350 -28.65 -33.89 -46.91
CG MSE A 350 -28.00 -35.27 -46.75
SE MSE A 350 -26.64 -35.43 -45.34
CE MSE A 350 -26.25 -37.33 -45.60
N ASP A 351 -31.03 -32.07 -47.21
CA ASP A 351 -31.70 -30.84 -47.63
C ASP A 351 -32.83 -30.60 -46.63
N VAL A 352 -32.54 -29.85 -45.58
CA VAL A 352 -33.51 -29.66 -44.51
C VAL A 352 -33.52 -28.32 -43.76
N PRO A 353 -34.71 -27.70 -43.67
CA PRO A 353 -34.86 -26.52 -42.84
C PRO A 353 -35.17 -27.06 -41.44
N VAL A 354 -34.13 -27.16 -40.60
CA VAL A 354 -34.23 -27.72 -39.23
C VAL A 354 -35.58 -27.61 -38.52
N LYS A 355 -36.25 -26.47 -38.68
CA LYS A 355 -37.56 -26.19 -38.06
C LYS A 355 -38.55 -27.36 -38.22
N ASP A 356 -38.64 -27.90 -39.44
CA ASP A 356 -39.58 -28.99 -39.77
C ASP A 356 -39.09 -30.42 -39.44
N LEU A 357 -37.87 -30.57 -38.95
CA LEU A 357 -37.34 -31.90 -38.60
C LEU A 357 -38.01 -32.46 -37.35
N PRO A 358 -38.47 -33.72 -37.40
CA PRO A 358 -39.02 -34.35 -36.20
C PRO A 358 -38.07 -34.18 -35.01
N LYS A 359 -38.60 -34.20 -33.79
CA LYS A 359 -37.76 -33.97 -32.60
C LYS A 359 -36.70 -35.05 -32.38
N GLU A 360 -37.04 -36.31 -32.61
CA GLU A 360 -36.07 -37.42 -32.45
C GLU A 360 -34.93 -37.35 -33.47
N GLN A 361 -35.23 -36.92 -34.70
CA GLN A 361 -34.22 -36.78 -35.75
C GLN A 361 -33.13 -35.79 -35.29
N LEU A 362 -33.57 -34.73 -34.61
CA LEU A 362 -32.68 -33.67 -34.13
C LEU A 362 -31.97 -34.07 -32.81
N ASP A 363 -32.63 -34.88 -31.98
CA ASP A 363 -32.05 -35.31 -30.70
C ASP A 363 -30.84 -36.24 -30.84
N LYS A 364 -30.91 -37.17 -31.78
CA LYS A 364 -29.80 -38.11 -32.01
C LYS A 364 -28.54 -37.32 -32.40
N ILE A 365 -28.72 -36.39 -33.34
CA ILE A 365 -27.64 -35.56 -33.85
C ILE A 365 -27.07 -34.60 -32.79
N LEU A 366 -27.92 -34.04 -31.93
CA LEU A 366 -27.47 -33.11 -30.88
C LEU A 366 -27.04 -33.77 -29.58
N TYR A 367 -27.72 -34.84 -29.17
CA TYR A 367 -27.43 -35.49 -27.88
C TYR A 367 -26.78 -36.88 -27.91
N GLY A 368 -26.62 -37.47 -29.09
CA GLY A 368 -25.93 -38.77 -29.22
C GLY A 368 -26.80 -40.02 -29.23
N SER A 369 -26.24 -41.07 -29.82
CA SER A 369 -26.93 -42.36 -29.99
C SER A 369 -27.14 -43.17 -28.71
N GLY A 370 -26.49 -42.77 -27.62
CA GLY A 370 -26.63 -43.46 -26.35
C GLY A 370 -25.98 -44.84 -26.34
N GLY A 371 -24.83 -44.97 -26.99
CA GLY A 371 -24.10 -46.23 -27.04
C GLY A 371 -24.13 -46.98 -28.36
N GLU A 372 -25.25 -46.87 -29.09
CA GLU A 372 -25.42 -47.57 -30.37
C GLU A 372 -24.29 -47.25 -31.37
N PRO A 373 -23.72 -48.28 -32.01
CA PRO A 373 -22.64 -48.04 -32.99
C PRO A 373 -23.15 -47.48 -34.32
N ILE A 374 -22.44 -46.49 -34.84
CA ILE A 374 -22.78 -45.85 -36.12
C ILE A 374 -21.62 -46.07 -37.08
N TYR A 375 -21.91 -46.56 -38.28
CA TYR A 375 -20.88 -46.77 -39.29
C TYR A 375 -20.40 -45.42 -39.81
N PHE A 376 -19.10 -45.19 -39.73
CA PHE A 376 -18.52 -43.91 -40.14
C PHE A 376 -17.20 -44.07 -40.89
N ARG A 377 -17.22 -43.69 -42.17
CA ARG A 377 -16.03 -43.70 -43.02
C ARG A 377 -15.77 -42.27 -43.47
N TYR A 378 -14.51 -41.90 -43.58
CA TYR A 378 -14.16 -40.53 -43.97
C TYR A 378 -12.83 -40.45 -44.72
N THR A 379 -12.74 -39.46 -45.61
CA THR A 379 -11.53 -39.20 -46.37
C THR A 379 -10.73 -38.14 -45.62
N ASN A 380 -9.47 -38.44 -45.35
CA ASN A 380 -8.58 -37.51 -44.65
C ASN A 380 -8.30 -36.29 -45.51
N ASP A 381 -7.66 -35.28 -44.94
CA ASP A 381 -7.26 -34.09 -45.71
C ASP A 381 -6.23 -34.52 -46.76
N PHE A 382 -5.46 -35.54 -46.42
CA PHE A 382 -4.47 -36.13 -47.32
C PHE A 382 -5.17 -36.77 -48.50
N GLY A 383 -6.26 -37.50 -48.23
CA GLY A 383 -7.05 -38.15 -49.28
C GLY A 383 -7.37 -39.62 -49.06
N GLN A 384 -6.68 -40.26 -48.11
CA GLN A 384 -6.89 -41.69 -47.84
C GLN A 384 -8.11 -41.92 -46.92
N VAL A 385 -8.84 -42.99 -47.22
CA VAL A 385 -10.05 -43.37 -46.47
C VAL A 385 -9.71 -44.16 -45.21
N ARG A 386 -10.55 -44.05 -44.18
CA ARG A 386 -10.35 -44.77 -42.92
C ARG A 386 -11.69 -45.03 -42.20
N GLU A 387 -12.23 -46.22 -42.40
CA GLU A 387 -13.50 -46.62 -41.79
C GLU A 387 -13.33 -46.96 -40.31
N GLN A 388 -14.24 -46.46 -39.47
CA GLN A 388 -14.21 -46.69 -38.03
C GLN A 388 -15.58 -47.25 -37.60
N TYR A 389 -15.77 -47.49 -36.31
CA TYR A 389 -17.02 -48.07 -35.81
C TYR A 389 -17.35 -47.45 -34.45
N ILE A 390 -17.38 -46.12 -34.41
CA ILE A 390 -17.57 -45.36 -33.17
C ILE A 390 -18.98 -45.38 -32.56
N ALA A 391 -19.04 -44.98 -31.29
CA ALA A 391 -20.28 -44.87 -30.52
C ALA A 391 -20.57 -43.38 -30.39
N PHE A 392 -21.05 -42.81 -31.50
CA PHE A 392 -21.35 -41.37 -31.64
C PHE A 392 -21.79 -40.67 -30.34
N GLU A 393 -21.13 -39.55 -30.02
CA GLU A 393 -21.39 -38.79 -28.79
C GLU A 393 -22.44 -37.69 -28.93
N GLY A 394 -22.53 -37.07 -30.11
CA GLY A 394 -23.50 -35.99 -30.38
C GLY A 394 -22.81 -34.66 -30.64
N VAL A 395 -23.57 -33.67 -31.12
CA VAL A 395 -23.02 -32.34 -31.42
C VAL A 395 -22.86 -31.46 -30.18
N ILE A 396 -23.75 -31.64 -29.19
CA ILE A 396 -23.67 -30.86 -27.95
C ILE A 396 -22.57 -31.37 -27.01
N PRO A 397 -22.54 -32.68 -26.69
CA PRO A 397 -21.47 -33.20 -25.83
C PRO A 397 -20.07 -33.04 -26.46
N ASN A 398 -20.03 -32.96 -27.79
CA ASN A 398 -18.77 -32.74 -28.53
C ASN A 398 -18.07 -31.48 -28.04
N VAL A 399 -18.82 -30.39 -28.04
CA VAL A 399 -18.31 -29.08 -27.64
C VAL A 399 -17.84 -29.04 -26.19
N GLU A 400 -18.69 -29.50 -25.27
CA GLU A 400 -18.36 -29.54 -23.84
C GLU A 400 -17.09 -30.36 -23.58
N ARG A 401 -16.97 -31.49 -24.30
CA ARG A 401 -15.84 -32.40 -24.15
C ARG A 401 -14.54 -31.83 -24.76
N ARG A 402 -14.65 -31.14 -25.88
CA ARG A 402 -13.46 -30.58 -26.54
C ARG A 402 -12.96 -29.31 -25.82
N TYR A 403 -13.86 -28.64 -25.11
CA TYR A 403 -13.56 -27.42 -24.35
C TYR A 403 -12.89 -27.69 -23.01
N ARG A 404 -13.41 -28.70 -22.32
CA ARG A 404 -12.95 -29.12 -20.99
C ARG A 404 -11.55 -29.75 -21.00
N GLU A 405 -11.29 -30.60 -21.98
CA GLU A 405 -10.04 -31.36 -22.07
C GLU A 405 -8.79 -30.57 -22.46
N THR A 406 -8.95 -29.55 -23.29
CA THR A 406 -7.81 -28.75 -23.72
C THR A 406 -7.42 -27.73 -22.66
N SER A 407 -6.12 -27.47 -22.57
CA SER A 407 -5.58 -26.48 -21.66
C SER A 407 -4.96 -25.39 -22.52
N SER A 408 -5.69 -24.98 -23.56
CA SER A 408 -5.22 -23.98 -24.51
C SER A 408 -6.16 -22.78 -24.52
N ASP A 409 -5.61 -21.60 -24.23
CA ASP A 409 -6.39 -20.36 -24.26
C ASP A 409 -6.88 -20.02 -25.67
N TYR A 410 -6.42 -20.79 -26.66
CA TYR A 410 -6.84 -20.62 -28.05
C TYR A 410 -7.99 -21.57 -28.39
N ILE A 411 -7.87 -22.84 -28.01
CA ILE A 411 -8.91 -23.84 -28.29
C ILE A 411 -10.17 -23.62 -27.46
N ARG A 412 -10.03 -23.14 -26.22
CA ARG A 412 -11.21 -22.85 -25.40
C ARG A 412 -12.01 -21.72 -26.03
N GLU A 413 -11.36 -20.58 -26.24
CA GLU A 413 -12.01 -19.39 -26.80
C GLU A 413 -12.76 -19.63 -28.11
N GLN A 414 -12.35 -20.65 -28.88
CA GLN A 414 -13.07 -21.01 -30.11
C GLN A 414 -14.35 -21.79 -29.79
N MSE A 415 -14.30 -22.59 -28.71
CA MSE A 415 -15.46 -23.36 -28.25
C MSE A 415 -16.36 -22.52 -27.33
O MSE A 415 -17.56 -22.78 -27.25
CB MSE A 415 -15.03 -24.62 -27.50
CG MSE A 415 -14.20 -25.61 -28.31
SE MSE A 415 -15.05 -26.26 -29.95
CE MSE A 415 -16.67 -26.98 -29.22
N GLU A 416 -15.78 -21.54 -26.64
CA GLU A 416 -16.56 -20.66 -25.76
C GLU A 416 -17.56 -19.82 -26.55
N LYS A 417 -17.33 -19.64 -27.85
CA LYS A 417 -18.24 -18.90 -28.72
C LYS A 417 -19.62 -19.56 -28.82
N TYR A 418 -19.68 -20.87 -28.57
CA TYR A 418 -20.93 -21.64 -28.65
C TYR A 418 -21.48 -22.00 -27.27
N MSE A 419 -20.97 -21.34 -26.22
CA MSE A 419 -21.41 -21.56 -24.84
C MSE A 419 -21.90 -20.24 -24.24
O MSE A 419 -21.46 -19.16 -24.62
CB MSE A 419 -20.26 -22.10 -23.97
CG MSE A 419 -19.52 -23.33 -24.53
SE MSE A 419 -18.09 -24.04 -23.34
CE MSE A 419 -17.23 -22.39 -22.80
N ALA A 420 -22.81 -20.35 -23.28
CA ALA A 420 -23.36 -19.19 -22.59
C ALA A 420 -23.45 -19.50 -21.09
N GLU A 421 -23.32 -18.48 -20.24
CA GLU A 421 -23.38 -18.67 -18.79
C GLU A 421 -24.76 -19.11 -18.33
N GLN A 422 -24.79 -19.95 -17.30
CA GLN A 422 -26.03 -20.45 -16.73
C GLN A 422 -25.88 -20.57 -15.22
N PRO A 423 -26.90 -20.12 -14.46
CA PRO A 423 -26.83 -20.21 -13.00
C PRO A 423 -26.50 -21.60 -12.46
N CYS A 424 -25.62 -21.65 -11.46
CA CYS A 424 -25.22 -22.91 -10.81
C CYS A 424 -26.44 -23.58 -10.19
N PRO A 425 -26.78 -24.80 -10.66
CA PRO A 425 -27.97 -25.49 -10.13
C PRO A 425 -27.92 -25.80 -8.65
N THR A 426 -26.72 -25.90 -8.08
CA THR A 426 -26.54 -26.23 -6.67
C THR A 426 -26.94 -25.10 -5.73
N CYS A 427 -26.39 -23.91 -5.97
CA CYS A 427 -26.64 -22.75 -5.12
C CYS A 427 -27.66 -21.76 -5.70
N GLN A 428 -28.48 -22.20 -6.65
CA GLN A 428 -29.48 -21.33 -7.27
C GLN A 428 -28.86 -20.05 -7.85
N GLY A 429 -27.53 -20.02 -7.99
CA GLY A 429 -26.81 -18.83 -8.45
C GLY A 429 -26.48 -17.82 -7.36
N TYR A 430 -26.73 -18.17 -6.10
CA TYR A 430 -26.47 -17.28 -4.96
C TYR A 430 -25.02 -17.33 -4.47
N ARG A 431 -24.30 -18.39 -4.82
CA ARG A 431 -22.84 -18.54 -4.56
C ARG A 431 -22.40 -19.03 -3.17
N LEU A 432 -23.30 -19.56 -2.37
CA LEU A 432 -22.92 -20.01 -1.03
C LEU A 432 -23.36 -21.44 -0.74
N LYS A 433 -22.91 -21.98 0.39
CA LYS A 433 -23.29 -23.32 0.80
C LYS A 433 -24.80 -23.34 1.00
N LYS A 434 -25.40 -24.52 1.01
CA LYS A 434 -26.83 -24.63 1.25
C LYS A 434 -27.18 -24.19 2.67
N GLU A 435 -26.29 -24.48 3.63
CA GLU A 435 -26.50 -24.06 5.04
C GLU A 435 -26.25 -22.56 5.25
N SER A 436 -25.52 -21.92 4.35
CA SER A 436 -25.33 -20.48 4.42
C SER A 436 -26.65 -19.82 4.02
N LEU A 437 -27.33 -20.40 3.04
CA LEU A 437 -28.62 -19.90 2.58
C LEU A 437 -29.74 -20.33 3.54
N ALA A 438 -29.39 -21.12 4.55
CA ALA A 438 -30.33 -21.54 5.58
C ALA A 438 -30.64 -20.37 6.50
N VAL A 439 -29.68 -19.48 6.69
CA VAL A 439 -29.86 -18.33 7.56
C VAL A 439 -30.60 -17.22 6.83
N LEU A 440 -31.64 -16.69 7.47
CA LEU A 440 -32.46 -15.63 6.89
C LEU A 440 -32.78 -14.53 7.92
N VAL A 441 -32.91 -13.30 7.42
CA VAL A 441 -33.19 -12.13 8.26
C VAL A 441 -34.70 -11.80 8.30
N GLY A 442 -35.18 -11.09 7.27
CA GLY A 442 -36.60 -10.69 7.21
C GLY A 442 -37.39 -11.67 6.38
N GLY A 443 -37.19 -12.97 6.64
CA GLY A 443 -37.82 -14.03 5.87
C GLY A 443 -37.12 -14.28 4.55
N LYS A 444 -36.04 -13.54 4.28
CA LYS A 444 -35.26 -13.67 3.06
C LYS A 444 -33.84 -14.02 3.45
N HIS A 445 -33.13 -14.74 2.58
CA HIS A 445 -31.73 -15.09 2.86
C HIS A 445 -30.74 -14.17 2.13
N ILE A 446 -29.48 -14.28 2.52
CA ILE A 446 -28.40 -13.42 2.02
C ILE A 446 -28.45 -13.24 0.51
N GLY A 447 -28.52 -14.35 -0.22
CA GLY A 447 -28.54 -14.31 -1.69
C GLY A 447 -29.73 -13.58 -2.29
N GLU A 448 -30.87 -13.64 -1.61
CA GLU A 448 -32.09 -12.98 -2.08
C GLU A 448 -31.95 -11.49 -1.92
N VAL A 449 -31.47 -11.05 -0.76
CA VAL A 449 -31.27 -9.64 -0.48
C VAL A 449 -30.24 -9.02 -1.42
N THR A 450 -29.27 -9.83 -1.84
CA THR A 450 -28.23 -9.37 -2.77
C THR A 450 -28.80 -9.29 -4.18
N ALA A 451 -29.75 -10.17 -4.50
CA ALA A 451 -30.38 -10.22 -5.83
C ALA A 451 -31.36 -9.08 -6.11
N MSE A 452 -31.66 -8.27 -5.10
CA MSE A 452 -32.59 -7.15 -5.24
C MSE A 452 -31.89 -5.97 -5.88
O MSE A 452 -30.66 -5.87 -5.82
CB MSE A 452 -33.10 -6.67 -3.88
CG MSE A 452 -33.51 -7.71 -2.91
SE MSE A 452 -34.33 -6.97 -1.30
CE MSE A 452 -36.21 -6.92 -1.91
N SER A 453 -32.67 -5.07 -6.45
CA SER A 453 -32.13 -3.82 -6.98
C SER A 453 -31.94 -2.91 -5.77
N VAL A 454 -31.14 -1.87 -5.93
CA VAL A 454 -30.91 -0.93 -4.83
C VAL A 454 -32.22 -0.34 -4.30
N THR A 455 -33.14 0.01 -5.20
CA THR A 455 -34.46 0.55 -4.78
C THR A 455 -35.23 -0.48 -3.98
N GLU A 456 -35.16 -1.75 -4.40
CA GLU A 456 -35.86 -2.84 -3.71
C GLU A 456 -35.28 -3.04 -2.32
N ALA A 457 -33.97 -3.24 -2.25
CA ALA A 457 -33.27 -3.47 -0.98
C ALA A 457 -33.51 -2.36 0.00
N LEU A 458 -33.43 -1.13 -0.48
CA LEU A 458 -33.62 0.05 0.36
C LEU A 458 -35.03 0.02 0.96
N ALA A 459 -36.01 -0.46 0.17
CA ALA A 459 -37.40 -0.60 0.62
C ALA A 459 -37.52 -1.70 1.66
N PHE A 460 -36.88 -2.84 1.38
CA PHE A 460 -36.88 -4.01 2.28
C PHE A 460 -36.46 -3.67 3.73
N PHE A 461 -35.39 -2.90 3.88
CA PHE A 461 -34.88 -2.52 5.21
C PHE A 461 -35.73 -1.47 5.91
N ASP A 462 -36.54 -0.74 5.15
CA ASP A 462 -37.46 0.23 5.73
C ASP A 462 -38.62 -0.58 6.33
N GLY A 463 -39.15 -1.51 5.53
CA GLY A 463 -40.24 -2.38 5.96
C GLY A 463 -39.81 -3.49 6.91
N LEU A 464 -38.52 -3.84 6.89
CA LEU A 464 -37.99 -4.89 7.76
C LEU A 464 -38.42 -4.66 9.20
N GLU A 465 -38.93 -5.69 9.84
CA GLU A 465 -39.43 -5.57 11.22
C GLU A 465 -38.74 -6.60 12.11
N LEU A 466 -38.12 -6.13 13.19
CA LEU A 466 -37.36 -6.98 14.10
C LEU A 466 -37.81 -6.87 15.56
N THR A 467 -37.03 -7.48 16.45
CA THR A 467 -37.30 -7.44 17.89
C THR A 467 -36.53 -6.30 18.53
N GLU A 468 -36.59 -6.21 19.85
CA GLU A 468 -35.84 -5.19 20.60
C GLU A 468 -34.36 -5.50 20.59
N LYS A 469 -34.02 -6.77 20.85
CA LYS A 469 -32.63 -7.24 20.87
C LYS A 469 -32.00 -7.21 19.47
N GLU A 470 -32.68 -7.80 18.49
CA GLU A 470 -32.18 -7.83 17.12
C GLU A 470 -31.81 -6.43 16.63
N ALA A 471 -32.76 -5.50 16.72
CA ALA A 471 -32.54 -4.11 16.29
C ALA A 471 -31.43 -3.44 17.10
N GLN A 472 -31.39 -3.71 18.40
CA GLN A 472 -30.36 -3.14 19.27
C GLN A 472 -28.97 -3.74 18.99
N ILE A 473 -28.93 -4.97 18.45
CA ILE A 473 -27.67 -5.62 18.09
C ILE A 473 -27.20 -5.14 16.71
N ALA A 474 -28.16 -5.04 15.78
CA ALA A 474 -27.86 -4.63 14.41
C ALA A 474 -28.10 -3.15 14.13
N ARG A 475 -28.20 -2.32 15.15
CA ARG A 475 -28.46 -0.89 14.93
C ARG A 475 -27.38 -0.23 14.07
N LEU A 476 -26.12 -0.37 14.47
CA LEU A 476 -25.01 0.26 13.75
C LEU A 476 -24.79 -0.34 12.37
N ILE A 477 -25.05 -1.64 12.24
CA ILE A 477 -24.91 -2.34 10.96
C ILE A 477 -25.97 -1.85 9.98
N LEU A 478 -27.22 -1.82 10.42
CA LEU A 478 -28.33 -1.42 9.56
C LEU A 478 -28.23 0.00 9.02
N ARG A 479 -27.77 0.93 9.84
CA ARG A 479 -27.65 2.33 9.39
C ARG A 479 -26.64 2.45 8.26
N GLU A 480 -25.50 1.78 8.43
CA GLU A 480 -24.45 1.80 7.43
C GLU A 480 -25.01 1.26 6.12
N ILE A 481 -25.66 0.10 6.17
CA ILE A 481 -26.28 -0.49 4.98
C ILE A 481 -27.32 0.45 4.40
N ARG A 482 -28.12 1.05 5.27
CA ARG A 482 -29.16 1.98 4.85
C ARG A 482 -28.56 3.23 4.19
N ASP A 483 -27.42 3.70 4.69
CA ASP A 483 -26.76 4.89 4.12
C ASP A 483 -26.14 4.62 2.76
N ARG A 484 -25.42 3.51 2.62
CA ARG A 484 -24.78 3.17 1.33
C ARG A 484 -25.78 2.95 0.21
N LEU A 485 -26.90 2.28 0.52
CA LEU A 485 -27.93 2.07 -0.49
C LEU A 485 -28.40 3.44 -1.02
N GLY A 486 -28.63 4.36 -0.09
CA GLY A 486 -29.06 5.72 -0.41
C GLY A 486 -27.99 6.50 -1.17
N PHE A 487 -26.75 6.39 -0.72
CA PHE A 487 -25.64 7.03 -1.43
C PHE A 487 -25.65 6.58 -2.90
N LEU A 488 -25.80 5.27 -3.13
CA LEU A 488 -25.89 4.75 -4.51
C LEU A 488 -27.11 5.32 -5.26
N GLN A 489 -28.20 5.58 -4.54
CA GLN A 489 -29.41 6.16 -5.13
C GLN A 489 -29.13 7.60 -5.56
N ASN A 490 -28.40 8.34 -4.71
CA ASN A 490 -28.05 9.73 -4.99
C ASN A 490 -27.29 9.84 -6.29
N VAL A 491 -26.33 8.93 -6.44
CA VAL A 491 -25.46 8.90 -7.60
C VAL A 491 -26.19 8.44 -8.87
N GLY A 492 -27.37 7.87 -8.73
CA GLY A 492 -28.19 7.45 -9.86
C GLY A 492 -28.17 5.96 -10.14
N LEU A 493 -27.47 5.21 -9.28
CA LEU A 493 -27.32 3.76 -9.45
C LEU A 493 -28.40 2.92 -8.76
N ASP A 494 -29.55 3.53 -8.44
CA ASP A 494 -30.61 2.79 -7.73
C ASP A 494 -31.29 1.71 -8.56
N TYR A 495 -30.83 1.50 -9.79
CA TYR A 495 -31.42 0.49 -10.67
C TYR A 495 -30.68 -0.82 -10.71
N LEU A 496 -29.39 -0.79 -10.41
CA LEU A 496 -28.58 -2.01 -10.50
C LEU A 496 -28.61 -2.77 -9.18
N THR A 497 -28.49 -4.09 -9.28
CA THR A 497 -28.55 -4.97 -8.12
C THR A 497 -27.22 -5.04 -7.36
N LEU A 498 -27.25 -5.70 -6.20
CA LEU A 498 -26.05 -5.90 -5.39
C LEU A 498 -25.31 -7.14 -5.89
N SER A 499 -26.03 -8.01 -6.60
CA SER A 499 -25.46 -9.26 -7.13
C SER A 499 -24.76 -9.08 -8.47
N ARG A 500 -25.13 -8.03 -9.19
CA ARG A 500 -24.56 -7.67 -10.50
C ARG A 500 -23.04 -7.76 -10.52
N SER A 501 -22.49 -8.40 -11.55
CA SER A 501 -21.04 -8.56 -11.68
C SER A 501 -20.37 -7.21 -11.94
N ALA A 502 -19.27 -6.92 -11.23
CA ALA A 502 -18.59 -5.62 -11.36
C ALA A 502 -18.04 -5.35 -12.75
N GLY A 503 -17.54 -6.39 -13.42
CA GLY A 503 -16.98 -6.27 -14.76
C GLY A 503 -17.98 -5.92 -15.86
N THR A 504 -19.27 -6.08 -15.57
CA THR A 504 -20.33 -5.78 -16.53
C THR A 504 -20.82 -4.34 -16.45
N LEU A 505 -20.20 -3.51 -15.62
CA LEU A 505 -20.59 -2.11 -15.50
C LEU A 505 -19.96 -1.27 -16.60
N SER A 506 -20.57 -0.12 -16.88
CA SER A 506 -20.06 0.81 -17.87
C SER A 506 -18.95 1.61 -17.21
N GLY A 507 -18.46 2.63 -17.91
CA GLY A 507 -17.42 3.51 -17.37
C GLY A 507 -18.02 4.41 -16.31
N GLY A 508 -19.09 5.10 -16.69
CA GLY A 508 -19.79 6.01 -15.79
C GLY A 508 -20.27 5.34 -14.52
N GLU A 509 -20.89 4.17 -14.67
CA GLU A 509 -21.41 3.44 -13.54
C GLU A 509 -20.31 3.12 -12.52
N ALA A 510 -19.23 2.49 -12.98
CA ALA A 510 -18.10 2.10 -12.14
C ALA A 510 -17.55 3.31 -11.39
N GLN A 511 -17.40 4.38 -12.14
CA GLN A 511 -16.89 5.63 -11.60
C GLN A 511 -17.81 6.12 -10.48
N ARG A 512 -19.11 6.16 -10.74
CA ARG A 512 -20.09 6.62 -9.74
C ARG A 512 -20.21 5.68 -8.55
N ILE A 513 -19.99 4.37 -8.76
CA ILE A 513 -19.99 3.41 -7.64
C ILE A 513 -18.84 3.77 -6.70
N ARG A 514 -17.68 4.07 -7.29
CA ARG A 514 -16.53 4.48 -6.50
C ARG A 514 -16.82 5.77 -5.72
N LEU A 515 -17.54 6.72 -6.33
CA LEU A 515 -17.90 7.96 -5.66
C LEU A 515 -18.77 7.66 -4.45
N ALA A 516 -19.81 6.85 -4.65
CA ALA A 516 -20.73 6.50 -3.57
C ALA A 516 -20.02 5.78 -2.41
N THR A 517 -19.16 4.82 -2.75
CA THR A 517 -18.40 4.09 -1.73
C THR A 517 -17.54 5.05 -0.94
N GLN A 518 -16.98 6.03 -1.64
CA GLN A 518 -16.13 7.00 -1.03
C GLN A 518 -16.93 7.90 -0.07
N ILE A 519 -18.10 8.37 -0.52
CA ILE A 519 -18.99 9.19 0.32
C ILE A 519 -19.16 8.56 1.69
N GLY A 520 -19.32 7.24 1.71
CA GLY A 520 -19.51 6.48 2.94
C GLY A 520 -18.30 6.37 3.85
N SER A 521 -17.11 6.73 3.36
CA SER A 521 -15.90 6.66 4.18
C SER A 521 -15.88 7.72 5.26
N ARG A 522 -16.57 8.82 5.01
CA ARG A 522 -16.67 9.92 5.95
C ARG A 522 -15.30 10.47 6.33
N LEU A 523 -14.36 10.48 5.38
CA LEU A 523 -13.03 11.03 5.65
C LEU A 523 -13.10 12.55 5.66
N THR A 524 -12.13 13.16 6.34
CA THR A 524 -12.04 14.62 6.44
C THR A 524 -10.63 15.06 6.05
N GLY A 525 -10.48 16.28 5.56
CA GLY A 525 -9.18 16.78 5.14
C GLY A 525 -8.57 16.01 3.97
N VAL A 526 -9.44 15.49 3.12
CA VAL A 526 -9.01 14.74 1.95
C VAL A 526 -9.17 15.64 0.73
N LEU A 527 -8.35 15.39 -0.28
CA LEU A 527 -8.38 16.14 -1.53
C LEU A 527 -8.86 15.21 -2.63
N TYR A 528 -10.17 15.12 -2.79
CA TYR A 528 -10.76 14.27 -3.82
C TYR A 528 -10.62 14.92 -5.17
N VAL A 529 -10.23 14.15 -6.17
CA VAL A 529 -10.10 14.66 -7.53
C VAL A 529 -11.01 13.84 -8.43
N LEU A 530 -12.20 14.36 -8.72
CA LEU A 530 -13.13 13.65 -9.58
C LEU A 530 -12.92 13.95 -11.07
N ASP A 531 -13.10 12.92 -11.89
CA ASP A 531 -12.96 13.02 -13.33
C ASP A 531 -14.32 12.89 -14.00
N GLU A 532 -14.86 14.02 -14.43
CA GLU A 532 -16.12 14.09 -15.14
C GLU A 532 -17.15 13.10 -14.58
N PRO A 533 -17.56 13.30 -13.31
CA PRO A 533 -18.52 12.41 -12.67
C PRO A 533 -19.90 12.37 -13.32
N SER A 534 -20.23 13.38 -14.14
CA SER A 534 -21.52 13.43 -14.85
C SER A 534 -21.64 12.41 -15.99
N ILE A 535 -20.53 11.80 -16.39
CA ILE A 535 -20.51 10.78 -17.44
C ILE A 535 -21.60 9.75 -17.24
N GLY A 536 -22.35 9.46 -18.31
CA GLY A 536 -23.42 8.45 -18.27
C GLY A 536 -24.52 8.72 -17.27
N LEU A 537 -24.90 9.98 -17.14
CA LEU A 537 -25.90 10.40 -16.18
C LEU A 537 -26.81 11.41 -16.85
N HIS A 538 -28.11 11.09 -16.92
CA HIS A 538 -29.12 11.95 -17.54
C HIS A 538 -29.11 13.31 -16.87
N GLN A 539 -29.46 14.34 -17.62
CA GLN A 539 -29.42 15.71 -17.10
C GLN A 539 -30.31 15.89 -15.88
N ARG A 540 -31.40 15.13 -15.81
CA ARG A 540 -32.30 15.21 -14.68
C ARG A 540 -31.59 14.92 -13.37
N ASP A 541 -30.84 13.82 -13.33
CA ASP A 541 -30.16 13.39 -12.11
C ASP A 541 -28.86 14.14 -11.83
N ASN A 542 -28.73 15.35 -12.37
CA ASN A 542 -27.52 16.14 -12.20
C ASN A 542 -27.47 16.94 -10.90
N ASP A 543 -28.62 17.43 -10.44
CA ASP A 543 -28.67 18.19 -9.17
C ASP A 543 -28.34 17.34 -7.95
N ARG A 544 -28.63 16.05 -8.02
CA ARG A 544 -28.33 15.12 -6.91
C ARG A 544 -26.82 14.86 -6.89
N LEU A 545 -26.24 14.77 -8.08
CA LEU A 545 -24.80 14.60 -8.20
C LEU A 545 -24.14 15.86 -7.64
N ILE A 546 -24.57 17.03 -8.08
CA ILE A 546 -24.06 18.31 -7.55
C ILE A 546 -24.29 18.38 -6.04
N ALA A 547 -25.45 17.87 -5.60
CA ALA A 547 -25.81 17.87 -4.18
C ALA A 547 -24.90 16.99 -3.32
N THR A 548 -24.59 15.80 -3.80
CA THR A 548 -23.73 14.87 -3.04
C THR A 548 -22.27 15.30 -3.10
N LEU A 549 -21.81 15.81 -4.23
CA LEU A 549 -20.44 16.30 -4.31
C LEU A 549 -20.26 17.28 -3.17
N LYS A 550 -21.13 18.29 -3.13
CA LYS A 550 -21.09 19.33 -2.11
C LYS A 550 -21.12 18.79 -0.68
N SER A 551 -21.83 17.69 -0.47
CA SER A 551 -21.91 17.07 0.86
C SER A 551 -20.51 16.58 1.26
N MSE A 552 -19.89 15.82 0.37
CA MSE A 552 -18.53 15.34 0.55
C MSE A 552 -17.64 16.55 0.82
O MSE A 552 -16.74 16.49 1.65
CB MSE A 552 -18.09 14.61 -0.71
CG MSE A 552 -16.68 14.05 -0.72
SE MSE A 552 -16.30 13.20 -2.46
CE MSE A 552 -17.64 11.79 -2.42
N ARG A 553 -17.91 17.66 0.12
CA ARG A 553 -17.17 18.92 0.28
C ARG A 553 -17.44 19.48 1.67
N ASP A 554 -18.72 19.56 2.03
CA ASP A 554 -19.13 20.12 3.32
C ASP A 554 -18.85 19.18 4.51
N LEU A 555 -17.90 18.27 4.33
CA LEU A 555 -17.51 17.34 5.38
C LEU A 555 -16.04 17.60 5.72
N GLY A 556 -15.57 18.80 5.41
CA GLY A 556 -14.18 19.20 5.66
C GLY A 556 -13.20 18.70 4.61
N ASN A 557 -13.65 18.58 3.36
CA ASN A 557 -12.84 18.10 2.25
C ASN A 557 -12.84 19.05 1.08
N THR A 558 -11.78 18.99 0.27
CA THR A 558 -11.68 19.82 -0.92
C THR A 558 -11.84 18.94 -2.18
N LEU A 559 -12.67 19.39 -3.11
CA LEU A 559 -12.92 18.67 -4.35
C LEU A 559 -12.38 19.42 -5.55
N ILE A 560 -11.73 18.69 -6.46
CA ILE A 560 -11.20 19.23 -7.70
C ILE A 560 -11.84 18.41 -8.80
N VAL A 561 -12.89 18.95 -9.40
CA VAL A 561 -13.64 18.24 -10.44
C VAL A 561 -13.31 18.75 -11.84
N VAL A 562 -13.05 17.81 -12.74
CA VAL A 562 -12.79 18.13 -14.14
C VAL A 562 -14.09 17.89 -14.91
N GLU A 563 -14.82 18.97 -15.19
CA GLU A 563 -16.11 18.88 -15.90
C GLU A 563 -16.24 19.73 -17.16
N HIS A 564 -17.26 19.40 -17.93
CA HIS A 564 -17.63 20.10 -19.15
C HIS A 564 -19.11 20.50 -19.16
N ASP A 565 -19.81 20.16 -18.07
CA ASP A 565 -21.23 20.44 -17.93
C ASP A 565 -21.41 21.89 -17.46
N GLU A 566 -22.43 22.58 -17.95
CA GLU A 566 -22.69 23.97 -17.55
C GLU A 566 -23.06 24.04 -16.06
N ASP A 567 -24.16 23.37 -15.70
CA ASP A 567 -24.70 23.39 -14.34
C ASP A 567 -23.66 23.12 -13.25
N THR A 568 -22.80 22.12 -13.48
CA THR A 568 -21.76 21.77 -12.53
C THR A 568 -20.73 22.92 -12.41
N MSE A 569 -20.51 23.65 -13.50
CA MSE A 569 -19.62 24.82 -13.46
C MSE A 569 -20.33 25.97 -12.77
O MSE A 569 -19.74 26.73 -12.00
CB MSE A 569 -19.21 25.27 -14.85
CG MSE A 569 -18.34 24.27 -15.58
SE MSE A 569 -17.83 24.92 -17.35
CE MSE A 569 -16.62 26.33 -16.77
N LEU A 570 -21.63 26.09 -13.05
CA LEU A 570 -22.44 27.13 -12.45
C LEU A 570 -22.59 26.89 -10.96
N ALA A 571 -22.63 25.62 -10.55
CA ALA A 571 -22.76 25.25 -9.13
C ALA A 571 -21.43 25.24 -8.37
N ALA A 572 -20.32 25.31 -9.09
CA ALA A 572 -18.99 25.33 -8.51
C ALA A 572 -18.73 26.61 -7.72
N ASP A 573 -17.76 26.56 -6.82
CA ASP A 573 -17.37 27.74 -6.03
C ASP A 573 -16.27 28.46 -6.77
N TYR A 574 -15.21 27.73 -7.08
CA TYR A 574 -14.09 28.28 -7.81
C TYR A 574 -14.10 27.55 -9.15
N LEU A 575 -13.66 28.22 -10.21
CA LEU A 575 -13.70 27.65 -11.55
C LEU A 575 -12.49 28.09 -12.37
N ILE A 576 -11.61 27.15 -12.67
CA ILE A 576 -10.41 27.41 -13.44
C ILE A 576 -10.61 26.94 -14.86
N ASP A 577 -10.32 27.82 -15.81
CA ASP A 577 -10.41 27.50 -17.23
C ASP A 577 -8.97 27.33 -17.71
N ILE A 578 -8.60 26.12 -18.11
CA ILE A 578 -7.23 25.83 -18.53
C ILE A 578 -6.92 26.03 -20.01
N GLY A 579 -5.73 26.59 -20.22
CA GLY A 579 -5.08 26.87 -21.52
C GLY A 579 -5.95 27.13 -22.72
N PRO A 580 -5.60 28.15 -23.51
CA PRO A 580 -6.41 28.36 -24.68
C PRO A 580 -5.93 27.35 -25.69
N GLY A 581 -6.81 26.50 -26.19
CA GLY A 581 -6.40 25.50 -27.17
C GLY A 581 -5.76 24.27 -26.56
N ALA A 582 -5.58 23.23 -27.37
CA ALA A 582 -5.04 21.95 -26.91
C ALA A 582 -3.57 21.78 -27.22
N GLY A 583 -2.94 20.84 -26.51
CA GLY A 583 -1.54 20.50 -26.74
C GLY A 583 -0.58 21.63 -26.47
N ILE A 584 0.28 21.93 -27.43
CA ILE A 584 1.26 23.00 -27.28
C ILE A 584 0.57 24.36 -27.22
N HIS A 585 -0.66 24.42 -27.72
CA HIS A 585 -1.45 25.65 -27.67
C HIS A 585 -2.04 25.93 -26.28
N GLY A 586 -2.18 24.89 -25.46
CA GLY A 586 -2.72 25.04 -24.10
C GLY A 586 -1.65 25.04 -23.03
N GLY A 587 -2.00 24.54 -21.84
CA GLY A 587 -1.07 24.47 -20.71
C GLY A 587 -0.99 25.70 -19.83
N GLU A 588 -1.83 26.70 -20.10
CA GLU A 588 -1.84 27.94 -19.31
C GLU A 588 -3.15 28.07 -18.54
N VAL A 589 -3.22 29.06 -17.67
CA VAL A 589 -4.44 29.32 -16.91
C VAL A 589 -5.07 30.60 -17.49
N VAL A 590 -6.07 30.40 -18.35
CA VAL A 590 -6.75 31.50 -19.07
C VAL A 590 -7.54 32.44 -18.14
N ALA A 591 -8.43 31.87 -17.33
CA ALA A 591 -9.24 32.63 -16.39
C ALA A 591 -9.55 31.75 -15.18
N ALA A 592 -9.58 32.35 -14.00
CA ALA A 592 -9.85 31.62 -12.76
C ALA A 592 -10.48 32.50 -11.70
N GLY A 593 -11.68 32.14 -11.29
CA GLY A 593 -12.41 32.89 -10.26
C GLY A 593 -13.75 32.23 -9.99
N THR A 594 -14.78 33.02 -9.71
CA THR A 594 -16.11 32.45 -9.50
C THR A 594 -16.66 32.16 -10.90
N PRO A 595 -17.73 31.34 -11.00
CA PRO A 595 -18.27 31.14 -12.33
C PRO A 595 -18.96 32.40 -12.86
N GLU A 596 -19.04 33.44 -12.04
CA GLU A 596 -19.61 34.72 -12.45
C GLU A 596 -18.48 35.57 -13.05
N GLU A 597 -17.30 35.46 -12.45
CA GLU A 597 -16.10 36.19 -12.91
C GLU A 597 -15.55 35.61 -14.21
N VAL A 598 -15.52 34.28 -14.31
CA VAL A 598 -15.02 33.59 -15.50
C VAL A 598 -15.98 33.75 -16.67
N MSE A 599 -17.26 33.89 -16.33
CA MSE A 599 -18.32 34.07 -17.32
C MSE A 599 -18.21 35.46 -17.97
O MSE A 599 -18.49 35.62 -19.15
CB MSE A 599 -19.65 33.87 -16.63
CG MSE A 599 -20.87 33.82 -17.52
SE MSE A 599 -22.32 33.02 -16.47
CE MSE A 599 -22.45 34.28 -14.98
N ASN A 600 -17.79 36.44 -17.17
CA ASN A 600 -17.61 37.82 -17.64
C ASN A 600 -16.17 38.12 -18.04
N ASP A 601 -15.46 37.10 -18.54
CA ASP A 601 -14.08 37.27 -18.96
C ASP A 601 -13.98 36.93 -20.45
N PRO A 602 -13.86 37.95 -21.31
CA PRO A 602 -13.75 37.76 -22.76
C PRO A 602 -12.66 36.75 -23.18
N ASN A 603 -11.59 36.63 -22.39
CA ASN A 603 -10.50 35.68 -22.71
C ASN A 603 -10.82 34.21 -22.45
N SER A 604 -11.77 33.94 -21.55
CA SER A 604 -12.14 32.55 -21.27
C SER A 604 -13.03 32.02 -22.38
N LEU A 605 -12.53 31.02 -23.08
CA LEU A 605 -13.28 30.39 -24.16
C LEU A 605 -14.50 29.68 -23.56
N THR A 606 -14.40 29.27 -22.30
CA THR A 606 -15.53 28.61 -21.60
C THR A 606 -16.59 29.63 -21.22
N GLY A 607 -16.16 30.78 -20.69
CA GLY A 607 -17.07 31.85 -20.30
C GLY A 607 -17.96 32.31 -21.46
N GLN A 608 -17.40 32.29 -22.66
CA GLN A 608 -18.15 32.67 -23.86
C GLN A 608 -19.34 31.75 -24.14
N TYR A 609 -19.25 30.49 -23.71
CA TYR A 609 -20.35 29.54 -23.86
C TYR A 609 -21.33 29.63 -22.68
N LEU A 610 -20.82 29.98 -21.50
CA LEU A 610 -21.68 30.13 -20.32
C LEU A 610 -22.46 31.43 -20.42
N SER A 611 -21.80 32.50 -20.83
CA SER A 611 -22.45 33.81 -21.01
C SER A 611 -23.44 33.72 -22.17
N GLY A 612 -23.09 32.92 -23.17
CA GLY A 612 -23.94 32.71 -24.33
C GLY A 612 -23.48 33.43 -25.58
N LYS A 613 -22.28 34.00 -25.57
CA LYS A 613 -21.74 34.69 -26.75
C LYS A 613 -21.57 33.68 -27.87
N LYS A 614 -20.93 32.57 -27.54
CA LYS A 614 -20.77 31.48 -28.49
C LYS A 614 -21.57 30.29 -27.96
N PHE A 615 -22.08 29.48 -28.89
CA PHE A 615 -22.93 28.34 -28.56
C PHE A 615 -23.09 27.44 -29.79
N ILE A 616 -23.64 26.25 -29.58
CA ILE A 616 -23.86 25.33 -30.69
C ILE A 616 -25.24 25.63 -31.25
N PRO A 617 -25.30 26.10 -32.52
CA PRO A 617 -26.59 26.45 -33.12
C PRO A 617 -27.46 25.25 -33.48
N ILE A 618 -28.77 25.43 -33.39
CA ILE A 618 -29.73 24.41 -33.76
C ILE A 618 -29.88 24.49 -35.28
N PRO A 619 -29.97 23.32 -35.96
CA PRO A 619 -30.13 23.33 -37.42
C PRO A 619 -31.39 24.07 -37.88
N ALA A 620 -31.32 24.64 -39.08
CA ALA A 620 -32.46 25.35 -39.67
C ALA A 620 -33.61 24.38 -39.87
N GLU A 621 -33.29 23.24 -40.49
CA GLU A 621 -34.27 22.19 -40.77
C GLU A 621 -33.64 20.85 -40.41
N ARG A 622 -34.48 19.88 -40.08
CA ARG A 622 -34.02 18.54 -39.70
C ARG A 622 -34.28 17.54 -40.80
N ARG A 623 -33.35 16.60 -40.97
CA ARG A 623 -33.46 15.58 -42.00
C ARG A 623 -34.68 14.71 -41.77
N ARG A 624 -35.65 14.85 -42.66
CA ARG A 624 -36.88 14.09 -42.59
C ARG A 624 -36.56 12.67 -43.06
N PRO A 625 -37.01 11.65 -42.30
CA PRO A 625 -36.69 10.29 -42.72
C PRO A 625 -37.30 9.94 -44.07
N ASP A 626 -36.55 9.18 -44.89
CA ASP A 626 -37.04 8.74 -46.20
C ASP A 626 -37.87 7.46 -46.00
N GLY A 627 -37.88 6.54 -46.95
CA GLY A 627 -38.66 5.30 -46.80
C GLY A 627 -37.92 4.15 -46.13
N ARG A 628 -36.70 4.40 -45.67
CA ARG A 628 -35.84 3.37 -45.12
C ARG A 628 -35.89 3.37 -43.59
N TRP A 629 -36.32 2.26 -42.99
CA TRP A 629 -36.42 2.16 -41.54
C TRP A 629 -36.00 0.79 -41.02
N LEU A 630 -35.22 0.79 -39.94
CA LEU A 630 -34.88 -0.45 -39.25
C LEU A 630 -36.02 -0.66 -38.29
N GLU A 631 -36.48 -1.90 -38.11
CA GLU A 631 -37.60 -2.15 -37.24
C GLU A 631 -37.30 -3.23 -36.21
N VAL A 632 -36.94 -2.82 -34.99
CA VAL A 632 -36.70 -3.77 -33.91
C VAL A 632 -38.07 -4.18 -33.36
N VAL A 633 -38.33 -5.49 -33.33
CA VAL A 633 -39.63 -5.99 -32.89
C VAL A 633 -39.55 -6.87 -31.66
N GLY A 634 -40.48 -6.65 -30.74
CA GLY A 634 -40.58 -7.42 -29.51
C GLY A 634 -39.29 -7.64 -28.74
N ALA A 635 -38.52 -6.57 -28.56
CA ALA A 635 -37.29 -6.65 -27.78
C ALA A 635 -37.69 -6.75 -26.31
N ARG A 636 -37.17 -7.75 -25.61
CA ARG A 636 -37.52 -7.97 -24.21
C ARG A 636 -36.30 -8.28 -23.32
N GLU A 637 -35.09 -8.00 -23.82
CA GLU A 637 -33.86 -8.41 -23.13
C GLU A 637 -33.82 -8.22 -21.62
N HIS A 638 -33.24 -7.14 -21.10
CA HIS A 638 -33.18 -6.97 -19.65
C HIS A 638 -34.50 -6.43 -19.13
N ASN A 639 -34.63 -5.12 -18.99
CA ASN A 639 -35.87 -4.52 -18.51
C ASN A 639 -36.76 -4.04 -19.64
N LEU A 640 -36.41 -4.35 -20.90
CA LEU A 640 -37.21 -3.92 -22.04
C LEU A 640 -38.57 -4.64 -21.99
N LYS A 641 -39.66 -3.89 -22.21
CA LYS A 641 -41.04 -4.43 -22.14
C LYS A 641 -41.67 -4.63 -23.52
N ASN A 642 -41.34 -5.77 -24.13
CA ASN A 642 -41.83 -6.15 -25.45
C ASN A 642 -41.82 -4.95 -26.40
N VAL A 643 -40.73 -4.19 -26.33
CA VAL A 643 -40.58 -2.97 -27.09
C VAL A 643 -40.46 -3.22 -28.58
N SER A 644 -41.01 -2.29 -29.36
CA SER A 644 -40.93 -2.31 -30.81
C SER A 644 -40.62 -0.87 -31.24
N VAL A 645 -39.53 -0.68 -31.97
CA VAL A 645 -39.08 0.67 -32.37
C VAL A 645 -38.59 0.70 -33.83
N LYS A 646 -38.79 1.86 -34.46
CA LYS A 646 -38.43 2.08 -35.83
C LYS A 646 -37.26 3.05 -35.83
N ILE A 647 -36.13 2.64 -36.37
CA ILE A 647 -34.96 3.50 -36.47
C ILE A 647 -34.86 3.99 -37.91
N PRO A 648 -34.89 5.31 -38.10
CA PRO A 648 -34.83 5.89 -39.44
C PRO A 648 -33.42 5.93 -39.98
N LEU A 649 -33.22 5.49 -41.22
CA LEU A 649 -31.90 5.47 -41.81
C LEU A 649 -31.64 6.76 -42.57
N GLY A 650 -30.37 7.02 -42.88
CA GLY A 650 -29.98 8.24 -43.60
C GLY A 650 -30.20 9.51 -42.81
N THR A 651 -30.03 9.39 -41.50
CA THR A 651 -30.25 10.49 -40.59
C THR A 651 -29.51 10.30 -39.27
N PHE A 652 -29.29 11.40 -38.56
CA PHE A 652 -28.62 11.40 -37.26
C PHE A 652 -29.63 11.07 -36.17
N VAL A 653 -29.52 9.88 -35.58
CA VAL A 653 -30.45 9.43 -34.53
C VAL A 653 -29.77 9.47 -33.16
N ALA A 654 -30.53 9.92 -32.15
CA ALA A 654 -30.04 9.96 -30.78
C ALA A 654 -30.95 9.12 -29.90
N VAL A 655 -30.44 8.00 -29.38
CA VAL A 655 -31.20 7.14 -28.48
C VAL A 655 -30.98 7.68 -27.07
N THR A 656 -31.98 8.40 -26.57
CA THR A 656 -31.90 9.06 -25.28
C THR A 656 -32.71 8.37 -24.18
N GLY A 657 -32.53 8.80 -22.94
CA GLY A 657 -33.24 8.25 -21.79
C GLY A 657 -32.43 8.27 -20.51
N VAL A 658 -33.11 8.16 -19.36
CA VAL A 658 -32.42 8.16 -18.08
C VAL A 658 -31.61 6.89 -17.96
N SER A 659 -30.56 6.94 -17.14
CA SER A 659 -29.70 5.77 -16.94
C SER A 659 -30.52 4.65 -16.31
N GLY A 660 -30.43 3.46 -16.88
CA GLY A 660 -31.19 2.30 -16.42
C GLY A 660 -32.42 2.04 -17.28
N SER A 661 -32.74 2.96 -18.18
CA SER A 661 -33.91 2.84 -19.05
C SER A 661 -33.83 1.70 -20.05
N GLY A 662 -32.61 1.20 -20.30
CA GLY A 662 -32.37 0.09 -21.25
C GLY A 662 -31.79 0.48 -22.61
N LYS A 663 -31.13 1.62 -22.68
CA LYS A 663 -30.54 2.14 -23.93
C LYS A 663 -29.42 1.25 -24.47
N SER A 664 -28.48 0.86 -23.60
CA SER A 664 -27.39 -0.03 -23.99
C SER A 664 -28.04 -1.29 -24.55
N THR A 665 -28.88 -1.90 -23.70
CA THR A 665 -29.57 -3.13 -24.02
C THR A 665 -30.19 -3.07 -25.42
N LEU A 666 -31.00 -2.06 -25.66
CA LEU A 666 -31.67 -1.92 -26.95
C LEU A 666 -30.68 -1.65 -28.09
N VAL A 667 -29.80 -0.67 -27.90
CA VAL A 667 -28.85 -0.25 -28.94
C VAL A 667 -27.70 -1.22 -29.26
N ASN A 668 -27.04 -1.77 -28.22
CA ASN A 668 -25.90 -2.66 -28.45
C ASN A 668 -26.19 -4.14 -28.24
N GLU A 669 -26.87 -4.46 -27.14
CA GLU A 669 -27.13 -5.85 -26.76
C GLU A 669 -28.15 -6.54 -27.69
N VAL A 670 -29.07 -5.77 -28.26
CA VAL A 670 -30.09 -6.31 -29.19
C VAL A 670 -29.81 -5.91 -30.63
N LEU A 671 -29.89 -4.62 -30.93
CA LEU A 671 -29.71 -4.12 -32.29
C LEU A 671 -28.35 -4.45 -32.93
N TYR A 672 -27.26 -3.99 -32.33
CA TYR A 672 -25.92 -4.23 -32.91
C TYR A 672 -25.55 -5.71 -33.11
N LYS A 673 -25.82 -6.54 -32.11
CA LYS A 673 -25.48 -7.95 -32.19
C LYS A 673 -26.33 -8.69 -33.22
N ALA A 674 -27.56 -8.24 -33.41
CA ALA A 674 -28.44 -8.84 -34.41
C ALA A 674 -27.97 -8.49 -35.81
N LEU A 675 -27.74 -7.20 -36.05
CA LEU A 675 -27.25 -6.73 -37.34
C LEU A 675 -25.87 -7.30 -37.63
N ALA A 676 -25.04 -7.41 -36.60
CA ALA A 676 -23.68 -7.94 -36.74
C ALA A 676 -23.67 -9.41 -37.17
N GLN A 677 -24.58 -10.23 -36.64
CA GLN A 677 -24.61 -11.66 -36.99
C GLN A 677 -25.11 -11.87 -38.42
N LYS A 678 -26.00 -10.98 -38.87
CA LYS A 678 -26.56 -11.08 -40.21
C LYS A 678 -25.60 -10.50 -41.26
N LEU A 679 -25.12 -9.30 -41.01
CA LEU A 679 -24.25 -8.62 -41.97
C LEU A 679 -22.81 -9.12 -42.03
N HIS A 680 -22.24 -9.53 -40.90
CA HIS A 680 -20.83 -9.98 -40.88
C HIS A 680 -20.61 -11.33 -40.24
N ARG A 681 -21.67 -12.12 -40.07
CA ARG A 681 -21.55 -13.44 -39.47
C ARG A 681 -20.83 -13.35 -38.11
N ALA A 682 -21.10 -12.27 -37.38
CA ALA A 682 -20.57 -12.07 -36.03
C ALA A 682 -21.07 -13.23 -35.19
N LYS A 683 -20.33 -13.58 -34.14
CA LYS A 683 -20.69 -14.77 -33.37
C LYS A 683 -21.48 -14.45 -32.09
N ALA A 684 -21.43 -13.19 -31.65
CA ALA A 684 -22.13 -12.75 -30.44
C ALA A 684 -23.62 -13.10 -30.44
N LYS A 685 -24.11 -13.60 -29.31
CA LYS A 685 -25.53 -13.96 -29.15
C LYS A 685 -26.32 -12.69 -28.87
N PRO A 686 -27.22 -12.30 -29.80
CA PRO A 686 -27.98 -11.06 -29.58
C PRO A 686 -28.93 -11.16 -28.40
N GLY A 687 -29.42 -10.02 -27.93
CA GLY A 687 -30.36 -9.99 -26.80
C GLY A 687 -31.71 -10.52 -27.24
N GLU A 688 -32.53 -10.94 -26.28
CA GLU A 688 -33.86 -11.47 -26.57
C GLU A 688 -34.69 -10.47 -27.36
N HIS A 689 -35.06 -10.85 -28.57
CA HIS A 689 -35.87 -10.00 -29.43
C HIS A 689 -36.64 -10.88 -30.41
N ARG A 690 -37.72 -10.34 -30.97
CA ARG A 690 -38.53 -11.09 -31.91
C ARG A 690 -37.92 -11.08 -33.31
N ASP A 691 -37.75 -9.89 -33.88
CA ASP A 691 -37.17 -9.79 -35.24
C ASP A 691 -36.68 -8.36 -35.53
N ILE A 692 -35.95 -8.20 -36.63
CA ILE A 692 -35.43 -6.90 -37.09
C ILE A 692 -35.51 -6.80 -38.62
N ARG A 693 -36.38 -5.93 -39.13
CA ARG A 693 -36.57 -5.74 -40.57
C ARG A 693 -35.77 -4.54 -41.05
N GLY A 694 -35.75 -4.34 -42.37
CA GLY A 694 -35.00 -3.25 -42.98
C GLY A 694 -33.52 -3.58 -43.02
N LEU A 695 -33.21 -4.87 -42.89
CA LEU A 695 -31.84 -5.35 -42.88
C LEU A 695 -31.23 -5.34 -44.29
N GLU A 696 -32.08 -5.18 -45.31
CA GLU A 696 -31.63 -5.07 -46.69
C GLU A 696 -31.25 -3.62 -47.04
N HIS A 697 -31.50 -2.68 -46.12
CA HIS A 697 -31.17 -1.28 -46.34
C HIS A 697 -29.74 -0.88 -45.96
N LEU A 698 -28.93 -1.84 -45.50
CA LEU A 698 -27.54 -1.55 -45.16
C LEU A 698 -26.64 -2.78 -45.25
N ASP A 699 -25.38 -2.55 -45.58
CA ASP A 699 -24.40 -3.60 -45.78
C ASP A 699 -23.50 -3.85 -44.60
N LYS A 700 -23.21 -2.80 -43.83
CA LYS A 700 -22.30 -2.92 -42.69
C LYS A 700 -22.69 -2.06 -41.49
N VAL A 701 -22.32 -2.52 -40.31
CA VAL A 701 -22.59 -1.86 -39.05
C VAL A 701 -21.29 -1.77 -38.29
N ILE A 702 -20.78 -0.55 -38.15
CA ILE A 702 -19.55 -0.32 -37.43
C ILE A 702 -19.96 0.22 -36.07
N ASP A 703 -19.50 -0.45 -35.01
CA ASP A 703 -19.77 0.01 -33.65
C ASP A 703 -18.49 0.67 -33.17
N ILE A 704 -18.51 1.99 -33.05
CA ILE A 704 -17.34 2.70 -32.57
C ILE A 704 -17.42 2.72 -31.05
N ASP A 705 -16.92 1.62 -30.50
CA ASP A 705 -16.85 1.34 -29.09
C ASP A 705 -15.95 2.35 -28.38
N GLN A 706 -16.09 2.42 -27.06
CA GLN A 706 -15.27 3.29 -26.23
C GLN A 706 -14.17 2.45 -25.55
N SER A 707 -14.01 1.20 -25.98
CA SER A 707 -13.03 0.28 -25.42
C SER A 707 -11.63 0.65 -25.89
N PRO A 708 -10.59 0.11 -25.24
CA PRO A 708 -9.22 0.44 -25.62
C PRO A 708 -8.81 -0.05 -26.99
N ILE A 709 -7.79 0.60 -27.53
CA ILE A 709 -7.23 0.30 -28.85
C ILE A 709 -6.25 -0.87 -28.78
N GLY A 710 -5.58 -0.97 -27.64
CA GLY A 710 -4.63 -2.03 -27.41
C GLY A 710 -4.45 -2.22 -25.92
N ARG A 711 -3.91 -3.37 -25.55
CA ARG A 711 -3.71 -3.71 -24.15
C ARG A 711 -2.23 -3.65 -23.78
N THR A 712 -1.39 -3.33 -24.76
CA THR A 712 0.06 -3.24 -24.58
C THR A 712 0.55 -1.88 -25.05
N PRO A 713 1.76 -1.48 -24.63
CA PRO A 713 2.33 -0.23 -25.17
C PRO A 713 2.73 -0.35 -26.65
N ARG A 714 2.65 -1.57 -27.19
CA ARG A 714 3.01 -1.86 -28.59
C ARG A 714 2.05 -1.20 -29.57
N SER A 715 0.85 -0.87 -29.07
CA SER A 715 -0.18 -0.24 -29.87
C SER A 715 -0.23 1.24 -29.50
N ASN A 716 -0.54 2.06 -30.49
CA ASN A 716 -0.63 3.51 -30.33
C ASN A 716 -1.28 4.08 -31.58
N PRO A 717 -1.84 5.30 -31.50
CA PRO A 717 -2.48 5.89 -32.68
C PRO A 717 -1.82 5.48 -34.00
N ALA A 718 -0.50 5.68 -34.11
CA ALA A 718 0.26 5.37 -35.31
C ALA A 718 -0.01 3.96 -35.82
N THR A 719 0.08 2.99 -34.90
CA THR A 719 -0.15 1.58 -35.23
C THR A 719 -1.57 1.32 -35.70
N TYR A 720 -2.53 1.53 -34.82
CA TYR A 720 -3.94 1.25 -35.11
C TYR A 720 -4.40 1.78 -36.48
N THR A 721 -4.11 3.05 -36.76
CA THR A 721 -4.50 3.65 -38.04
C THR A 721 -3.72 3.02 -39.18
N GLY A 722 -2.52 2.51 -38.89
CA GLY A 722 -1.68 1.86 -39.89
C GLY A 722 -0.62 2.78 -40.47
N VAL A 723 -0.62 4.04 -40.01
CA VAL A 723 0.33 5.05 -40.50
C VAL A 723 1.77 4.65 -40.18
N PHE A 724 1.95 3.96 -39.07
CA PHE A 724 3.28 3.53 -38.64
C PHE A 724 3.87 2.48 -39.56
N ASP A 725 3.03 1.81 -40.35
CA ASP A 725 3.48 0.82 -41.31
C ASP A 725 4.16 1.59 -42.46
N ASP A 726 3.47 2.65 -42.92
CA ASP A 726 3.95 3.51 -44.00
C ASP A 726 5.15 4.34 -43.54
N ILE A 727 5.15 4.71 -42.28
CA ILE A 727 6.20 5.56 -41.70
C ILE A 727 7.55 4.85 -41.61
N ARG A 728 7.55 3.53 -41.71
CA ARG A 728 8.81 2.77 -41.71
C ARG A 728 9.32 2.57 -43.14
N ASP A 729 8.43 2.68 -44.12
CA ASP A 729 8.80 2.55 -45.54
C ASP A 729 9.65 3.74 -45.98
N VAL A 730 9.43 4.92 -45.38
CA VAL A 730 10.22 6.10 -45.73
C VAL A 730 11.64 5.96 -45.14
N PHE A 731 11.71 5.47 -43.90
CA PHE A 731 12.99 5.24 -43.24
C PHE A 731 13.76 4.10 -43.91
N ALA A 732 13.03 3.06 -44.34
CA ALA A 732 13.63 1.92 -45.04
C ALA A 732 14.13 2.31 -46.43
N SER A 733 13.58 3.39 -46.97
CA SER A 733 13.94 3.89 -48.30
C SER A 733 14.88 5.11 -48.24
N THR A 734 15.38 5.44 -47.05
CA THR A 734 16.27 6.58 -46.88
C THR A 734 17.71 6.23 -47.30
N ASN A 735 18.52 7.22 -47.65
CA ASN A 735 19.90 6.99 -48.09
C ASN A 735 20.76 6.17 -47.13
N GLU A 736 20.69 6.50 -45.84
CA GLU A 736 21.48 5.77 -44.83
C GLU A 736 21.00 4.31 -44.68
N ALA A 737 19.70 4.10 -44.78
CA ALA A 737 19.12 2.75 -44.67
C ALA A 737 19.56 1.86 -45.85
N LYS A 738 19.64 2.45 -47.04
CA LYS A 738 20.04 1.71 -48.24
C LYS A 738 21.41 1.07 -48.02
N VAL A 739 22.42 1.89 -47.71
CA VAL A 739 23.80 1.43 -47.50
C VAL A 739 23.98 0.53 -46.27
N ARG A 740 23.11 0.71 -45.28
CA ARG A 740 23.13 -0.12 -44.07
C ARG A 740 22.25 -1.37 -44.19
N GLY A 741 21.63 -1.55 -45.36
CA GLY A 741 20.78 -2.71 -45.60
C GLY A 741 19.50 -2.78 -44.78
N TYR A 742 19.12 -1.69 -44.12
CA TYR A 742 17.89 -1.67 -43.32
C TYR A 742 16.67 -1.68 -44.22
N LYS A 743 15.60 -2.31 -43.75
CA LYS A 743 14.34 -2.38 -44.48
C LYS A 743 13.19 -2.08 -43.52
N LYS A 744 11.94 -2.24 -43.95
CA LYS A 744 10.78 -1.96 -43.08
C LYS A 744 10.62 -2.99 -41.94
N GLY A 745 11.74 -3.33 -41.31
CA GLY A 745 11.80 -4.29 -40.21
C GLY A 745 12.77 -3.86 -39.12
N ARG A 746 13.89 -3.26 -39.52
CA ARG A 746 14.87 -2.73 -38.58
C ARG A 746 14.20 -1.63 -37.77
N PHE A 747 13.30 -0.91 -38.45
CA PHE A 747 12.54 0.18 -37.84
C PHE A 747 11.24 -0.32 -37.21
N SER A 748 11.02 -1.63 -37.21
CA SER A 748 9.81 -2.18 -36.61
C SER A 748 9.91 -2.14 -35.10
N PHE A 749 8.87 -1.57 -34.52
CA PHE A 749 8.74 -1.43 -33.10
C PHE A 749 8.82 -2.80 -32.37
N ASN A 750 8.27 -3.84 -33.00
CA ASN A 750 8.15 -5.18 -32.40
C ASN A 750 9.15 -6.28 -32.83
N VAL A 751 10.02 -5.98 -33.80
CA VAL A 751 11.00 -6.97 -34.29
C VAL A 751 12.39 -6.71 -33.68
N LYS A 752 13.01 -7.77 -33.15
CA LYS A 752 14.33 -7.68 -32.53
C LYS A 752 15.36 -6.87 -33.32
N GLY A 753 15.33 -7.00 -34.64
CA GLY A 753 16.25 -6.28 -35.53
C GLY A 753 16.89 -5.01 -34.98
N GLY A 754 16.07 -3.98 -34.74
CA GLY A 754 16.58 -2.68 -34.26
C GLY A 754 15.94 -2.07 -33.02
N ARG A 755 15.07 -2.82 -32.35
CA ARG A 755 14.43 -2.32 -31.13
C ARG A 755 15.34 -2.49 -29.93
N CYS A 756 15.06 -1.74 -28.87
CA CYS A 756 15.84 -1.81 -27.63
C CYS A 756 15.65 -3.17 -26.99
N GLU A 757 16.72 -3.95 -26.93
CA GLU A 757 16.68 -5.29 -26.32
C GLU A 757 16.43 -5.30 -24.81
N ALA A 758 16.66 -4.16 -24.15
CA ALA A 758 16.44 -4.04 -22.71
C ALA A 758 14.95 -4.14 -22.36
N CYS A 759 14.11 -3.40 -23.08
CA CYS A 759 12.66 -3.40 -22.85
C CYS A 759 11.88 -4.23 -23.89
N HIS A 760 12.61 -4.90 -24.77
CA HIS A 760 12.05 -5.70 -25.86
C HIS A 760 11.09 -4.90 -26.74
N GLY A 761 11.43 -3.63 -26.98
CA GLY A 761 10.65 -2.75 -27.82
C GLY A 761 9.50 -2.02 -27.15
N ASP A 762 9.30 -2.23 -25.84
CA ASP A 762 8.21 -1.55 -25.12
C ASP A 762 8.52 -0.06 -24.93
N GLY A 763 9.77 0.22 -24.54
CA GLY A 763 10.23 1.59 -24.29
C GLY A 763 10.06 1.95 -22.83
N ILE A 764 8.97 1.47 -22.24
CA ILE A 764 8.66 1.73 -20.85
C ILE A 764 8.56 0.39 -20.13
N ILE A 765 9.22 0.28 -18.99
CA ILE A 765 9.13 -0.91 -18.16
C ILE A 765 7.90 -0.76 -17.26
N LYS A 766 7.22 -1.87 -16.93
CA LYS A 766 6.07 -1.82 -16.01
C LYS A 766 6.54 -2.27 -14.63
N ILE A 767 6.44 -1.38 -13.65
CA ILE A 767 6.88 -1.66 -12.28
C ILE A 767 5.68 -2.24 -11.51
N GLU A 768 5.97 -3.11 -10.54
CA GLU A 768 4.91 -3.80 -9.80
C GLU A 768 4.53 -3.17 -8.45
N MSE A 769 3.44 -2.40 -8.46
CA MSE A 769 2.92 -1.77 -7.27
C MSE A 769 1.86 -2.73 -6.76
O MSE A 769 0.94 -3.10 -7.50
CB MSE A 769 2.30 -0.41 -7.60
CG MSE A 769 3.20 0.50 -8.43
SE MSE A 769 4.87 1.01 -7.53
CE MSE A 769 4.08 2.23 -6.23
N HIS A 770 1.98 -3.16 -5.51
CA HIS A 770 1.10 -4.17 -4.94
C HIS A 770 -0.32 -3.68 -4.69
N PHE A 771 -0.50 -2.75 -3.77
CA PHE A 771 -1.82 -2.22 -3.45
C PHE A 771 -2.16 -1.02 -4.32
N LEU A 772 -1.14 -0.33 -4.78
CA LEU A 772 -1.34 0.81 -5.68
C LEU A 772 -1.47 0.23 -7.08
N PRO A 773 -2.08 1.01 -8.01
CA PRO A 773 -2.12 0.54 -9.40
C PRO A 773 -0.69 0.56 -9.98
N ASP A 774 -0.41 -0.31 -10.94
CA ASP A 774 0.93 -0.39 -11.53
C ASP A 774 1.35 0.89 -12.25
N VAL A 775 2.65 1.19 -12.22
CA VAL A 775 3.22 2.40 -12.85
C VAL A 775 4.13 2.01 -14.02
N TYR A 776 4.24 2.92 -14.97
CA TYR A 776 5.11 2.73 -16.14
C TYR A 776 6.38 3.59 -16.03
N VAL A 777 7.53 2.93 -15.88
CA VAL A 777 8.82 3.60 -15.75
C VAL A 777 9.59 3.54 -17.08
N PRO A 778 10.01 4.69 -17.61
CA PRO A 778 10.80 4.67 -18.85
C PRO A 778 12.01 3.76 -18.77
N CYS A 779 12.24 2.95 -19.81
CA CYS A 779 13.39 2.07 -19.85
C CYS A 779 14.63 2.91 -19.64
N GLU A 780 15.42 2.57 -18.62
CA GLU A 780 16.66 3.30 -18.34
C GLU A 780 17.80 3.13 -19.37
N VAL A 781 17.66 2.16 -20.28
CA VAL A 781 18.69 1.89 -21.31
C VAL A 781 18.47 2.68 -22.62
N CYS A 782 17.23 2.81 -23.06
CA CYS A 782 16.93 3.59 -24.25
C CYS A 782 16.29 4.93 -23.91
N HIS A 783 16.20 5.24 -22.60
CA HIS A 783 15.59 6.49 -22.12
C HIS A 783 14.19 6.72 -22.73
N GLY A 784 13.47 5.63 -22.95
CA GLY A 784 12.13 5.69 -23.52
C GLY A 784 12.05 5.85 -25.04
N LYS A 785 13.20 5.98 -25.71
CA LYS A 785 13.23 6.17 -27.16
C LYS A 785 12.62 4.99 -27.93
N ARG A 786 12.75 3.78 -27.37
CA ARG A 786 12.18 2.54 -27.95
C ARG A 786 13.13 1.76 -28.87
N TYR A 787 14.09 2.46 -29.50
CA TYR A 787 15.05 1.83 -30.41
C TYR A 787 16.47 1.94 -29.88
N ASN A 788 17.38 1.10 -30.38
CA ASN A 788 18.76 1.14 -29.94
C ASN A 788 19.51 2.31 -30.56
N ARG A 789 20.76 2.51 -30.16
CA ARG A 789 21.57 3.64 -30.62
C ARG A 789 21.76 3.68 -32.15
N GLU A 790 22.10 2.54 -32.73
CA GLU A 790 22.36 2.46 -34.18
C GLU A 790 21.13 2.66 -35.06
N THR A 791 19.97 2.21 -34.62
CA THR A 791 18.74 2.33 -35.41
C THR A 791 18.28 3.77 -35.56
N LEU A 792 18.37 4.53 -34.47
CA LEU A 792 17.95 5.92 -34.51
C LEU A 792 19.01 6.87 -35.09
N GLU A 793 20.15 6.33 -35.55
CA GLU A 793 21.15 7.17 -36.23
C GLU A 793 20.65 7.53 -37.61
N VAL A 794 19.75 6.72 -38.16
CA VAL A 794 19.13 7.00 -39.45
C VAL A 794 18.16 8.16 -39.24
N THR A 795 18.24 9.15 -40.12
CA THR A 795 17.42 10.36 -40.02
C THR A 795 16.59 10.60 -41.27
N TYR A 796 15.49 11.32 -41.09
CA TYR A 796 14.60 11.71 -42.17
C TYR A 796 14.21 13.16 -41.89
N LYS A 797 14.69 14.07 -42.74
CA LYS A 797 14.45 15.50 -42.56
C LYS A 797 14.86 15.95 -41.14
N GLY A 798 16.09 15.58 -40.76
CA GLY A 798 16.66 15.95 -39.47
C GLY A 798 16.00 15.36 -38.23
N LYS A 799 15.19 14.32 -38.39
CA LYS A 799 14.51 13.66 -37.28
C LYS A 799 14.45 12.15 -37.50
N ASN A 800 14.83 11.39 -36.47
CA ASN A 800 14.83 9.93 -36.56
C ASN A 800 13.45 9.36 -36.24
N ILE A 801 13.33 8.03 -36.23
CA ILE A 801 12.04 7.38 -35.99
C ILE A 801 11.50 7.62 -34.58
N ALA A 802 12.38 7.65 -33.57
CA ALA A 802 11.95 7.91 -32.20
C ALA A 802 11.38 9.32 -32.09
N GLU A 803 12.02 10.25 -32.78
CA GLU A 803 11.59 11.64 -32.78
C GLU A 803 10.27 11.82 -33.55
N VAL A 804 10.11 11.09 -34.66
CA VAL A 804 8.86 11.14 -35.44
C VAL A 804 7.72 10.45 -34.69
N LEU A 805 8.07 9.46 -33.89
CA LEU A 805 7.10 8.72 -33.10
C LEU A 805 6.65 9.58 -31.93
N ASP A 806 7.48 10.56 -31.57
CA ASP A 806 7.22 11.49 -30.49
C ASP A 806 6.49 12.77 -30.93
N MSE A 807 6.27 12.92 -32.24
CA MSE A 807 5.60 14.11 -32.77
C MSE A 807 4.09 14.10 -32.55
O MSE A 807 3.48 13.04 -32.47
CB MSE A 807 5.85 14.27 -34.26
CG MSE A 807 7.30 14.41 -34.61
SE MSE A 807 7.57 14.67 -36.52
CE MSE A 807 6.86 16.49 -36.64
N THR A 808 3.51 15.29 -32.48
CA THR A 808 2.07 15.43 -32.32
C THR A 808 1.42 15.23 -33.69
N VAL A 809 0.21 14.68 -33.71
CA VAL A 809 -0.52 14.45 -34.97
C VAL A 809 -0.58 15.72 -35.82
N GLU A 810 -0.65 16.88 -35.16
CA GLU A 810 -0.69 18.16 -35.86
C GLU A 810 0.67 18.48 -36.47
N ASP A 811 1.73 18.33 -35.68
CA ASP A 811 3.09 18.59 -36.17
C ASP A 811 3.52 17.53 -37.19
N ALA A 812 2.92 16.35 -37.09
CA ALA A 812 3.24 15.23 -37.99
C ALA A 812 2.68 15.42 -39.41
N LEU A 813 1.41 15.78 -39.54
CA LEU A 813 0.84 15.98 -40.89
C LEU A 813 1.52 17.16 -41.59
N ASP A 814 1.93 18.13 -40.79
CA ASP A 814 2.64 19.30 -41.26
C ASP A 814 4.03 18.84 -41.76
N PHE A 815 4.61 17.89 -41.03
CA PHE A 815 5.93 17.31 -41.33
C PHE A 815 5.91 16.32 -42.51
N PHE A 816 4.81 15.57 -42.67
CA PHE A 816 4.66 14.60 -43.77
C PHE A 816 3.77 15.10 -44.92
N ALA A 817 3.83 16.41 -45.19
CA ALA A 817 3.02 17.01 -46.26
C ALA A 817 3.36 16.46 -47.65
N SER A 818 4.60 16.05 -47.85
CA SER A 818 5.03 15.51 -49.15
C SER A 818 4.40 14.15 -49.47
N ILE A 819 4.38 13.25 -48.49
CA ILE A 819 3.79 11.92 -48.69
C ILE A 819 2.29 12.05 -48.47
N PRO A 820 1.47 12.00 -49.54
CA PRO A 820 0.03 12.17 -49.32
C PRO A 820 -0.66 10.98 -48.65
N LYS A 821 -0.09 9.78 -48.81
CA LYS A 821 -0.68 8.59 -48.21
C LYS A 821 -0.52 8.62 -46.70
N ILE A 822 0.61 9.14 -46.24
CA ILE A 822 0.85 9.33 -44.80
C ILE A 822 -0.08 10.45 -44.35
N LYS A 823 -0.12 11.52 -45.14
CA LYS A 823 -0.91 12.70 -44.84
C LYS A 823 -2.39 12.40 -44.59
N ARG A 824 -3.01 11.71 -45.53
CA ARG A 824 -4.46 11.44 -45.46
C ARG A 824 -4.90 10.65 -44.24
N LYS A 825 -4.02 9.81 -43.69
CA LYS A 825 -4.34 9.08 -42.47
C LYS A 825 -4.27 10.05 -41.30
N LEU A 826 -3.16 10.79 -41.20
CA LEU A 826 -3.00 11.78 -40.12
C LEU A 826 -4.13 12.83 -40.09
N GLU A 827 -4.68 13.17 -41.25
CA GLU A 827 -5.78 14.13 -41.33
C GLU A 827 -7.01 13.63 -40.60
N THR A 828 -7.26 12.32 -40.68
CA THR A 828 -8.41 11.75 -40.00
C THR A 828 -8.30 12.03 -38.51
N LEU A 829 -7.14 11.69 -37.94
CA LEU A 829 -6.87 11.93 -36.51
C LEU A 829 -7.09 13.39 -36.11
N TYR A 830 -6.77 14.32 -37.00
CA TYR A 830 -6.98 15.74 -36.76
C TYR A 830 -8.46 16.10 -36.85
N ASP A 831 -9.13 15.64 -37.91
CA ASP A 831 -10.56 15.87 -38.11
C ASP A 831 -11.36 15.30 -36.94
N VAL A 832 -10.92 14.15 -36.45
CA VAL A 832 -11.56 13.43 -35.34
C VAL A 832 -11.55 14.16 -33.99
N GLY A 833 -10.66 15.13 -33.82
CA GLY A 833 -10.59 15.88 -32.57
C GLY A 833 -9.20 15.83 -32.00
N LEU A 834 -8.53 14.70 -32.18
CA LEU A 834 -7.14 14.54 -31.73
C LEU A 834 -6.26 15.51 -32.54
N GLY A 835 -4.96 15.35 -32.53
CA GLY A 835 -4.09 16.31 -33.20
C GLY A 835 -3.13 16.85 -32.17
N TYR A 836 -3.53 16.80 -30.91
CA TYR A 836 -2.70 17.22 -29.79
C TYR A 836 -1.90 16.04 -29.25
N MSE A 837 -2.39 14.81 -29.47
CA MSE A 837 -1.68 13.65 -28.91
C MSE A 837 -0.57 13.24 -29.85
O MSE A 837 -0.58 13.59 -31.03
CB MSE A 837 -2.64 12.49 -28.63
CG MSE A 837 -2.63 11.32 -29.60
SE MSE A 837 -3.99 10.02 -29.06
CE MSE A 837 -4.02 10.24 -27.12
N LYS A 838 0.37 12.47 -29.30
CA LYS A 838 1.54 12.03 -30.04
C LYS A 838 1.30 10.69 -30.71
N LEU A 839 1.91 10.51 -31.88
CA LEU A 839 1.77 9.28 -32.66
C LEU A 839 2.11 8.03 -31.85
N GLY A 840 3.14 8.12 -31.01
CA GLY A 840 3.58 6.98 -30.21
C GLY A 840 2.99 6.83 -28.82
N GLN A 841 1.96 7.59 -28.49
CA GLN A 841 1.37 7.50 -27.15
C GLN A 841 0.77 6.11 -26.89
N PRO A 842 1.26 5.41 -25.85
CA PRO A 842 0.76 4.08 -25.55
C PRO A 842 -0.75 4.00 -25.38
N ALA A 843 -1.37 3.05 -26.08
CA ALA A 843 -2.81 2.85 -26.05
C ALA A 843 -3.31 2.64 -24.62
N THR A 844 -2.46 2.05 -23.79
CA THR A 844 -2.78 1.79 -22.39
C THR A 844 -3.04 3.07 -21.60
N THR A 845 -2.58 4.21 -22.13
CA THR A 845 -2.74 5.50 -21.47
C THR A 845 -3.77 6.43 -22.13
N LEU A 846 -4.53 5.91 -23.09
CA LEU A 846 -5.55 6.72 -23.77
C LEU A 846 -6.86 6.68 -23.00
N SER A 847 -7.56 7.81 -23.04
CA SER A 847 -8.87 7.95 -22.44
C SER A 847 -9.87 7.08 -23.17
N GLY A 848 -10.98 6.75 -22.52
CA GLY A 848 -12.01 5.97 -23.18
C GLY A 848 -12.51 6.71 -24.41
N GLY A 849 -12.79 8.00 -24.23
CA GLY A 849 -13.22 8.87 -25.33
C GLY A 849 -12.14 9.00 -26.38
N GLU A 850 -10.88 9.16 -25.98
CA GLU A 850 -9.79 9.23 -26.93
C GLU A 850 -9.72 7.97 -27.79
N ALA A 851 -9.74 6.81 -27.14
CA ALA A 851 -9.70 5.55 -27.87
C ALA A 851 -10.82 5.49 -28.88
N GLN A 852 -12.02 5.89 -28.48
CA GLN A 852 -13.18 5.89 -29.37
C GLN A 852 -12.88 6.70 -30.63
N ARG A 853 -12.30 7.88 -30.44
CA ARG A 853 -12.01 8.78 -31.55
C ARG A 853 -10.88 8.31 -32.45
N VAL A 854 -9.94 7.56 -31.89
CA VAL A 854 -8.87 6.99 -32.69
C VAL A 854 -9.47 5.88 -33.59
N LYS A 855 -10.51 5.21 -33.09
CA LYS A 855 -11.22 4.18 -33.87
C LYS A 855 -12.08 4.84 -34.94
N LEU A 856 -12.75 5.92 -34.55
CA LEU A 856 -13.58 6.69 -35.45
C LEU A 856 -12.75 7.19 -36.63
N ALA A 857 -11.53 7.66 -36.34
CA ALA A 857 -10.59 8.14 -37.37
C ALA A 857 -10.29 7.06 -38.41
N ALA A 858 -10.29 5.81 -38.00
CA ALA A 858 -10.08 4.69 -38.92
C ALA A 858 -11.21 4.69 -39.95
N GLU A 859 -12.44 4.56 -39.47
CA GLU A 859 -13.61 4.59 -40.35
C GLU A 859 -13.80 5.95 -41.01
N LEU A 860 -13.42 7.01 -40.30
CA LEU A 860 -13.62 8.38 -40.77
C LEU A 860 -13.51 8.50 -42.28
N HIS A 861 -12.35 8.17 -42.84
CA HIS A 861 -12.19 8.29 -44.29
C HIS A 861 -12.18 6.94 -45.02
N ARG A 862 -13.27 6.70 -45.75
CA ARG A 862 -13.50 5.52 -46.55
C ARG A 862 -14.55 5.86 -47.59
N ARG A 863 -14.60 5.11 -48.69
CA ARG A 863 -15.62 5.36 -49.71
C ARG A 863 -16.93 4.82 -49.16
N SER A 864 -17.86 5.74 -48.89
CA SER A 864 -19.17 5.37 -48.37
C SER A 864 -20.12 5.10 -49.54
N ASN A 865 -20.85 4.00 -49.46
CA ASN A 865 -21.84 3.65 -50.48
C ASN A 865 -23.23 4.06 -49.97
N GLY A 866 -23.27 4.75 -48.83
CA GLY A 866 -24.50 5.21 -48.23
C GLY A 866 -25.31 4.13 -47.56
N ARG A 867 -24.74 2.94 -47.38
CA ARG A 867 -25.47 1.82 -46.79
C ARG A 867 -24.70 1.17 -45.63
N THR A 868 -24.28 2.03 -44.70
CA THR A 868 -23.58 1.62 -43.48
C THR A 868 -24.12 2.40 -42.28
N LEU A 869 -24.18 1.76 -41.12
CA LEU A 869 -24.72 2.38 -39.90
C LEU A 869 -23.64 2.47 -38.84
N TYR A 870 -23.40 3.68 -38.33
CA TYR A 870 -22.43 3.88 -37.26
C TYR A 870 -23.15 3.93 -35.93
N ILE A 871 -22.55 3.35 -34.88
CA ILE A 871 -23.14 3.35 -33.55
C ILE A 871 -22.09 3.80 -32.53
N LEU A 872 -22.21 5.03 -32.04
CA LEU A 872 -21.26 5.58 -31.08
C LEU A 872 -21.89 5.68 -29.71
N ASP A 873 -21.17 5.25 -28.67
CA ASP A 873 -21.67 5.34 -27.30
C ASP A 873 -21.04 6.54 -26.59
N GLU A 874 -21.89 7.52 -26.26
CA GLU A 874 -21.47 8.77 -25.59
C GLU A 874 -20.16 9.31 -26.13
N PRO A 875 -20.11 9.64 -27.43
CA PRO A 875 -18.88 10.15 -28.03
C PRO A 875 -18.44 11.50 -27.46
N THR A 876 -19.33 12.14 -26.70
CA THR A 876 -19.03 13.40 -26.00
C THR A 876 -18.06 13.19 -24.86
N THR A 877 -18.11 12.01 -24.24
CA THR A 877 -17.28 11.73 -23.08
C THR A 877 -15.90 12.35 -23.22
N GLY A 878 -15.62 13.35 -22.39
CA GLY A 878 -14.30 14.03 -22.37
C GLY A 878 -14.06 15.14 -23.38
N LEU A 879 -15.12 15.88 -23.72
CA LEU A 879 -15.04 16.98 -24.67
C LEU A 879 -15.67 18.27 -24.13
N HIS A 880 -15.09 19.40 -24.52
CA HIS A 880 -15.61 20.73 -24.17
C HIS A 880 -16.80 20.97 -25.09
N VAL A 881 -17.62 21.98 -24.79
CA VAL A 881 -18.76 22.28 -25.66
C VAL A 881 -18.27 22.63 -27.06
N ASP A 882 -17.22 23.45 -27.12
CA ASP A 882 -16.59 23.85 -28.39
C ASP A 882 -16.13 22.64 -29.20
N ASP A 883 -15.66 21.59 -28.52
CA ASP A 883 -15.22 20.35 -29.18
C ASP A 883 -16.37 19.53 -29.74
N ILE A 884 -17.53 19.57 -29.07
CA ILE A 884 -18.70 18.84 -29.55
C ILE A 884 -19.08 19.40 -30.92
N ALA A 885 -18.94 20.72 -31.06
CA ALA A 885 -19.24 21.42 -32.32
C ALA A 885 -18.52 20.78 -33.49
N ARG A 886 -17.21 20.64 -33.36
CA ARG A 886 -16.40 20.05 -34.43
C ARG A 886 -16.64 18.57 -34.66
N LEU A 887 -16.94 17.82 -33.60
CA LEU A 887 -17.23 16.40 -33.75
C LEU A 887 -18.56 16.24 -34.47
N LEU A 888 -19.54 17.07 -34.10
CA LEU A 888 -20.84 17.06 -34.74
C LEU A 888 -20.71 17.35 -36.24
N ASP A 889 -19.76 18.22 -36.60
CA ASP A 889 -19.50 18.52 -38.02
C ASP A 889 -19.10 17.21 -38.70
N VAL A 890 -18.20 16.47 -38.05
CA VAL A 890 -17.70 15.20 -38.58
C VAL A 890 -18.79 14.13 -38.68
N LEU A 891 -19.57 13.93 -37.62
CA LEU A 891 -20.65 12.93 -37.64
C LEU A 891 -21.70 13.26 -38.71
N HIS A 892 -22.11 14.53 -38.76
CA HIS A 892 -23.11 14.99 -39.73
C HIS A 892 -22.61 14.96 -41.17
N ARG A 893 -21.29 14.90 -41.35
CA ARG A 893 -20.72 14.78 -42.68
C ARG A 893 -20.98 13.35 -43.15
N LEU A 894 -20.97 12.40 -42.20
CA LEU A 894 -21.24 10.99 -42.49
C LEU A 894 -22.70 10.81 -42.89
N VAL A 895 -23.60 11.55 -42.24
CA VAL A 895 -25.02 11.48 -42.54
C VAL A 895 -25.30 12.10 -43.91
N ASP A 896 -24.60 13.20 -44.20
CA ASP A 896 -24.71 13.89 -45.50
C ASP A 896 -24.39 12.93 -46.65
N ASN A 897 -23.34 12.12 -46.48
CA ASN A 897 -22.91 11.18 -47.51
C ASN A 897 -23.80 9.94 -47.65
N GLY A 898 -24.91 9.90 -46.91
CA GLY A 898 -25.89 8.82 -47.02
C GLY A 898 -25.92 7.79 -45.92
N ASP A 899 -24.92 7.81 -45.05
CA ASP A 899 -24.84 6.84 -43.95
C ASP A 899 -25.73 7.27 -42.78
N THR A 900 -25.85 6.39 -41.78
CA THR A 900 -26.64 6.69 -40.59
C THR A 900 -25.74 6.68 -39.35
N VAL A 901 -25.97 7.63 -38.46
CA VAL A 901 -25.21 7.70 -37.22
C VAL A 901 -26.19 7.65 -36.06
N LEU A 902 -26.07 6.62 -35.23
CA LEU A 902 -26.92 6.44 -34.06
C LEU A 902 -26.01 6.67 -32.87
N VAL A 903 -26.48 7.43 -31.89
CA VAL A 903 -25.67 7.71 -30.72
C VAL A 903 -26.48 7.53 -29.44
N ILE A 904 -25.83 7.13 -28.36
CA ILE A 904 -26.50 6.97 -27.07
C ILE A 904 -26.00 8.11 -26.20
N GLU A 905 -26.76 9.20 -26.13
CA GLU A 905 -26.30 10.41 -25.42
C GLU A 905 -27.16 11.00 -24.33
N HIS A 906 -26.48 11.70 -23.43
CA HIS A 906 -27.11 12.49 -22.37
C HIS A 906 -26.84 13.97 -22.60
N ASN A 907 -25.85 14.28 -23.44
CA ASN A 907 -25.47 15.66 -23.70
C ASN A 907 -26.52 16.30 -24.60
N LEU A 908 -27.25 17.24 -24.01
CA LEU A 908 -28.33 17.95 -24.69
C LEU A 908 -27.88 18.68 -25.96
N ASP A 909 -26.62 19.12 -26.00
CA ASP A 909 -26.09 19.80 -27.18
C ASP A 909 -25.99 18.86 -28.38
N VAL A 910 -25.85 17.56 -28.11
CA VAL A 910 -25.85 16.58 -29.18
C VAL A 910 -27.29 16.19 -29.53
N ILE A 911 -28.11 15.99 -28.50
CA ILE A 911 -29.52 15.60 -28.68
C ILE A 911 -30.32 16.61 -29.51
N LYS A 912 -30.16 17.90 -29.20
CA LYS A 912 -30.89 18.95 -29.90
C LYS A 912 -30.51 19.03 -31.38
N THR A 913 -29.27 18.69 -31.71
CA THR A 913 -28.77 18.71 -33.09
C THR A 913 -29.32 17.55 -33.89
N ALA A 914 -29.60 16.45 -33.21
CA ALA A 914 -30.13 15.25 -33.85
C ALA A 914 -31.36 15.57 -34.67
N ASP A 915 -31.59 14.79 -35.71
CA ASP A 915 -32.73 14.95 -36.59
C ASP A 915 -33.91 14.12 -36.09
N TYR A 916 -33.61 13.04 -35.38
CA TYR A 916 -34.61 12.13 -34.86
C TYR A 916 -34.08 11.60 -33.53
N ILE A 917 -34.94 11.45 -32.53
CA ILE A 917 -34.51 10.90 -31.25
C ILE A 917 -35.52 9.88 -30.73
N ILE A 918 -35.00 8.81 -30.12
CA ILE A 918 -35.82 7.73 -29.56
C ILE A 918 -35.59 7.66 -28.06
N ASP A 919 -36.43 8.39 -27.32
CA ASP A 919 -36.33 8.42 -25.86
C ASP A 919 -36.82 7.10 -25.27
N LEU A 920 -36.11 6.63 -24.25
CA LEU A 920 -36.40 5.33 -23.66
C LEU A 920 -36.96 5.45 -22.25
N GLY A 921 -37.74 4.44 -21.87
CA GLY A 921 -38.42 4.26 -20.57
C GLY A 921 -38.48 5.41 -19.58
N PRO A 922 -39.66 5.63 -18.98
CA PRO A 922 -39.75 6.69 -18.00
C PRO A 922 -39.13 6.15 -16.74
N GLU A 923 -38.13 6.81 -16.20
CA GLU A 923 -37.42 6.31 -15.01
C GLU A 923 -36.57 5.07 -15.37
N GLY A 924 -35.72 4.63 -14.44
CA GLY A 924 -34.84 3.49 -14.68
C GLY A 924 -35.28 2.21 -13.99
N GLY A 925 -34.46 1.17 -14.15
CA GLY A 925 -34.75 -0.13 -13.53
C GLY A 925 -35.97 -0.76 -14.17
N ASP A 926 -36.79 -1.43 -13.36
CA ASP A 926 -37.98 -2.07 -13.91
C ASP A 926 -39.08 -1.05 -14.18
N ARG A 927 -38.93 0.17 -13.69
CA ARG A 927 -39.88 1.24 -14.03
C ARG A 927 -39.27 1.90 -15.26
N GLY A 928 -39.11 1.14 -16.34
CA GLY A 928 -38.53 1.66 -17.57
C GLY A 928 -38.51 0.59 -18.62
N GLY A 929 -37.62 0.71 -19.60
CA GLY A 929 -37.53 -0.27 -20.68
C GLY A 929 -38.72 -0.25 -21.61
N GLN A 930 -39.22 0.95 -21.88
CA GLN A 930 -40.33 1.15 -22.79
C GLN A 930 -40.17 2.48 -23.51
N ILE A 931 -40.70 2.61 -24.72
CA ILE A 931 -40.53 3.85 -25.48
C ILE A 931 -41.45 4.94 -24.93
N VAL A 932 -40.85 6.02 -24.44
CA VAL A 932 -41.59 7.13 -23.85
C VAL A 932 -42.00 8.13 -24.92
N ALA A 933 -41.20 8.24 -25.97
CA ALA A 933 -41.46 9.18 -27.06
C ALA A 933 -40.45 8.99 -28.19
N VAL A 934 -40.93 9.05 -29.43
CA VAL A 934 -40.06 8.97 -30.61
C VAL A 934 -40.29 10.20 -31.47
N GLY A 935 -39.39 10.41 -32.42
CA GLY A 935 -39.53 11.52 -33.35
C GLY A 935 -38.44 12.56 -33.30
N THR A 936 -38.76 13.72 -33.86
CA THR A 936 -37.86 14.84 -33.95
C THR A 936 -37.70 15.46 -32.55
N PRO A 937 -36.64 16.25 -32.32
CA PRO A 937 -36.43 16.87 -31.01
C PRO A 937 -37.58 17.72 -30.48
N GLU A 938 -38.27 18.45 -31.37
CA GLU A 938 -39.41 19.27 -30.95
C GLU A 938 -40.58 18.38 -30.57
N GLU A 939 -40.89 17.39 -31.42
CA GLU A 939 -41.98 16.44 -31.17
C GLU A 939 -41.82 15.75 -29.82
N VAL A 940 -40.57 15.49 -29.42
CA VAL A 940 -40.28 14.87 -28.13
C VAL A 940 -40.24 15.94 -27.03
N ALA A 941 -39.98 17.19 -27.41
CA ALA A 941 -39.95 18.32 -26.48
C ALA A 941 -41.34 18.58 -25.92
N GLU A 942 -42.36 18.27 -26.71
CA GLU A 942 -43.75 18.46 -26.31
C GLU A 942 -44.35 17.26 -25.57
N VAL A 943 -43.54 16.23 -25.28
CA VAL A 943 -44.02 15.08 -24.52
C VAL A 943 -43.71 15.38 -23.06
N LYS A 944 -44.75 15.50 -22.26
CA LYS A 944 -44.62 15.84 -20.84
C LYS A 944 -44.02 14.68 -20.04
N GLU A 945 -44.34 13.46 -20.47
CA GLU A 945 -43.92 12.23 -19.82
C GLU A 945 -42.44 11.85 -20.06
N SER A 946 -41.73 12.67 -20.85
CA SER A 946 -40.32 12.44 -21.18
C SER A 946 -39.42 13.41 -20.45
N HIS A 947 -38.53 12.86 -19.62
CA HIS A 947 -37.55 13.64 -18.86
C HIS A 947 -36.59 14.33 -19.84
N THR A 948 -36.27 13.63 -20.91
CA THR A 948 -35.41 14.17 -21.95
C THR A 948 -36.04 15.44 -22.51
N GLY A 949 -37.30 15.34 -22.91
CA GLY A 949 -38.03 16.48 -23.48
C GLY A 949 -38.16 17.62 -22.50
N ARG A 950 -38.53 17.28 -21.28
CA ARG A 950 -38.70 18.24 -20.20
C ARG A 950 -37.46 19.14 -20.04
N TYR A 951 -36.27 18.54 -20.14
CA TYR A 951 -34.98 19.27 -20.05
C TYR A 951 -34.51 19.82 -21.41
N LEU A 952 -35.05 19.29 -22.50
CA LEU A 952 -34.70 19.70 -23.86
C LEU A 952 -35.54 20.88 -24.32
N LYS A 953 -36.83 20.85 -24.02
CA LYS A 953 -37.77 21.91 -24.41
C LYS A 953 -37.21 23.33 -24.13
N PRO A 954 -36.68 23.58 -22.91
CA PRO A 954 -36.10 24.90 -22.66
C PRO A 954 -34.80 25.20 -23.44
N ILE A 955 -33.99 24.20 -23.74
CA ILE A 955 -32.74 24.43 -24.50
C ILE A 955 -33.05 24.82 -25.95
N LEU A 956 -34.08 24.22 -26.53
CA LEU A 956 -34.50 24.59 -27.89
C LEU A 956 -34.99 26.03 -27.90
N GLU A 957 -35.78 26.40 -26.89
CA GLU A 957 -36.30 27.76 -26.78
C GLU A 957 -35.18 28.78 -26.48
N ARG A 958 -34.15 28.35 -25.75
CA ARG A 958 -33.03 29.22 -25.42
C ARG A 958 -32.17 29.55 -26.64
N ASP A 959 -31.67 28.51 -27.29
CA ASP A 959 -30.79 28.67 -28.46
C ASP A 959 -31.50 29.14 -29.75
N ARG A 960 -32.82 28.98 -29.80
CA ARG A 960 -33.62 29.44 -30.93
C ARG A 960 -33.82 30.96 -30.83
N ALA A 961 -33.77 31.47 -29.61
CA ALA A 961 -33.88 32.91 -29.34
C ALA A 961 -32.51 33.57 -29.57
N ARG A 962 -31.45 32.90 -29.10
CA ARG A 962 -30.07 33.38 -29.29
C ARG A 962 -29.73 33.62 -30.76
N MSE A 963 -30.29 32.79 -31.64
CA MSE A 963 -30.07 32.92 -33.08
C MSE A 963 -30.88 34.07 -33.68
O MSE A 963 -30.38 34.77 -34.56
CB MSE A 963 -30.44 31.63 -33.81
CG MSE A 963 -29.53 30.47 -33.47
SE MSE A 963 -30.39 28.77 -33.87
CE MSE A 963 -30.87 29.12 -35.74
N GLN A 964 -32.11 34.24 -33.22
CA GLN A 964 -32.96 35.33 -33.70
C GLN A 964 -32.38 36.65 -33.20
N ALA A 965 -31.77 36.62 -32.01
CA ALA A 965 -31.11 37.80 -31.45
C ALA A 965 -29.89 38.16 -32.31
N ARG A 966 -29.17 37.14 -32.76
CA ARG A 966 -28.01 37.29 -33.64
C ARG A 966 -28.39 37.66 -35.08
N TYR A 967 -29.44 37.01 -35.59
CA TYR A 967 -29.92 37.23 -36.95
C TYR A 967 -30.51 38.63 -37.17
N GLU A 968 -31.20 39.15 -36.16
CA GLU A 968 -31.81 40.49 -36.24
C GLU A 968 -30.78 41.63 -36.29
N ALA A 969 -29.56 41.36 -35.81
CA ALA A 969 -28.47 42.36 -35.81
C ALA A 969 -27.41 42.09 -36.87
N MSE B 21 -16.37 18.30 10.93
CA MSE B 21 -16.43 19.53 11.79
C MSE B 21 -15.10 19.76 12.53
O MSE B 21 -14.08 19.16 12.18
CB MSE B 21 -17.61 19.45 12.76
CG MSE B 21 -17.56 18.26 13.71
SE MSE B 21 -18.83 18.46 15.20
CE MSE B 21 -20.45 18.93 14.18
N ASP B 22 -15.12 20.60 13.57
CA ASP B 22 -13.92 20.96 14.32
C ASP B 22 -13.46 19.96 15.39
N LYS B 23 -13.94 18.72 15.33
CA LYS B 23 -13.51 17.70 16.31
C LYS B 23 -13.78 16.26 15.87
N ILE B 24 -12.80 15.40 16.18
CA ILE B 24 -12.82 13.98 15.83
C ILE B 24 -13.35 13.16 17.02
N ILE B 25 -14.59 12.70 16.91
CA ILE B 25 -15.27 11.94 17.97
C ILE B 25 -15.10 10.44 17.77
N VAL B 26 -14.61 9.74 18.79
CA VAL B 26 -14.42 8.29 18.71
C VAL B 26 -15.42 7.58 19.60
N LYS B 27 -16.49 7.08 18.98
CA LYS B 27 -17.60 6.40 19.67
C LYS B 27 -17.36 4.91 19.86
N GLY B 28 -17.47 4.45 21.11
CA GLY B 28 -17.35 3.03 21.45
C GLY B 28 -16.04 2.37 21.07
N ALA B 29 -15.00 2.59 21.87
CA ALA B 29 -13.67 2.01 21.62
C ALA B 29 -13.38 0.91 22.64
N ARG B 30 -13.10 -0.29 22.13
CA ARG B 30 -12.85 -1.44 22.99
C ARG B 30 -11.55 -2.17 22.67
N ALA B 31 -10.59 -1.44 22.11
CA ALA B 31 -9.28 -1.97 21.70
C ALA B 31 -8.81 -3.21 22.47
N HIS B 32 -8.07 -3.00 23.55
CA HIS B 32 -7.59 -4.12 24.36
C HIS B 32 -8.25 -4.06 25.72
N ASN B 33 -7.85 -3.06 26.50
CA ASN B 33 -8.40 -2.85 27.84
C ASN B 33 -9.33 -1.65 27.89
N LEU B 34 -9.61 -1.06 26.72
CA LEU B 34 -10.50 0.10 26.66
C LEU B 34 -11.89 -0.38 27.02
N LYS B 35 -12.54 0.33 27.94
CA LYS B 35 -13.86 -0.04 28.46
C LYS B 35 -15.00 0.61 27.68
N ASN B 36 -15.15 0.20 26.42
CA ASN B 36 -16.20 0.70 25.54
C ASN B 36 -16.40 2.19 25.79
N ILE B 37 -15.32 2.94 25.60
CA ILE B 37 -15.27 4.37 25.91
C ILE B 37 -15.45 5.30 24.71
N ASP B 38 -15.97 6.49 25.00
CA ASP B 38 -16.18 7.54 24.03
C ASP B 38 -15.24 8.67 24.40
N VAL B 39 -14.66 9.32 23.40
CA VAL B 39 -13.75 10.42 23.64
C VAL B 39 -13.78 11.44 22.52
N GLU B 40 -13.62 12.71 22.90
CA GLU B 40 -13.61 13.84 21.98
C GLU B 40 -12.18 14.34 21.89
N ILE B 41 -11.73 14.61 20.66
CA ILE B 41 -10.37 15.10 20.42
C ILE B 41 -10.45 16.41 19.65
N PRO B 42 -9.92 17.51 20.23
CA PRO B 42 -10.01 18.78 19.53
C PRO B 42 -9.17 18.84 18.27
N ARG B 43 -9.86 18.98 17.14
CA ARG B 43 -9.25 19.04 15.81
C ARG B 43 -8.30 20.22 15.68
N GLY B 44 -7.31 20.06 14.80
CA GLY B 44 -6.31 21.10 14.51
C GLY B 44 -5.45 21.61 15.66
N LYS B 45 -5.42 20.88 16.77
CA LYS B 45 -4.68 21.28 17.95
C LYS B 45 -3.67 20.23 18.42
N LEU B 46 -2.89 20.61 19.42
CA LEU B 46 -1.90 19.72 20.00
C LEU B 46 -2.59 19.00 21.16
N VAL B 47 -2.90 17.73 20.94
CA VAL B 47 -3.51 16.90 21.97
C VAL B 47 -2.41 16.03 22.56
N VAL B 48 -2.44 15.78 23.87
CA VAL B 48 -1.43 14.92 24.52
C VAL B 48 -2.04 13.86 25.46
N LEU B 49 -1.85 12.58 25.10
CA LEU B 49 -2.31 11.47 25.92
C LEU B 49 -1.30 11.13 26.99
N THR B 50 -1.80 10.82 28.16
CA THR B 50 -0.96 10.48 29.29
C THR B 50 -1.68 9.52 30.24
N GLY B 51 -0.91 8.88 31.12
CA GLY B 51 -1.46 7.91 32.07
C GLY B 51 -0.43 6.85 32.41
N LEU B 52 -0.74 6.00 33.37
CA LEU B 52 0.19 4.95 33.79
C LEU B 52 0.53 4.03 32.63
N SER B 53 1.69 3.36 32.74
CA SER B 53 2.14 2.43 31.72
C SER B 53 1.24 1.20 31.70
N GLY B 54 0.42 1.11 30.66
CA GLY B 54 -0.53 0.00 30.50
C GLY B 54 -1.98 0.42 30.58
N SER B 55 -2.22 1.70 30.85
CA SER B 55 -3.58 2.25 30.97
C SER B 55 -4.36 2.13 29.67
N GLY B 56 -3.66 2.14 28.55
CA GLY B 56 -4.29 1.98 27.22
C GLY B 56 -4.19 3.16 26.28
N LYS B 57 -3.08 3.88 26.34
CA LYS B 57 -2.89 5.04 25.48
C LYS B 57 -2.74 4.59 24.04
N SER B 58 -1.73 3.76 23.80
CA SER B 58 -1.42 3.26 22.46
C SER B 58 -2.64 2.57 21.85
N SER B 59 -3.38 1.83 22.67
CA SER B 59 -4.56 1.14 22.22
C SER B 59 -5.52 2.12 21.56
N LEU B 60 -5.71 3.28 22.17
CA LEU B 60 -6.59 4.31 21.62
C LEU B 60 -5.86 5.07 20.51
N ALA B 61 -4.77 5.72 20.88
CA ALA B 61 -3.99 6.57 19.96
C ALA B 61 -3.54 5.87 18.69
N PHE B 62 -2.98 4.67 18.80
CA PHE B 62 -2.47 3.94 17.64
C PHE B 62 -3.33 2.79 17.12
N ASP B 63 -3.69 1.86 17.99
CA ASP B 63 -4.45 0.69 17.55
C ASP B 63 -5.86 1.01 17.09
N THR B 64 -6.41 2.12 17.58
CA THR B 64 -7.76 2.54 17.22
C THR B 64 -7.77 3.73 16.23
N ILE B 65 -7.21 4.87 16.62
CA ILE B 65 -7.26 6.07 15.76
C ILE B 65 -6.35 6.01 14.52
N TYR B 66 -5.06 5.78 14.73
CA TYR B 66 -4.14 5.69 13.60
C TYR B 66 -4.52 4.55 12.65
N ALA B 67 -4.88 3.39 13.20
CA ALA B 67 -5.28 2.23 12.40
C ALA B 67 -6.44 2.53 11.44
N GLU B 68 -7.49 3.17 11.95
CA GLU B 68 -8.65 3.54 11.13
C GLU B 68 -8.32 4.60 10.10
N GLY B 69 -7.64 5.65 10.53
CA GLY B 69 -7.27 6.72 9.62
C GLY B 69 -6.47 6.21 8.44
N GLN B 70 -5.52 5.33 8.71
CA GLN B 70 -4.68 4.78 7.67
C GLN B 70 -5.45 3.83 6.80
N ARG B 71 -6.16 2.89 7.42
CA ARG B 71 -6.88 1.89 6.63
C ARG B 71 -7.86 2.59 5.70
N ARG B 72 -8.70 3.46 6.25
CA ARG B 72 -9.69 4.16 5.45
C ARG B 72 -9.11 4.88 4.23
N TYR B 73 -7.86 5.34 4.31
CA TYR B 73 -7.22 5.99 3.17
C TYR B 73 -6.71 4.96 2.15
N VAL B 74 -5.76 4.15 2.56
CA VAL B 74 -5.18 3.10 1.70
C VAL B 74 -6.26 2.32 0.98
N GLU B 75 -7.29 1.98 1.73
CA GLU B 75 -8.44 1.22 1.22
C GLU B 75 -9.02 1.87 -0.03
N SER B 76 -8.94 3.20 -0.10
CA SER B 76 -9.47 3.98 -1.23
C SER B 76 -8.47 4.23 -2.38
N LEU B 77 -7.26 3.67 -2.28
CA LEU B 77 -6.28 3.84 -3.35
C LEU B 77 -6.55 2.96 -4.57
N SER B 78 -7.36 1.92 -4.41
CA SER B 78 -7.71 1.03 -5.51
C SER B 78 -8.86 0.11 -5.13
N ALA B 79 -9.36 -0.62 -6.13
CA ALA B 79 -10.42 -1.59 -5.91
C ALA B 79 -9.82 -2.89 -5.39
N TYR B 80 -8.53 -3.11 -5.66
CA TYR B 80 -7.83 -4.30 -5.18
C TYR B 80 -7.53 -4.18 -3.68
N ALA B 81 -6.87 -3.08 -3.31
CA ALA B 81 -6.49 -2.83 -1.92
C ALA B 81 -7.66 -2.97 -0.95
N ARG B 82 -8.85 -2.57 -1.39
CA ARG B 82 -10.05 -2.65 -0.58
C ARG B 82 -10.44 -4.10 -0.32
N GLN B 83 -10.34 -4.93 -1.35
CA GLN B 83 -10.67 -6.35 -1.24
C GLN B 83 -9.70 -7.09 -0.32
N PHE B 84 -8.42 -6.76 -0.41
CA PHE B 84 -7.41 -7.41 0.41
C PHE B 84 -7.59 -7.02 1.87
N LEU B 85 -7.43 -5.73 2.16
CA LEU B 85 -7.55 -5.20 3.52
C LEU B 85 -8.96 -5.28 4.11
N GLY B 86 -9.95 -5.59 3.28
CA GLY B 86 -11.33 -5.72 3.73
C GLY B 86 -11.56 -6.99 4.53
N GLN B 87 -11.05 -8.10 4.01
CA GLN B 87 -11.18 -9.41 4.65
C GLN B 87 -10.24 -9.54 5.87
N MSE B 88 -9.31 -8.59 5.99
CA MSE B 88 -8.40 -8.50 7.12
C MSE B 88 -9.14 -8.16 8.42
O MSE B 88 -10.36 -7.98 8.40
CB MSE B 88 -7.36 -7.41 6.84
CG MSE B 88 -6.26 -7.80 5.89
SE MSE B 88 -4.74 -8.55 6.85
CE MSE B 88 -4.13 -6.96 7.83
N GLU B 89 -8.40 -8.05 9.52
CA GLU B 89 -8.99 -7.75 10.83
C GLU B 89 -8.86 -6.25 11.17
N LYS B 90 -10.02 -5.62 11.40
CA LYS B 90 -10.12 -4.18 11.68
C LYS B 90 -10.10 -3.93 13.20
N PRO B 91 -9.91 -2.66 13.61
CA PRO B 91 -9.89 -2.35 15.03
C PRO B 91 -11.27 -2.36 15.63
N ASP B 92 -11.42 -2.93 16.83
CA ASP B 92 -12.71 -3.02 17.49
C ASP B 92 -13.23 -1.66 17.94
N VAL B 93 -14.05 -1.04 17.10
CA VAL B 93 -14.64 0.28 17.37
C VAL B 93 -15.99 0.40 16.68
N ASP B 94 -16.96 0.98 17.36
CA ASP B 94 -18.29 1.17 16.79
C ASP B 94 -18.24 2.15 15.61
N ALA B 95 -17.63 3.30 15.85
CA ALA B 95 -17.48 4.32 14.82
C ALA B 95 -16.43 5.33 15.26
N ILE B 96 -16.05 6.18 14.34
CA ILE B 96 -15.06 7.22 14.60
C ILE B 96 -15.20 8.26 13.50
N GLU B 97 -16.05 9.26 13.77
CA GLU B 97 -16.38 10.32 12.82
C GLU B 97 -15.45 11.51 13.00
N GLY B 98 -15.03 12.10 11.87
CA GLY B 98 -14.10 13.22 11.85
C GLY B 98 -12.67 12.81 11.52
N LEU B 99 -12.50 11.55 11.10
CA LEU B 99 -11.17 11.03 10.77
C LEU B 99 -10.53 11.73 9.60
N SER B 100 -9.20 11.72 9.64
CA SER B 100 -8.35 12.28 8.59
C SER B 100 -7.29 11.21 8.35
N PRO B 101 -6.79 11.09 7.11
CA PRO B 101 -5.73 10.10 6.91
C PRO B 101 -4.65 10.30 7.98
N ALA B 102 -4.32 9.26 8.72
CA ALA B 102 -3.36 9.36 9.82
C ALA B 102 -1.95 8.88 9.47
N ILE B 103 -0.97 9.53 10.08
CA ILE B 103 0.44 9.21 9.90
C ILE B 103 1.05 9.00 11.26
N SER B 104 1.78 7.91 11.45
CA SER B 104 2.40 7.60 12.73
C SER B 104 3.90 7.93 12.75
N ILE B 105 4.37 8.45 13.88
CA ILE B 105 5.79 8.74 14.07
C ILE B 105 6.25 8.03 15.34
N ASP B 106 6.59 6.75 15.14
CA ASP B 106 7.01 5.82 16.19
C ASP B 106 8.31 5.11 15.80
N GLN B 107 8.79 4.22 16.68
CA GLN B 107 10.02 3.48 16.41
C GLN B 107 9.87 2.33 15.39
N LYS B 108 8.64 1.83 15.22
CA LYS B 108 8.39 0.71 14.29
C LYS B 108 8.62 1.08 12.81
N THR B 109 7.92 2.11 12.37
CA THR B 109 7.95 2.55 10.95
C THR B 109 9.33 2.94 10.35
N THR B 110 10.31 3.33 11.18
CA THR B 110 11.66 3.71 10.68
C THR B 110 12.47 2.50 10.17
N SER B 111 13.53 2.80 9.39
CA SER B 111 14.39 1.77 8.77
C SER B 111 15.56 1.30 9.64
N ARG B 112 16.00 0.07 9.35
CA ARG B 112 17.17 -0.54 9.99
C ARG B 112 17.82 -1.55 9.02
N ASN B 113 17.62 -1.37 7.71
CA ASN B 113 18.13 -2.33 6.71
C ASN B 113 19.31 -1.79 5.88
N PRO B 114 20.54 -2.21 6.22
CA PRO B 114 21.85 -1.83 5.65
C PRO B 114 21.88 -1.32 4.22
N ARG B 115 22.91 -0.51 3.93
CA ARG B 115 23.10 0.16 2.63
C ARG B 115 22.26 1.46 2.58
N SER B 116 21.66 1.81 3.71
CA SER B 116 20.83 3.01 3.81
C SER B 116 21.44 3.96 4.82
N THR B 117 21.60 5.23 4.42
CA THR B 117 22.22 6.24 5.27
C THR B 117 21.19 7.19 5.87
N VAL B 118 21.68 8.15 6.66
CA VAL B 118 20.82 9.19 7.20
C VAL B 118 20.41 10.08 6.04
N GLY B 119 21.37 10.34 5.15
CA GLY B 119 21.13 11.15 3.96
C GLY B 119 20.06 10.57 3.07
N THR B 120 20.07 9.24 2.88
CA THR B 120 19.08 8.57 2.05
C THR B 120 17.70 8.55 2.72
N VAL B 121 17.67 8.24 4.01
CA VAL B 121 16.42 8.19 4.75
C VAL B 121 15.71 9.54 4.74
N THR B 122 16.45 10.59 5.13
CA THR B 122 15.92 11.97 5.20
C THR B 122 15.58 12.55 3.83
N GLU B 123 16.12 11.93 2.78
CA GLU B 123 15.90 12.32 1.38
C GLU B 123 16.88 13.43 0.93
N ILE B 124 17.69 13.91 1.87
CA ILE B 124 18.66 14.97 1.58
C ILE B 124 19.66 14.59 0.50
N TYR B 125 20.13 13.35 0.53
CA TYR B 125 21.11 12.87 -0.43
C TYR B 125 20.58 12.96 -1.85
N ASP B 126 19.29 12.68 -2.01
CA ASP B 126 18.62 12.77 -3.33
C ASP B 126 18.66 14.20 -3.85
N TYR B 127 18.44 15.17 -2.97
CA TYR B 127 18.55 16.57 -3.35
C TYR B 127 20.00 16.93 -3.63
N LEU B 128 20.95 16.31 -2.93
CA LEU B 128 22.37 16.51 -3.22
C LEU B 128 22.69 15.96 -4.61
N ARG B 129 22.22 14.75 -4.90
CA ARG B 129 22.46 14.15 -6.22
C ARG B 129 21.95 15.09 -7.30
N LEU B 130 20.77 15.64 -7.08
CA LEU B 130 20.14 16.55 -8.04
C LEU B 130 20.98 17.83 -8.14
N LEU B 131 21.46 18.32 -7.00
CA LEU B 131 22.30 19.53 -6.95
C LEU B 131 23.55 19.37 -7.81
N PHE B 132 24.30 18.30 -7.56
CA PHE B 132 25.52 18.04 -8.32
C PHE B 132 25.28 17.90 -9.82
N ALA B 133 24.18 17.28 -10.21
CA ALA B 133 23.87 17.11 -11.63
C ALA B 133 23.53 18.44 -12.31
N ARG B 134 22.96 19.38 -11.56
CA ARG B 134 22.53 20.67 -12.12
C ARG B 134 23.62 21.72 -12.23
N ILE B 135 24.39 21.91 -11.16
CA ILE B 135 25.44 22.96 -11.15
C ILE B 135 26.86 22.46 -10.87
N GLY B 136 27.02 21.16 -10.66
CA GLY B 136 28.32 20.58 -10.34
C GLY B 136 29.32 20.70 -11.46
N ARG B 137 30.38 21.46 -11.22
CA ARG B 137 31.43 21.69 -12.19
C ARG B 137 32.32 20.46 -12.25
N PRO B 138 32.35 19.75 -13.40
CA PRO B 138 33.19 18.56 -13.49
C PRO B 138 34.64 18.93 -13.76
N ILE B 139 35.56 18.33 -13.02
CA ILE B 139 37.00 18.61 -13.19
C ILE B 139 37.74 17.36 -13.67
N CYS B 140 38.86 17.58 -14.35
CA CYS B 140 39.68 16.48 -14.85
C CYS B 140 40.64 16.03 -13.76
N PRO B 141 40.62 14.73 -13.40
CA PRO B 141 41.52 14.21 -12.36
C PRO B 141 42.99 14.51 -12.61
N THR B 142 43.43 14.21 -13.83
CA THR B 142 44.82 14.40 -14.24
C THR B 142 45.23 15.87 -14.30
N HIS B 143 44.32 16.71 -14.78
CA HIS B 143 44.64 18.11 -15.06
C HIS B 143 44.07 19.19 -14.13
N GLY B 144 43.04 18.85 -13.35
CA GLY B 144 42.44 19.79 -12.41
C GLY B 144 41.80 21.04 -13.00
N ILE B 145 41.53 21.02 -14.31
CA ILE B 145 40.88 22.14 -14.98
C ILE B 145 39.43 21.72 -15.25
N GLU B 146 38.50 22.67 -15.05
CA GLU B 146 37.07 22.40 -15.23
C GLU B 146 36.78 22.13 -16.70
N ILE B 147 36.33 20.92 -17.00
CA ILE B 147 35.97 20.57 -18.37
C ILE B 147 34.59 21.16 -18.66
N GLN B 148 34.49 21.90 -19.75
CA GLN B 148 33.25 22.58 -20.14
C GLN B 148 32.54 21.85 -21.27
N SER B 149 31.40 22.40 -21.69
CA SER B 149 30.62 21.87 -22.80
C SER B 149 29.76 23.00 -23.35
N GLN B 150 30.13 23.52 -24.51
CA GLN B 150 29.43 24.65 -25.12
C GLN B 150 28.73 24.28 -26.42
N THR B 151 27.57 24.90 -26.66
CA THR B 151 26.85 24.72 -27.93
C THR B 151 27.48 25.71 -28.91
N ILE B 152 27.05 25.67 -30.16
CA ILE B 152 27.58 26.56 -31.19
C ILE B 152 27.21 28.03 -30.91
N GLU B 153 26.11 28.25 -30.18
CA GLU B 153 25.65 29.61 -29.85
C GLU B 153 26.57 30.31 -28.85
N GLN B 154 27.14 29.55 -27.93
CA GLN B 154 28.06 30.08 -26.91
C GLN B 154 29.48 30.24 -27.44
N MSE B 155 29.89 29.34 -28.34
CA MSE B 155 31.22 29.39 -28.95
C MSE B 155 31.36 30.58 -29.89
O MSE B 155 32.36 31.30 -29.83
CB MSE B 155 31.51 28.11 -29.73
CG MSE B 155 31.65 26.87 -28.88
SE MSE B 155 31.80 25.26 -29.96
CE MSE B 155 32.10 23.94 -28.54
N VAL B 156 30.35 30.79 -30.73
CA VAL B 156 30.36 31.88 -31.70
C VAL B 156 30.41 33.25 -31.01
N ASP B 157 29.57 33.48 -30.00
CA ASP B 157 29.58 34.77 -29.30
C ASP B 157 30.88 35.02 -28.49
N ARG B 158 31.61 33.95 -28.15
CA ARG B 158 32.90 34.11 -27.46
C ARG B 158 34.01 34.40 -28.48
N LEU B 159 33.97 33.75 -29.65
CA LEU B 159 34.97 34.02 -30.70
C LEU B 159 34.83 35.43 -31.27
N LEU B 160 33.59 35.90 -31.41
CA LEU B 160 33.32 37.24 -31.95
C LEU B 160 33.86 38.38 -31.08
N SER B 161 34.11 38.12 -29.79
CA SER B 161 34.60 39.15 -28.88
C SER B 161 36.13 39.31 -28.88
N TYR B 162 36.75 39.17 -30.07
CA TYR B 162 38.19 39.33 -30.28
C TYR B 162 38.42 40.54 -31.20
N PRO B 163 39.66 41.08 -31.22
CA PRO B 163 39.91 42.22 -32.10
C PRO B 163 39.67 41.88 -33.57
N GLU B 164 39.28 42.88 -34.36
CA GLU B 164 38.99 42.68 -35.78
C GLU B 164 40.25 42.39 -36.60
N ARG B 165 40.05 41.76 -37.75
CA ARG B 165 41.13 41.38 -38.68
C ARG B 165 42.07 40.30 -38.10
N THR B 166 41.58 39.50 -37.16
CA THR B 166 42.36 38.44 -36.55
C THR B 166 42.09 37.11 -37.28
N LYS B 167 43.03 36.71 -38.12
CA LYS B 167 42.87 35.48 -38.93
C LYS B 167 42.85 34.23 -38.06
N MSE B 168 41.88 33.36 -38.33
CA MSE B 168 41.70 32.11 -37.59
C MSE B 168 41.29 30.98 -38.54
O MSE B 168 40.54 31.21 -39.48
CB MSE B 168 40.60 32.30 -36.53
CG MSE B 168 40.94 33.31 -35.43
SE MSE B 168 39.38 33.73 -34.30
CE MSE B 168 40.29 34.73 -32.89
N GLN B 169 41.79 29.78 -38.29
CA GLN B 169 41.45 28.62 -39.12
C GLN B 169 40.76 27.53 -38.29
N ILE B 170 39.56 27.15 -38.72
CA ILE B 170 38.80 26.10 -38.05
C ILE B 170 39.31 24.76 -38.60
N LEU B 171 39.64 23.82 -37.72
CA LEU B 171 40.13 22.51 -38.15
C LEU B 171 39.71 21.40 -37.20
N ASP B 225 37.69 25.85 -42.02
CA ASP B 225 38.24 26.73 -43.04
C ASP B 225 38.75 28.06 -42.47
N ARG B 226 39.63 28.71 -43.22
CA ARG B 226 40.26 29.98 -42.84
C ARG B 226 39.31 31.17 -42.93
N ILE B 227 39.05 31.82 -41.80
CA ILE B 227 38.17 32.99 -41.74
C ILE B 227 38.90 34.20 -41.13
N ILE B 228 38.24 35.36 -41.23
CA ILE B 228 38.76 36.62 -40.68
C ILE B 228 37.59 37.31 -39.97
N ILE B 229 37.71 37.50 -38.66
CA ILE B 229 36.63 38.11 -37.88
C ILE B 229 36.53 39.63 -38.06
N LYS B 230 35.32 40.11 -38.35
CA LYS B 230 35.03 41.53 -38.54
C LYS B 230 33.72 41.93 -37.85
N ASP B 231 32.61 41.40 -38.35
CA ASP B 231 31.29 41.74 -37.81
C ASP B 231 30.23 40.70 -38.22
N GLY B 232 29.82 40.74 -39.49
CA GLY B 232 28.78 39.85 -40.00
C GLY B 232 29.26 38.48 -40.50
N ILE B 233 30.33 37.96 -39.90
CA ILE B 233 30.84 36.65 -40.28
C ILE B 233 30.18 35.52 -39.48
N ALA B 234 29.25 35.87 -38.59
CA ALA B 234 28.54 34.90 -37.76
C ALA B 234 27.83 33.83 -38.59
N ALA B 235 27.46 34.16 -39.83
CA ALA B 235 26.80 33.23 -40.73
C ALA B 235 27.70 32.02 -41.00
N ARG B 236 28.93 32.30 -41.42
CA ARG B 236 29.90 31.25 -41.70
C ARG B 236 30.36 30.55 -40.43
N LEU B 237 30.93 31.31 -39.50
CA LEU B 237 31.47 30.79 -38.25
C LEU B 237 30.50 29.83 -37.53
N ALA B 238 29.22 30.16 -37.55
CA ALA B 238 28.21 29.30 -36.95
C ALA B 238 28.11 27.98 -37.73
N ASP B 239 28.20 28.06 -39.05
CA ASP B 239 28.07 26.89 -39.93
C ASP B 239 29.40 26.15 -40.14
N SER B 240 30.54 26.85 -40.00
CA SER B 240 31.86 26.22 -40.17
C SER B 240 32.22 25.33 -38.98
N LEU B 241 31.88 25.81 -37.77
CA LEU B 241 32.10 25.04 -36.54
C LEU B 241 31.14 23.87 -36.50
N GLU B 242 30.00 23.99 -37.18
CA GLU B 242 29.00 22.92 -37.26
C GLU B 242 29.57 21.78 -38.09
N THR B 243 30.19 22.10 -39.23
CA THR B 243 30.81 21.09 -40.09
C THR B 243 32.01 20.45 -39.40
N ALA B 244 32.76 21.24 -38.63
CA ALA B 244 33.95 20.75 -37.90
C ALA B 244 33.59 19.78 -36.79
N LEU B 245 32.55 20.11 -36.01
CA LEU B 245 32.07 19.25 -34.94
C LEU B 245 31.44 17.97 -35.49
N LYS B 246 30.79 18.08 -36.65
CA LYS B 246 30.20 16.91 -37.31
C LYS B 246 31.28 16.06 -37.99
N LEU B 247 32.41 16.67 -38.32
CA LEU B 247 33.53 15.99 -38.98
C LEU B 247 34.47 15.31 -37.97
N ALA B 248 34.48 15.78 -36.72
CA ALA B 248 35.32 15.21 -35.66
C ALA B 248 34.52 14.90 -34.38
N ASP B 249 33.21 14.75 -34.53
CA ASP B 249 32.27 14.44 -33.43
C ASP B 249 32.32 15.50 -32.31
N LYS B 267 29.92 18.25 -25.68
CA LYS B 267 30.28 17.19 -24.72
C LYS B 267 31.15 17.73 -23.58
N HIS B 268 31.08 17.08 -22.42
CA HIS B 268 31.92 17.45 -21.26
C HIS B 268 33.28 16.74 -21.33
N ALA B 269 34.18 17.23 -22.18
CA ALA B 269 35.50 16.59 -22.34
C ALA B 269 36.67 17.52 -21.94
N CYS B 270 37.77 16.88 -21.52
CA CYS B 270 38.97 17.59 -21.09
C CYS B 270 39.82 17.95 -22.31
N PRO B 271 40.04 19.25 -22.54
CA PRO B 271 40.86 19.70 -23.66
C PRO B 271 42.19 18.95 -23.85
N TYR B 272 42.93 18.74 -22.76
CA TYR B 272 44.28 18.16 -22.85
C TYR B 272 44.38 16.62 -22.83
N CYS B 273 43.28 15.87 -22.67
CA CYS B 273 43.38 14.39 -22.66
C CYS B 273 42.17 13.54 -23.09
N GLY B 274 41.15 14.14 -23.73
CA GLY B 274 39.98 13.36 -24.18
C GLY B 274 38.98 13.02 -23.09
N PHE B 275 39.48 12.58 -21.92
CA PHE B 275 38.68 12.26 -20.73
C PHE B 275 37.39 13.08 -20.63
N SER B 276 36.29 12.38 -20.34
CA SER B 276 34.98 13.02 -20.30
C SER B 276 34.01 12.24 -19.43
N ILE B 277 32.75 12.68 -19.42
CA ILE B 277 31.69 11.98 -18.72
C ILE B 277 30.31 12.41 -19.29
N GLY B 278 30.19 12.27 -20.61
CA GLY B 278 28.97 12.57 -21.38
C GLY B 278 27.95 13.56 -20.83
N GLU B 279 27.17 13.12 -19.84
CA GLU B 279 26.13 13.95 -19.21
C GLU B 279 26.05 13.83 -17.69
N LEU B 280 25.56 14.90 -17.07
CA LEU B 280 25.40 14.99 -15.62
C LEU B 280 23.96 14.73 -15.20
N GLU B 281 23.67 13.48 -14.85
CA GLU B 281 22.35 13.09 -14.39
C GLU B 281 22.45 12.68 -12.92
N PRO B 282 21.37 12.87 -12.14
CA PRO B 282 21.37 12.54 -10.71
C PRO B 282 21.79 11.11 -10.38
N ARG B 283 21.33 10.15 -11.18
CA ARG B 283 21.64 8.73 -10.94
C ARG B 283 23.12 8.37 -11.13
N LEU B 284 23.94 9.36 -11.48
CA LEU B 284 25.38 9.15 -11.60
C LEU B 284 25.99 9.24 -10.20
N PHE B 285 25.26 9.88 -9.28
CA PHE B 285 25.71 10.07 -7.91
C PHE B 285 25.01 9.16 -6.91
N SER B 286 24.28 8.16 -7.42
CA SER B 286 23.57 7.19 -6.58
C SER B 286 24.40 5.94 -6.43
N PHE B 287 24.56 5.48 -5.19
CA PHE B 287 25.30 4.25 -4.91
C PHE B 287 24.40 3.01 -4.86
N ASN B 288 23.10 3.24 -5.07
CA ASN B 288 22.11 2.16 -5.16
C ASN B 288 21.70 1.98 -6.62
N SER B 289 22.62 2.35 -7.52
CA SER B 289 22.43 2.26 -8.96
C SER B 289 23.79 2.01 -9.61
N PRO B 290 23.94 0.93 -10.39
CA PRO B 290 25.23 0.67 -11.03
C PRO B 290 25.52 1.66 -12.15
N PHE B 291 24.58 2.58 -12.37
CA PHE B 291 24.72 3.62 -13.38
C PHE B 291 25.70 4.67 -12.86
N GLY B 292 26.01 4.62 -11.58
CA GLY B 292 26.99 5.52 -10.95
C GLY B 292 27.50 5.07 -9.58
N ALA B 293 27.72 3.77 -9.41
CA ALA B 293 28.19 3.19 -8.14
C ALA B 293 29.62 2.67 -8.27
N CYS B 294 30.31 2.54 -7.13
CA CYS B 294 31.69 2.06 -7.12
C CYS B 294 31.78 0.58 -7.48
N PRO B 295 32.64 0.22 -8.44
CA PRO B 295 32.77 -1.19 -8.83
C PRO B 295 33.32 -2.13 -7.75
N ASP B 296 34.39 -1.74 -7.07
CA ASP B 296 35.07 -2.62 -6.10
C ASP B 296 34.42 -2.73 -4.69
N CYS B 297 33.11 -2.53 -4.63
CA CYS B 297 32.35 -2.60 -3.38
C CYS B 297 30.83 -2.59 -3.58
N ASP B 298 30.39 -2.20 -4.79
CA ASP B 298 28.97 -2.13 -5.15
C ASP B 298 28.23 -1.19 -4.20
N GLY B 299 28.68 0.06 -4.17
CA GLY B 299 28.06 1.10 -3.36
C GLY B 299 27.97 0.88 -1.87
N LEU B 300 28.88 0.09 -1.31
CA LEU B 300 28.89 -0.17 0.13
C LEU B 300 29.81 0.82 0.84
N GLY B 301 30.98 1.04 0.27
CA GLY B 301 31.95 1.99 0.82
C GLY B 301 33.03 1.31 1.63
N ALA B 302 32.61 0.53 2.63
CA ALA B 302 33.56 -0.18 3.47
C ALA B 302 33.75 -1.61 2.95
N LYS B 303 35.00 -2.03 2.80
CA LYS B 303 35.33 -3.40 2.41
C LYS B 303 35.22 -4.18 3.73
N LEU B 304 35.78 -5.38 3.84
CA LEU B 304 35.66 -6.14 5.08
C LEU B 304 36.82 -7.15 5.21
N GLU B 305 37.76 -6.87 6.11
CA GLU B 305 38.91 -7.78 6.32
C GLU B 305 38.98 -8.28 7.76
N VAL B 306 39.92 -9.21 7.99
CA VAL B 306 40.14 -9.81 9.29
C VAL B 306 40.79 -8.81 10.25
N ASP B 307 40.46 -8.93 11.54
CA ASP B 307 41.02 -8.08 12.59
C ASP B 307 41.82 -8.92 13.59
N LEU B 308 43.00 -8.45 13.96
CA LEU B 308 43.88 -9.16 14.91
C LEU B 308 43.28 -9.22 16.31
N ASP B 309 42.46 -8.23 16.64
CA ASP B 309 41.83 -8.13 17.96
C ASP B 309 40.75 -9.21 18.17
N LEU B 310 39.83 -9.35 17.21
CA LEU B 310 38.75 -10.34 17.34
C LEU B 310 39.25 -11.78 17.38
N VAL B 311 40.32 -12.07 16.65
CA VAL B 311 40.88 -13.43 16.60
C VAL B 311 41.33 -13.90 17.99
N ILE B 312 41.89 -12.98 18.77
CA ILE B 312 42.34 -13.28 20.13
C ILE B 312 41.70 -12.28 21.11
N PRO B 313 40.59 -12.68 21.79
CA PRO B 313 39.88 -11.76 22.68
C PRO B 313 40.77 -11.20 23.80
N ASN B 314 41.12 -12.05 24.76
CA ASN B 314 42.05 -11.64 25.82
C ASN B 314 43.42 -12.09 25.39
N ASP B 315 44.35 -11.15 25.30
CA ASP B 315 45.73 -11.44 24.90
C ASP B 315 46.41 -12.38 25.90
N GLU B 316 45.73 -12.63 27.03
CA GLU B 316 46.23 -13.50 28.08
C GLU B 316 45.25 -14.67 28.30
N LEU B 317 45.41 -15.70 27.46
CA LEU B 317 44.58 -16.91 27.55
C LEU B 317 45.40 -18.15 27.23
N THR B 318 45.13 -19.22 27.97
CA THR B 318 45.80 -20.49 27.79
C THR B 318 45.42 -21.05 26.42
N LEU B 319 46.40 -21.17 25.53
CA LEU B 319 46.20 -21.67 24.17
C LEU B 319 45.64 -23.10 24.16
N LYS B 320 45.95 -23.87 25.22
CA LYS B 320 45.43 -25.22 25.41
C LYS B 320 43.90 -25.20 25.49
N GLU B 321 43.37 -24.22 26.22
CA GLU B 321 41.92 -24.07 26.40
C GLU B 321 41.34 -23.10 25.36
N HIS B 322 41.92 -23.15 24.16
CA HIS B 322 41.46 -22.36 23.02
C HIS B 322 41.56 -20.84 23.25
N ALA B 323 42.72 -20.28 22.89
CA ALA B 323 42.96 -18.85 23.00
C ALA B 323 42.51 -18.15 21.71
N ILE B 324 42.89 -18.72 20.57
CA ILE B 324 42.45 -18.18 19.28
C ILE B 324 41.01 -18.65 19.07
N ALA B 325 40.12 -17.69 18.83
CA ALA B 325 38.68 -17.95 18.72
C ALA B 325 38.19 -18.81 17.54
N PRO B 326 38.41 -18.35 16.29
CA PRO B 326 37.87 -19.10 15.14
C PRO B 326 38.17 -20.60 15.13
N TRP B 327 39.31 -20.99 15.70
CA TRP B 327 39.75 -22.39 15.74
C TRP B 327 39.38 -23.08 17.06
N GLU B 328 38.11 -22.98 17.43
CA GLU B 328 37.60 -23.63 18.65
C GLU B 328 36.78 -24.84 18.22
N PRO B 329 36.91 -25.97 18.94
CA PRO B 329 36.13 -27.19 18.65
C PRO B 329 34.67 -26.91 18.29
N GLN B 330 34.38 -26.96 16.99
CA GLN B 330 33.05 -26.73 16.46
C GLN B 330 32.27 -28.05 16.47
N SER B 331 32.26 -28.73 17.62
CA SER B 331 31.66 -30.07 17.77
C SER B 331 32.35 -31.08 16.84
N SER B 332 33.57 -30.77 16.44
CA SER B 332 34.39 -31.59 15.54
C SER B 332 35.79 -30.96 15.54
N GLN B 333 36.82 -31.76 15.80
CA GLN B 333 38.17 -31.23 15.95
C GLN B 333 39.17 -31.55 14.84
N TYR B 334 39.34 -30.60 13.93
CA TYR B 334 40.35 -30.65 12.88
C TYR B 334 41.37 -29.55 13.14
N TYR B 335 40.87 -28.31 13.21
CA TYR B 335 41.72 -27.13 13.44
C TYR B 335 42.43 -27.18 14.80
N PRO B 336 41.74 -27.67 15.86
CA PRO B 336 42.43 -27.82 17.15
C PRO B 336 43.65 -28.73 17.05
N GLN B 337 43.57 -29.76 16.21
CA GLN B 337 44.71 -30.66 16.00
C GLN B 337 45.79 -30.01 15.13
N LEU B 338 45.39 -29.26 14.10
CA LEU B 338 46.35 -28.58 13.23
C LEU B 338 47.16 -27.59 14.07
N LEU B 339 46.47 -26.87 14.96
CA LEU B 339 47.08 -25.91 15.88
C LEU B 339 48.22 -26.54 16.67
N GLU B 340 47.98 -27.75 17.17
CA GLU B 340 49.01 -28.47 17.92
C GLU B 340 50.19 -28.81 17.01
N ALA B 341 49.88 -29.23 15.77
CA ALA B 341 50.89 -29.58 14.78
C ALA B 341 51.87 -28.44 14.51
N VAL B 342 51.35 -27.21 14.50
CA VAL B 342 52.15 -26.01 14.27
C VAL B 342 52.95 -25.67 15.53
N CYS B 343 52.32 -25.82 16.68
CA CYS B 343 52.97 -25.52 17.97
C CYS B 343 54.07 -26.53 18.27
N ARG B 344 53.75 -27.81 18.09
CA ARG B 344 54.67 -28.90 18.34
C ARG B 344 55.92 -28.83 17.46
N HIS B 345 55.78 -28.29 16.25
CA HIS B 345 56.90 -28.14 15.31
C HIS B 345 57.79 -26.96 15.68
N TYR B 346 57.18 -25.80 15.91
CA TYR B 346 57.90 -24.57 16.26
C TYR B 346 58.27 -24.44 17.73
N GLY B 347 57.69 -25.29 18.58
CA GLY B 347 57.98 -25.28 20.02
C GLY B 347 57.18 -24.25 20.80
N ILE B 348 55.92 -24.09 20.42
CA ILE B 348 55.02 -23.14 21.07
C ILE B 348 54.31 -23.82 22.23
N PRO B 349 54.60 -23.41 23.47
CA PRO B 349 53.94 -24.06 24.61
C PRO B 349 52.41 -23.91 24.59
N MSE B 350 51.72 -25.04 24.65
CA MSE B 350 50.26 -25.11 24.58
C MSE B 350 49.56 -24.41 25.76
O MSE B 350 48.60 -23.67 25.55
CB MSE B 350 49.81 -26.57 24.53
CG MSE B 350 50.29 -27.38 23.32
SE MSE B 350 49.52 -26.80 21.61
CE MSE B 350 47.63 -26.98 22.02
N ASP B 351 50.04 -24.65 26.98
CA ASP B 351 49.38 -24.11 28.19
C ASP B 351 49.86 -22.74 28.68
N VAL B 352 50.71 -22.06 27.92
CA VAL B 352 51.23 -20.74 28.31
C VAL B 352 50.31 -19.60 27.86
N PRO B 353 50.15 -18.55 28.70
CA PRO B 353 49.35 -17.39 28.29
C PRO B 353 49.99 -16.70 27.09
N VAL B 354 49.18 -16.37 26.09
CA VAL B 354 49.69 -15.75 24.85
C VAL B 354 50.44 -14.42 25.06
N LYS B 355 50.13 -13.72 26.14
CA LYS B 355 50.74 -12.42 26.46
C LYS B 355 52.27 -12.55 26.63
N ASP B 356 52.72 -13.63 27.26
CA ASP B 356 54.15 -13.87 27.49
C ASP B 356 54.81 -14.82 26.47
N LEU B 357 54.23 -14.92 25.27
CA LEU B 357 54.80 -15.75 24.21
C LEU B 357 55.59 -14.89 23.23
N PRO B 358 56.82 -15.31 22.88
CA PRO B 358 57.64 -14.57 21.93
C PRO B 358 56.89 -14.16 20.66
N LYS B 359 57.28 -13.03 20.06
CA LYS B 359 56.60 -12.52 18.87
C LYS B 359 56.72 -13.45 17.67
N GLU B 360 57.87 -14.11 17.51
CA GLU B 360 58.05 -15.06 16.40
C GLU B 360 57.17 -16.31 16.57
N GLN B 361 57.07 -16.83 17.80
CA GLN B 361 56.22 -17.98 18.10
C GLN B 361 54.79 -17.73 17.61
N LEU B 362 54.29 -16.53 17.90
CA LEU B 362 52.95 -16.13 17.53
C LEU B 362 52.86 -15.76 16.02
N ASP B 363 53.94 -15.21 15.46
CA ASP B 363 53.95 -14.83 14.04
C ASP B 363 53.82 -16.03 13.10
N LYS B 364 54.32 -17.19 13.52
CA LYS B 364 54.23 -18.39 12.70
C LYS B 364 52.79 -18.93 12.69
N ILE B 365 52.17 -18.95 13.87
CA ILE B 365 50.81 -19.45 14.04
C ILE B 365 49.75 -18.60 13.34
N LEU B 366 49.84 -17.28 13.48
CA LEU B 366 48.85 -16.37 12.87
C LEU B 366 49.04 -16.16 11.36
N TYR B 367 50.28 -15.90 10.93
CA TYR B 367 50.55 -15.60 9.52
C TYR B 367 51.12 -16.73 8.66
N GLY B 368 51.55 -17.83 9.30
CA GLY B 368 52.06 -19.00 8.56
C GLY B 368 53.57 -19.19 8.60
N SER B 369 54.00 -20.35 8.12
CA SER B 369 55.42 -20.72 8.06
C SER B 369 56.16 -20.11 6.87
N GLY B 370 55.42 -19.54 5.92
CA GLY B 370 56.01 -18.92 4.74
C GLY B 370 56.62 -19.92 3.77
N GLY B 371 55.92 -21.04 3.56
CA GLY B 371 56.38 -22.07 2.64
C GLY B 371 57.07 -23.26 3.28
N GLU B 372 57.60 -23.10 4.49
CA GLU B 372 58.29 -24.20 5.18
C GLU B 372 57.30 -25.29 5.59
N PRO B 373 57.54 -26.55 5.15
CA PRO B 373 56.62 -27.64 5.47
C PRO B 373 56.56 -28.02 6.95
N ILE B 374 55.36 -28.34 7.42
CA ILE B 374 55.12 -28.75 8.80
C ILE B 374 54.47 -30.12 8.79
N TYR B 375 55.03 -31.07 9.55
CA TYR B 375 54.46 -32.42 9.60
C TYR B 375 53.16 -32.41 10.42
N PHE B 376 52.07 -32.88 9.80
CA PHE B 376 50.74 -32.82 10.39
C PHE B 376 49.91 -34.10 10.20
N ARG B 377 49.65 -34.80 11.31
CA ARG B 377 48.81 -36.00 11.31
C ARG B 377 47.60 -35.77 12.20
N TYR B 378 46.43 -36.24 11.75
CA TYR B 378 45.20 -36.01 12.51
C TYR B 378 44.23 -37.17 12.37
N THR B 379 43.34 -37.26 13.35
CA THR B 379 42.30 -38.28 13.38
C THR B 379 41.01 -37.67 12.88
N ASN B 380 40.41 -38.29 11.85
CA ASN B 380 39.12 -37.84 11.33
C ASN B 380 38.02 -38.07 12.36
N ASP B 381 36.86 -37.45 12.14
CA ASP B 381 35.72 -37.63 13.05
C ASP B 381 35.36 -39.12 13.15
N PHE B 382 35.66 -39.87 12.10
CA PHE B 382 35.41 -41.31 12.05
C PHE B 382 36.32 -42.07 13.01
N GLY B 383 37.58 -41.62 13.12
CA GLY B 383 38.56 -42.24 14.00
C GLY B 383 39.85 -42.65 13.33
N GLN B 384 39.88 -42.66 12.00
CA GLN B 384 41.10 -43.04 11.27
C GLN B 384 42.03 -41.85 11.08
N VAL B 385 43.34 -42.11 11.15
CA VAL B 385 44.36 -41.07 11.06
C VAL B 385 44.71 -40.74 9.60
N ARG B 386 45.20 -39.52 9.38
CA ARG B 386 45.66 -39.12 8.06
C ARG B 386 46.80 -38.10 8.14
N GLU B 387 48.01 -38.57 7.83
CA GLU B 387 49.24 -37.76 7.87
C GLU B 387 49.44 -36.99 6.56
N GLN B 388 49.79 -35.71 6.67
CA GLN B 388 50.01 -34.85 5.51
C GLN B 388 51.36 -34.15 5.67
N TYR B 389 51.62 -33.11 4.87
CA TYR B 389 52.90 -32.42 4.91
C TYR B 389 52.74 -30.98 4.37
N ILE B 390 51.65 -30.33 4.79
CA ILE B 390 51.30 -28.99 4.29
C ILE B 390 52.27 -27.87 4.70
N ALA B 391 52.27 -26.81 3.88
CA ALA B 391 53.07 -25.62 4.10
C ALA B 391 52.16 -24.57 4.75
N PHE B 392 51.77 -24.88 5.98
CA PHE B 392 50.87 -24.06 6.81
C PHE B 392 50.73 -22.59 6.39
N GLU B 393 49.49 -22.19 6.11
CA GLU B 393 49.17 -20.82 5.69
C GLU B 393 49.09 -19.83 6.84
N GLY B 394 48.71 -20.31 8.02
CA GLY B 394 48.55 -19.45 9.20
C GLY B 394 47.08 -19.36 9.57
N VAL B 395 46.79 -18.81 10.75
CA VAL B 395 45.40 -18.68 11.20
C VAL B 395 44.66 -17.51 10.53
N ILE B 396 45.37 -16.42 10.24
CA ILE B 396 44.73 -15.24 9.61
C ILE B 396 44.43 -15.45 8.13
N PRO B 397 45.43 -15.87 7.33
CA PRO B 397 45.11 -16.11 5.92
C PRO B 397 44.02 -17.17 5.77
N ASN B 398 43.97 -18.10 6.71
CA ASN B 398 42.97 -19.15 6.72
C ASN B 398 41.56 -18.58 6.77
N VAL B 399 41.35 -17.61 7.66
CA VAL B 399 40.04 -16.99 7.82
C VAL B 399 39.62 -16.15 6.61
N GLU B 400 40.56 -15.42 6.03
CA GLU B 400 40.30 -14.61 4.83
C GLU B 400 39.99 -15.51 3.63
N ARG B 401 40.72 -16.60 3.51
CA ARG B 401 40.57 -17.54 2.40
C ARG B 401 39.28 -18.38 2.51
N ARG B 402 38.89 -18.74 3.73
CA ARG B 402 37.67 -19.54 3.93
C ARG B 402 36.41 -18.69 3.74
N TYR B 403 36.49 -17.41 4.12
CA TYR B 403 35.38 -16.46 3.94
C TYR B 403 35.17 -16.13 2.47
N ARG B 404 36.27 -15.83 1.79
CA ARG B 404 36.30 -15.48 0.38
C ARG B 404 35.70 -16.56 -0.52
N GLU B 405 36.24 -17.77 -0.41
CA GLU B 405 35.87 -18.90 -1.28
C GLU B 405 34.46 -19.45 -1.18
N THR B 406 33.81 -19.33 -0.03
CA THR B 406 32.44 -19.86 0.12
C THR B 406 31.41 -18.93 -0.52
N SER B 407 30.36 -19.54 -1.08
CA SER B 407 29.26 -18.81 -1.70
C SER B 407 28.00 -19.11 -0.89
N SER B 408 28.11 -18.92 0.42
CA SER B 408 27.02 -19.23 1.35
C SER B 408 26.75 -18.07 2.31
N ASP B 409 25.49 -17.73 2.47
CA ASP B 409 25.07 -16.67 3.40
C ASP B 409 25.12 -17.15 4.85
N TYR B 410 25.55 -18.40 5.04
CA TYR B 410 25.68 -19.02 6.36
C TYR B 410 27.14 -19.16 6.77
N ILE B 411 27.98 -19.66 5.85
CA ILE B 411 29.39 -19.87 6.14
C ILE B 411 30.12 -18.52 6.31
N ARG B 412 29.80 -17.54 5.47
CA ARG B 412 30.42 -16.22 5.59
C ARG B 412 30.20 -15.64 6.98
N GLU B 413 28.94 -15.65 7.42
CA GLU B 413 28.55 -15.08 8.72
C GLU B 413 29.28 -15.68 9.94
N GLN B 414 29.80 -16.90 9.80
CA GLN B 414 30.59 -17.55 10.86
C GLN B 414 32.00 -16.95 10.90
N MSE B 415 32.46 -16.45 9.75
CA MSE B 415 33.78 -15.83 9.61
C MSE B 415 33.72 -14.31 9.76
O MSE B 415 34.73 -13.67 10.04
CB MSE B 415 34.38 -16.24 8.26
CG MSE B 415 34.52 -17.75 8.10
SE MSE B 415 35.94 -18.54 9.21
CE MSE B 415 37.41 -18.16 8.04
N GLU B 416 32.53 -13.72 9.58
CA GLU B 416 32.35 -12.29 9.76
C GLU B 416 32.48 -11.88 11.23
N LYS B 417 32.31 -12.84 12.13
CA LYS B 417 32.43 -12.58 13.57
C LYS B 417 33.86 -12.26 14.01
N TYR B 418 34.84 -12.54 13.15
CA TYR B 418 36.24 -12.28 13.44
C TYR B 418 36.83 -11.25 12.48
N MSE B 419 35.95 -10.51 11.80
CA MSE B 419 36.35 -9.48 10.84
C MSE B 419 35.71 -8.14 11.19
O MSE B 419 34.80 -8.07 12.03
CB MSE B 419 35.93 -9.89 9.42
CG MSE B 419 36.62 -11.14 8.88
SE MSE B 419 36.14 -11.55 7.02
CE MSE B 419 34.27 -12.00 7.23
N ALA B 420 36.19 -7.08 10.55
CA ALA B 420 35.69 -5.73 10.75
C ALA B 420 35.75 -4.95 9.45
N GLU B 421 34.97 -3.88 9.35
CA GLU B 421 34.93 -3.07 8.14
C GLU B 421 36.13 -2.13 8.02
N GLN B 422 36.52 -1.86 6.78
CA GLN B 422 37.63 -0.96 6.46
C GLN B 422 37.27 -0.11 5.26
N PRO B 423 37.64 1.19 5.27
CA PRO B 423 37.31 2.03 4.13
C PRO B 423 37.88 1.48 2.82
N CYS B 424 37.00 1.36 1.81
CA CYS B 424 37.38 0.87 0.48
C CYS B 424 38.51 1.69 -0.13
N PRO B 425 39.56 1.02 -0.62
CA PRO B 425 40.71 1.72 -1.19
C PRO B 425 40.43 2.47 -2.51
N THR B 426 39.48 1.99 -3.31
CA THR B 426 39.14 2.65 -4.57
C THR B 426 38.31 3.92 -4.36
N CYS B 427 37.10 3.76 -3.82
CA CYS B 427 36.20 4.89 -3.59
C CYS B 427 36.48 5.69 -2.32
N GLN B 428 37.59 5.39 -1.64
CA GLN B 428 37.96 6.10 -0.41
C GLN B 428 36.85 6.08 0.65
N GLY B 429 35.87 5.19 0.49
CA GLY B 429 34.72 5.10 1.40
C GLY B 429 33.54 6.00 1.01
N TYR B 430 33.64 6.70 -0.13
CA TYR B 430 32.58 7.60 -0.59
C TYR B 430 31.51 6.92 -1.43
N ARG B 431 31.73 5.63 -1.73
CA ARG B 431 30.73 4.76 -2.38
C ARG B 431 30.35 5.02 -3.84
N LEU B 432 31.04 5.93 -4.52
CA LEU B 432 30.70 6.22 -5.93
C LEU B 432 31.87 5.97 -6.88
N LYS B 433 31.59 6.04 -8.19
CA LYS B 433 32.63 5.87 -9.21
C LYS B 433 33.71 6.92 -9.00
N LYS B 434 34.85 6.74 -9.66
CA LYS B 434 35.95 7.70 -9.58
C LYS B 434 35.59 8.99 -10.34
N GLU B 435 34.88 8.83 -11.46
CA GLU B 435 34.42 10.00 -12.23
C GLU B 435 33.17 10.64 -11.62
N SER B 436 32.55 9.97 -10.65
CA SER B 436 31.39 10.53 -9.95
C SER B 436 31.88 11.51 -8.88
N LEU B 437 33.05 11.22 -8.32
CA LEU B 437 33.68 12.08 -7.34
C LEU B 437 34.44 13.21 -8.03
N ALA B 438 34.57 13.12 -9.34
CA ALA B 438 35.23 14.15 -10.14
C ALA B 438 34.36 15.40 -10.30
N VAL B 439 33.07 15.31 -9.97
CA VAL B 439 32.18 16.47 -10.06
C VAL B 439 32.04 17.09 -8.68
N LEU B 440 32.50 18.34 -8.55
CA LEU B 440 32.48 19.07 -7.28
C LEU B 440 31.63 20.33 -7.38
N VAL B 441 31.07 20.75 -6.24
CA VAL B 441 30.19 21.93 -6.16
C VAL B 441 30.91 23.14 -5.57
N GLY B 442 31.09 23.16 -4.26
CA GLY B 442 31.78 24.28 -3.59
C GLY B 442 33.22 23.90 -3.30
N GLY B 443 33.90 23.32 -4.28
CA GLY B 443 35.27 22.85 -4.12
C GLY B 443 35.33 21.42 -3.60
N LYS B 444 34.24 20.97 -2.97
CA LYS B 444 34.15 19.63 -2.42
C LYS B 444 33.22 18.79 -3.28
N HIS B 445 33.39 17.47 -3.23
CA HIS B 445 32.55 16.56 -4.02
C HIS B 445 31.39 15.98 -3.21
N ILE B 446 30.51 15.27 -3.90
CA ILE B 446 29.30 14.66 -3.31
C ILE B 446 29.58 13.86 -2.03
N GLY B 447 30.68 13.13 -2.01
CA GLY B 447 31.05 12.32 -0.86
C GLY B 447 31.52 13.11 0.34
N GLU B 448 32.25 14.20 0.10
CA GLU B 448 32.79 15.01 1.18
C GLU B 448 31.68 15.75 1.91
N VAL B 449 30.67 16.18 1.17
CA VAL B 449 29.52 16.90 1.74
C VAL B 449 28.64 15.95 2.58
N THR B 450 28.51 14.71 2.09
CA THR B 450 27.77 13.67 2.80
C THR B 450 28.48 13.30 4.09
N ALA B 451 29.81 13.38 4.06
CA ALA B 451 30.65 13.05 5.22
C ALA B 451 30.58 14.08 6.35
N MSE B 452 30.09 15.29 6.04
CA MSE B 452 30.00 16.36 7.03
C MSE B 452 28.84 16.08 7.98
O MSE B 452 27.89 15.40 7.63
CB MSE B 452 29.75 17.73 6.38
CG MSE B 452 30.66 18.04 5.20
SE MSE B 452 30.63 19.87 4.49
CE MSE B 452 31.87 20.74 5.77
N SER B 453 28.95 16.62 9.19
CA SER B 453 27.86 16.52 10.17
C SER B 453 26.80 17.50 9.71
N VAL B 454 25.60 17.44 10.30
CA VAL B 454 24.53 18.35 9.89
C VAL B 454 24.97 19.80 10.09
N THR B 455 25.66 20.09 11.19
CA THR B 455 26.13 21.46 11.45
C THR B 455 27.13 21.88 10.39
N GLU B 456 28.26 21.15 10.30
CA GLU B 456 29.30 21.44 9.30
C GLU B 456 28.72 21.69 7.90
N ALA B 457 27.83 20.81 7.47
CA ALA B 457 27.19 20.92 6.15
C ALA B 457 26.19 22.06 6.08
N LEU B 458 25.64 22.47 7.22
CA LEU B 458 24.70 23.58 7.25
C LEU B 458 25.48 24.88 7.11
N ALA B 459 26.66 24.93 7.76
CA ALA B 459 27.55 26.08 7.66
C ALA B 459 28.11 26.18 6.24
N PHE B 460 28.34 25.02 5.63
CA PHE B 460 28.87 24.94 4.27
C PHE B 460 27.93 25.58 3.24
N PHE B 461 26.65 25.27 3.34
CA PHE B 461 25.66 25.80 2.40
C PHE B 461 25.35 27.28 2.58
N ASP B 462 25.77 27.87 3.71
CA ASP B 462 25.61 29.29 3.93
C ASP B 462 26.76 29.99 3.20
N GLY B 463 27.97 29.46 3.36
CA GLY B 463 29.18 30.00 2.72
C GLY B 463 29.42 29.58 1.27
N LEU B 464 28.49 28.83 0.68
CA LEU B 464 28.61 28.42 -0.71
C LEU B 464 28.39 29.65 -1.60
N GLU B 465 29.42 30.01 -2.35
CA GLU B 465 29.39 31.19 -3.21
C GLU B 465 29.18 30.78 -4.68
N LEU B 466 27.94 30.87 -5.16
CA LEU B 466 27.59 30.49 -6.52
C LEU B 466 27.43 31.72 -7.41
N THR B 467 27.31 31.51 -8.73
CA THR B 467 27.12 32.61 -9.69
C THR B 467 25.63 32.96 -9.84
N GLU B 468 25.30 33.80 -10.81
CA GLU B 468 23.91 34.17 -11.09
C GLU B 468 23.20 32.96 -11.69
N LYS B 469 23.85 32.37 -12.70
CA LYS B 469 23.34 31.18 -13.40
C LYS B 469 23.11 30.02 -12.45
N GLU B 470 24.08 29.77 -11.58
CA GLU B 470 24.00 28.65 -10.63
C GLU B 470 22.91 28.83 -9.58
N ALA B 471 22.90 30.00 -8.92
CA ALA B 471 21.92 30.28 -7.86
C ALA B 471 20.50 30.34 -8.37
N GLN B 472 20.33 30.74 -9.64
CA GLN B 472 19.01 30.82 -10.25
C GLN B 472 18.45 29.42 -10.60
N ILE B 473 19.34 28.44 -10.80
CA ILE B 473 18.94 27.07 -11.12
C ILE B 473 18.71 26.27 -9.84
N ALA B 474 19.74 26.23 -9.00
CA ALA B 474 19.69 25.50 -7.74
C ALA B 474 18.84 26.17 -6.66
N ARG B 475 18.24 27.33 -6.97
CA ARG B 475 17.41 28.09 -6.03
C ARG B 475 16.59 27.23 -5.06
N LEU B 476 15.81 26.30 -5.62
CA LEU B 476 14.88 25.47 -4.85
C LEU B 476 15.53 24.20 -4.31
N ILE B 477 16.53 23.70 -5.03
CA ILE B 477 17.27 22.51 -4.60
C ILE B 477 18.08 22.86 -3.35
N LEU B 478 18.67 24.04 -3.34
CA LEU B 478 19.48 24.52 -2.19
C LEU B 478 18.64 24.78 -0.95
N ARG B 479 17.49 25.45 -1.13
CA ARG B 479 16.60 25.77 -0.01
C ARG B 479 16.02 24.50 0.60
N GLU B 480 15.89 23.47 -0.22
CA GLU B 480 15.37 22.18 0.21
C GLU B 480 16.38 21.52 1.17
N ILE B 481 17.65 21.55 0.80
CA ILE B 481 18.73 21.00 1.61
C ILE B 481 18.92 21.81 2.90
N ARG B 482 18.66 23.10 2.82
CA ARG B 482 18.82 24.01 3.95
C ARG B 482 17.70 23.83 4.99
N ASP B 483 16.49 23.53 4.51
CA ASP B 483 15.36 23.32 5.42
C ASP B 483 15.45 21.95 6.09
N ARG B 484 15.86 20.92 5.33
CA ARG B 484 16.03 19.58 5.90
C ARG B 484 17.14 19.51 6.94
N LEU B 485 18.27 20.14 6.66
CA LEU B 485 19.35 20.21 7.64
C LEU B 485 18.84 20.96 8.86
N GLY B 486 18.06 22.02 8.61
CA GLY B 486 17.46 22.81 9.67
C GLY B 486 16.53 22.01 10.55
N PHE B 487 15.65 21.21 9.93
CA PHE B 487 14.72 20.38 10.71
C PHE B 487 15.50 19.45 11.60
N LEU B 488 16.44 18.70 11.01
CA LEU B 488 17.29 17.81 11.78
C LEU B 488 17.92 18.53 12.96
N GLN B 489 18.45 19.73 12.71
CA GLN B 489 19.08 20.53 13.76
C GLN B 489 18.08 20.86 14.87
N ASN B 490 16.82 21.12 14.48
CA ASN B 490 15.77 21.42 15.43
C ASN B 490 15.44 20.25 16.33
N VAL B 491 15.29 19.07 15.72
CA VAL B 491 14.95 17.87 16.46
C VAL B 491 16.15 17.34 17.31
N GLY B 492 17.28 18.04 17.27
CA GLY B 492 18.45 17.71 18.09
C GLY B 492 19.41 16.66 17.55
N LEU B 493 19.42 16.49 16.23
CA LEU B 493 20.27 15.50 15.56
C LEU B 493 21.41 16.13 14.74
N ASP B 494 21.75 17.38 15.03
CA ASP B 494 22.80 18.07 14.26
C ASP B 494 24.22 17.52 14.41
N TYR B 495 24.40 16.55 15.30
CA TYR B 495 25.71 15.94 15.55
C TYR B 495 26.06 14.79 14.59
N LEU B 496 25.06 14.17 13.97
CA LEU B 496 25.32 13.02 13.09
C LEU B 496 25.43 13.41 11.61
N THR B 497 26.30 12.70 10.91
CA THR B 497 26.58 12.98 9.51
C THR B 497 25.57 12.34 8.57
N LEU B 498 25.46 12.92 7.37
CA LEU B 498 24.57 12.38 6.35
C LEU B 498 25.06 11.04 5.83
N SER B 499 26.34 10.74 6.06
CA SER B 499 26.97 9.48 5.63
C SER B 499 26.71 8.31 6.59
N ARG B 500 26.35 8.64 7.81
CA ARG B 500 26.07 7.66 8.87
C ARG B 500 25.05 6.60 8.45
N SER B 501 25.41 5.33 8.62
CA SER B 501 24.54 4.19 8.28
C SER B 501 23.24 4.22 9.10
N ALA B 502 22.13 3.88 8.45
CA ALA B 502 20.80 3.91 9.09
C ALA B 502 20.64 2.92 10.23
N GLY B 503 21.09 1.69 10.01
CA GLY B 503 20.97 0.63 11.01
C GLY B 503 21.83 0.74 12.26
N THR B 504 22.46 1.90 12.46
CA THR B 504 23.31 2.15 13.64
C THR B 504 22.74 3.29 14.47
N LEU B 505 21.48 3.67 14.21
CA LEU B 505 20.83 4.76 14.94
C LEU B 505 20.03 4.22 16.14
N SER B 506 19.94 5.01 17.19
CA SER B 506 19.18 4.64 18.39
C SER B 506 17.69 4.77 18.12
N GLY B 507 16.88 4.24 19.03
CA GLY B 507 15.42 4.32 18.91
C GLY B 507 14.97 5.77 18.77
N GLY B 508 15.46 6.61 19.67
CA GLY B 508 15.14 8.03 19.67
C GLY B 508 15.67 8.73 18.42
N GLU B 509 16.88 8.38 18.02
CA GLU B 509 17.49 8.97 16.82
C GLU B 509 16.62 8.72 15.59
N ALA B 510 16.30 7.46 15.33
CA ALA B 510 15.49 7.07 14.18
C ALA B 510 14.12 7.76 14.18
N GLN B 511 13.48 7.72 15.34
CA GLN B 511 12.16 8.30 15.55
C GLN B 511 12.13 9.78 15.18
N ARG B 512 13.17 10.49 15.58
CA ARG B 512 13.27 11.92 15.29
C ARG B 512 13.72 12.20 13.84
N ILE B 513 14.46 11.27 13.23
CA ILE B 513 14.86 11.44 11.82
C ILE B 513 13.60 11.33 10.98
N ARG B 514 12.71 10.40 11.35
CA ARG B 514 11.42 10.27 10.69
C ARG B 514 10.55 11.51 10.94
N LEU B 515 10.62 12.05 12.16
CA LEU B 515 9.86 13.26 12.52
C LEU B 515 10.33 14.47 11.75
N ALA B 516 11.63 14.55 11.47
CA ALA B 516 12.21 15.65 10.70
C ALA B 516 11.82 15.48 9.23
N THR B 517 12.03 14.28 8.72
CA THR B 517 11.70 13.93 7.34
C THR B 517 10.23 14.22 7.04
N GLN B 518 9.40 14.12 8.06
CA GLN B 518 7.98 14.35 7.87
C GLN B 518 7.68 15.84 7.85
N ILE B 519 8.30 16.60 8.76
CA ILE B 519 8.15 18.06 8.76
C ILE B 519 8.40 18.61 7.36
N GLY B 520 9.34 17.98 6.65
CA GLY B 520 9.69 18.33 5.29
C GLY B 520 8.64 18.08 4.23
N SER B 521 7.69 17.19 4.50
CA SER B 521 6.62 16.91 3.53
C SER B 521 5.56 18.02 3.47
N ARG B 522 5.56 18.90 4.46
CA ARG B 522 4.66 20.06 4.49
C ARG B 522 3.21 19.70 4.13
N LEU B 523 2.66 18.69 4.79
CA LEU B 523 1.27 18.28 4.51
C LEU B 523 0.28 19.03 5.39
N THR B 524 -1.00 18.93 5.03
CA THR B 524 -2.06 19.60 5.79
C THR B 524 -3.25 18.67 5.92
N GLY B 525 -4.06 18.87 6.96
CA GLY B 525 -5.25 18.07 7.22
C GLY B 525 -4.94 16.61 7.49
N VAL B 526 -3.78 16.36 8.08
CA VAL B 526 -3.35 15.03 8.42
C VAL B 526 -3.39 14.87 9.93
N LEU B 527 -3.62 13.64 10.37
CA LEU B 527 -3.66 13.32 11.78
C LEU B 527 -2.35 12.65 12.17
N TYR B 528 -1.37 13.45 12.55
CA TYR B 528 -0.09 12.93 13.01
C TYR B 528 -0.26 12.39 14.42
N VAL B 529 0.25 11.17 14.66
CA VAL B 529 0.17 10.53 15.96
C VAL B 529 1.57 10.12 16.41
N LEU B 530 2.17 10.90 17.31
CA LEU B 530 3.52 10.65 17.78
C LEU B 530 3.56 9.85 19.07
N ASP B 531 4.65 9.10 19.23
CA ASP B 531 4.88 8.23 20.39
C ASP B 531 6.12 8.63 21.19
N GLU B 532 5.92 9.52 22.15
CA GLU B 532 6.99 9.93 23.07
C GLU B 532 8.24 10.39 22.28
N PRO B 533 8.15 11.55 21.60
CA PRO B 533 9.25 12.07 20.78
C PRO B 533 10.44 12.63 21.55
N SER B 534 10.35 12.76 22.88
CA SER B 534 11.48 13.25 23.67
C SER B 534 12.51 12.15 24.00
N ILE B 535 12.15 10.88 23.76
CA ILE B 535 13.05 9.74 24.01
C ILE B 535 14.44 9.97 23.42
N GLY B 536 15.47 9.91 24.27
CA GLY B 536 16.85 10.12 23.84
C GLY B 536 17.18 11.56 23.45
N LEU B 537 16.46 12.51 24.04
CA LEU B 537 16.66 13.94 23.78
C LEU B 537 16.80 14.61 25.15
N HIS B 538 17.77 15.52 25.29
CA HIS B 538 18.05 16.20 26.56
C HIS B 538 16.96 17.19 26.90
N GLN B 539 16.89 17.62 28.16
CA GLN B 539 15.85 18.56 28.57
C GLN B 539 16.08 19.90 27.88
N ARG B 540 17.34 20.31 27.74
CA ARG B 540 17.69 21.55 27.05
C ARG B 540 17.03 21.68 25.68
N ASP B 541 17.12 20.61 24.90
CA ASP B 541 16.61 20.61 23.53
C ASP B 541 15.12 20.24 23.44
N ASN B 542 14.39 20.38 24.54
CA ASN B 542 12.96 20.03 24.57
C ASN B 542 12.07 21.20 24.16
N ASP B 543 12.53 22.43 24.38
CA ASP B 543 11.77 23.62 23.98
C ASP B 543 11.70 23.80 22.46
N ARG B 544 12.65 23.22 21.72
CA ARG B 544 12.62 23.30 20.27
C ARG B 544 11.67 22.24 19.75
N LEU B 545 11.69 21.05 20.37
CA LEU B 545 10.78 19.97 19.99
C LEU B 545 9.33 20.43 20.15
N ILE B 546 9.07 21.19 21.21
CA ILE B 546 7.74 21.77 21.42
C ILE B 546 7.49 22.83 20.36
N ALA B 547 8.54 23.52 19.95
CA ALA B 547 8.43 24.55 18.92
C ALA B 547 8.11 23.95 17.54
N THR B 548 8.77 22.85 17.19
CA THR B 548 8.56 22.20 15.89
C THR B 548 7.22 21.47 15.82
N LEU B 549 6.80 20.85 16.92
CA LEU B 549 5.51 20.16 16.95
C LEU B 549 4.36 21.15 16.70
N LYS B 550 4.44 22.31 17.34
CA LYS B 550 3.43 23.36 17.17
C LYS B 550 3.48 23.97 15.77
N SER B 551 4.66 24.03 15.16
CA SER B 551 4.83 24.58 13.82
C SER B 551 4.14 23.68 12.80
N MSE B 552 4.27 22.38 13.03
CA MSE B 552 3.65 21.32 12.23
C MSE B 552 2.12 21.34 12.45
O MSE B 552 1.35 21.12 11.51
CB MSE B 552 4.29 19.99 12.61
CG MSE B 552 3.61 18.73 12.18
SE MSE B 552 4.72 17.19 12.71
CE MSE B 552 5.74 16.96 11.03
N ARG B 553 1.72 21.60 13.69
CA ARG B 553 0.31 21.74 14.05
C ARG B 553 -0.27 22.97 13.37
N ASP B 554 0.41 24.10 13.50
CA ASP B 554 0.00 25.36 12.88
C ASP B 554 -0.06 25.29 11.36
N LEU B 555 0.55 24.27 10.79
CA LEU B 555 0.54 24.09 9.35
C LEU B 555 -0.81 23.51 8.86
N GLY B 556 -1.81 23.46 9.75
CA GLY B 556 -3.16 22.99 9.43
C GLY B 556 -3.42 21.54 9.82
N ASN B 557 -2.57 20.98 10.66
CA ASN B 557 -2.68 19.60 11.09
C ASN B 557 -3.11 19.50 12.55
N THR B 558 -3.31 18.26 13.01
CA THR B 558 -3.66 17.99 14.40
C THR B 558 -2.75 16.90 14.94
N LEU B 559 -2.10 17.17 16.07
CA LEU B 559 -1.21 16.17 16.64
C LEU B 559 -1.83 15.48 17.86
N ILE B 560 -1.43 14.23 18.04
CA ILE B 560 -1.87 13.41 19.16
C ILE B 560 -0.60 12.76 19.66
N VAL B 561 0.05 13.38 20.65
CA VAL B 561 1.32 12.86 21.16
C VAL B 561 1.08 12.02 22.41
N VAL B 562 1.91 11.00 22.59
CA VAL B 562 1.84 10.11 23.74
C VAL B 562 3.06 10.36 24.61
N GLU B 563 2.99 11.36 25.47
CA GLU B 563 4.11 11.75 26.34
C GLU B 563 3.93 11.47 27.85
N HIS B 564 5.05 11.55 28.56
CA HIS B 564 5.08 11.45 30.01
C HIS B 564 5.83 12.64 30.62
N ASP B 565 6.30 13.55 29.77
CA ASP B 565 7.07 14.73 30.16
C ASP B 565 6.18 15.87 30.65
N GLU B 566 6.60 16.57 31.70
CA GLU B 566 5.84 17.71 32.21
C GLU B 566 5.82 18.86 31.22
N ASP B 567 7.01 19.30 30.82
CA ASP B 567 7.17 20.45 29.93
C ASP B 567 6.24 20.44 28.71
N THR B 568 6.15 19.29 28.04
CA THR B 568 5.31 19.14 26.86
C THR B 568 3.82 19.20 27.21
N MSE B 569 3.44 18.53 28.28
CA MSE B 569 2.04 18.51 28.73
C MSE B 569 1.52 19.90 29.11
O MSE B 569 0.34 20.20 28.94
CB MSE B 569 1.87 17.58 29.93
CG MSE B 569 2.08 16.11 29.64
SE MSE B 569 2.06 15.08 31.31
CE MSE B 569 0.23 15.48 31.88
N LEU B 570 2.40 20.73 29.66
CA LEU B 570 2.04 22.09 30.03
C LEU B 570 1.84 22.97 28.79
N ALA B 571 2.61 22.68 27.74
CA ALA B 571 2.55 23.44 26.48
C ALA B 571 1.50 22.91 25.49
N ALA B 572 0.84 21.80 25.84
CA ALA B 572 -0.22 21.24 24.99
C ALA B 572 -1.50 22.05 25.14
N ASP B 573 -2.29 22.11 24.08
CA ASP B 573 -3.55 22.85 24.09
C ASP B 573 -4.62 22.08 24.85
N TYR B 574 -4.69 20.78 24.58
CA TYR B 574 -5.64 19.88 25.21
C TYR B 574 -4.82 18.74 25.78
N LEU B 575 -5.37 18.08 26.80
CA LEU B 575 -4.67 16.99 27.46
C LEU B 575 -5.67 15.93 27.92
N ILE B 576 -5.40 14.67 27.56
CA ILE B 576 -6.28 13.57 27.92
C ILE B 576 -5.53 12.59 28.80
N ASP B 577 -6.05 12.35 30.00
CA ASP B 577 -5.46 11.39 30.92
C ASP B 577 -6.28 10.12 30.78
N ILE B 578 -5.62 8.97 30.72
CA ILE B 578 -6.30 7.69 30.55
C ILE B 578 -6.31 6.76 31.76
N GLY B 579 -7.47 6.14 31.95
CA GLY B 579 -7.83 5.17 33.00
C GLY B 579 -6.99 5.09 34.25
N PRO B 580 -7.65 5.14 35.42
CA PRO B 580 -6.84 5.03 36.62
C PRO B 580 -6.26 3.62 36.67
N GLY B 581 -4.96 3.53 36.92
CA GLY B 581 -4.30 2.22 36.96
C GLY B 581 -4.09 1.68 35.56
N ALA B 582 -3.55 0.47 35.47
CA ALA B 582 -3.26 -0.16 34.17
C ALA B 582 -3.82 -1.58 34.08
N GLY B 583 -4.05 -2.01 32.84
CA GLY B 583 -4.58 -3.34 32.56
C GLY B 583 -6.10 -3.37 32.66
N ILE B 584 -6.61 -4.31 33.44
CA ILE B 584 -8.05 -4.43 33.67
C ILE B 584 -8.54 -3.27 34.54
N HIS B 585 -7.59 -2.53 35.14
CA HIS B 585 -7.92 -1.40 36.03
C HIS B 585 -8.16 -0.08 35.28
N GLY B 586 -7.30 0.24 34.33
CA GLY B 586 -7.43 1.47 33.53
C GLY B 586 -8.35 1.26 32.34
N GLY B 587 -8.02 1.91 31.23
CA GLY B 587 -8.80 1.81 30.00
C GLY B 587 -10.04 2.69 29.93
N GLU B 588 -10.05 3.78 30.67
CA GLU B 588 -11.18 4.73 30.70
C GLU B 588 -10.60 6.14 30.60
N VAL B 589 -11.43 7.13 30.25
CA VAL B 589 -10.93 8.51 30.19
C VAL B 589 -11.16 9.19 31.56
N VAL B 590 -10.09 9.28 32.35
CA VAL B 590 -10.13 9.83 33.70
C VAL B 590 -10.47 11.31 33.74
N ALA B 591 -9.83 12.08 32.86
CA ALA B 591 -10.05 13.52 32.79
C ALA B 591 -9.50 14.08 31.48
N ALA B 592 -10.27 14.99 30.88
CA ALA B 592 -9.87 15.64 29.65
C ALA B 592 -10.16 17.13 29.77
N GLY B 593 -9.27 17.95 29.22
CA GLY B 593 -9.39 19.40 29.27
C GLY B 593 -8.05 20.07 29.10
N THR B 594 -8.00 21.38 29.34
CA THR B 594 -6.75 22.14 29.23
C THR B 594 -5.81 21.67 30.35
N PRO B 595 -4.49 21.89 30.18
CA PRO B 595 -3.56 21.42 31.22
C PRO B 595 -3.84 22.03 32.59
N GLU B 596 -4.41 23.24 32.61
CA GLU B 596 -4.76 23.93 33.86
C GLU B 596 -5.91 23.18 34.55
N GLU B 597 -6.90 22.80 33.75
CA GLU B 597 -8.08 22.04 34.22
C GLU B 597 -7.69 20.67 34.72
N VAL B 598 -6.94 19.92 33.92
CA VAL B 598 -6.48 18.58 34.28
C VAL B 598 -5.58 18.65 35.51
N MSE B 599 -4.77 19.70 35.60
CA MSE B 599 -3.87 19.91 36.73
C MSE B 599 -4.65 20.15 38.04
O MSE B 599 -4.17 19.80 39.12
CB MSE B 599 -2.92 21.09 36.45
CG MSE B 599 -1.75 21.22 37.41
SE MSE B 599 -0.45 22.61 36.88
CE MSE B 599 -1.44 24.19 37.51
N ASN B 600 -5.84 20.75 37.93
CA ASN B 600 -6.67 21.01 39.10
C ASN B 600 -7.79 19.97 39.31
N ASP B 601 -7.70 18.85 38.60
CA ASP B 601 -8.69 17.77 38.72
C ASP B 601 -8.20 16.78 39.79
N PRO B 602 -8.95 16.61 40.89
CA PRO B 602 -8.52 15.69 41.94
C PRO B 602 -8.50 14.21 41.52
N ASN B 603 -9.30 13.85 40.53
CA ASN B 603 -9.40 12.46 40.07
C ASN B 603 -8.37 12.04 39.02
N SER B 604 -7.53 12.98 38.58
CA SER B 604 -6.48 12.69 37.59
C SER B 604 -5.20 12.27 38.31
N LEU B 605 -4.71 11.06 38.02
CA LEU B 605 -3.48 10.59 38.65
C LEU B 605 -2.33 11.46 38.16
N THR B 606 -2.33 11.78 36.86
CA THR B 606 -1.33 12.66 36.28
C THR B 606 -1.47 14.09 36.81
N GLY B 607 -2.70 14.57 36.85
CA GLY B 607 -3.01 15.91 37.36
C GLY B 607 -2.40 16.20 38.71
N GLN B 608 -2.44 15.22 39.62
CA GLN B 608 -1.88 15.38 40.96
C GLN B 608 -0.35 15.59 40.90
N TYR B 609 0.32 14.87 40.01
CA TYR B 609 1.77 15.02 39.82
C TYR B 609 2.15 16.37 39.21
N LEU B 610 1.27 16.92 38.38
CA LEU B 610 1.53 18.21 37.73
C LEU B 610 1.47 19.38 38.72
N SER B 611 0.46 19.39 39.59
CA SER B 611 0.31 20.48 40.56
C SER B 611 1.32 20.39 41.71
N GLY B 612 1.85 19.19 41.98
CA GLY B 612 2.83 18.97 43.05
C GLY B 612 2.29 18.19 44.24
N LYS B 613 1.00 17.83 44.19
CA LYS B 613 0.35 17.07 45.26
C LYS B 613 0.90 15.65 45.39
N LYS B 614 1.61 15.18 44.38
CA LYS B 614 2.25 13.86 44.40
C LYS B 614 3.51 13.95 43.54
N PHE B 615 4.65 13.46 44.04
CA PHE B 615 5.93 13.59 43.33
C PHE B 615 6.99 12.59 43.79
N ILE B 616 8.10 12.54 43.06
CA ILE B 616 9.22 11.66 43.39
C ILE B 616 10.11 12.35 44.42
N PRO B 617 10.33 11.71 45.59
CA PRO B 617 11.12 12.30 46.67
C PRO B 617 12.64 12.14 46.54
N ILE B 618 13.37 13.18 46.95
CA ILE B 618 14.82 13.19 46.91
C ILE B 618 15.38 12.49 48.15
N PRO B 619 16.29 11.51 47.97
CA PRO B 619 16.89 10.84 49.12
C PRO B 619 17.54 11.84 50.10
N ALA B 620 17.14 11.79 51.37
CA ALA B 620 17.67 12.69 52.40
C ALA B 620 19.19 12.66 52.48
N GLU B 621 19.77 11.48 52.32
CA GLU B 621 21.21 11.27 52.32
C GLU B 621 21.52 10.46 51.07
N ARG B 622 22.74 10.55 50.56
CA ARG B 622 23.13 9.81 49.36
C ARG B 622 24.26 8.85 49.64
N ARG B 623 24.29 7.74 48.90
CA ARG B 623 25.31 6.71 49.06
C ARG B 623 26.69 7.24 48.72
N ARG B 624 27.44 7.64 49.74
CA ARG B 624 28.80 8.12 49.56
C ARG B 624 29.63 6.96 49.02
N PRO B 625 30.43 7.20 47.98
CA PRO B 625 31.23 6.11 47.43
C PRO B 625 32.35 5.67 48.35
N ASP B 626 32.95 4.54 48.04
CA ASP B 626 34.05 3.97 48.82
C ASP B 626 35.29 3.76 47.94
N GLY B 627 36.26 2.96 48.40
CA GLY B 627 37.48 2.71 47.64
C GLY B 627 37.34 1.92 46.34
N ARG B 628 36.16 1.33 46.13
CA ARG B 628 35.91 0.52 44.94
C ARG B 628 35.60 1.41 43.73
N TRP B 629 36.54 1.51 42.79
CA TRP B 629 36.37 2.32 41.59
C TRP B 629 36.81 1.61 40.32
N LEU B 630 36.02 1.75 39.26
CA LEU B 630 36.43 1.32 37.92
C LEU B 630 37.18 2.52 37.38
N GLU B 631 38.16 2.30 36.51
CA GLU B 631 38.94 3.42 35.99
C GLU B 631 39.27 3.28 34.52
N VAL B 632 38.34 3.67 33.65
CA VAL B 632 38.59 3.65 32.22
C VAL B 632 39.64 4.75 31.97
N VAL B 633 40.60 4.48 31.06
CA VAL B 633 41.65 5.45 30.76
C VAL B 633 41.86 5.63 29.27
N GLY B 634 41.94 6.89 28.84
CA GLY B 634 42.20 7.26 27.44
C GLY B 634 41.22 6.71 26.42
N ALA B 635 39.93 6.88 26.67
CA ALA B 635 38.88 6.44 25.75
C ALA B 635 38.76 7.51 24.67
N ARG B 636 39.00 7.12 23.42
CA ARG B 636 38.99 8.07 22.31
C ARG B 636 37.89 7.84 21.28
N GLU B 637 37.44 6.59 21.17
CA GLU B 637 36.51 6.12 20.13
C GLU B 637 35.94 7.19 19.16
N HIS B 638 34.67 7.58 19.30
CA HIS B 638 34.08 8.52 18.33
C HIS B 638 34.44 9.98 18.64
N ASN B 639 33.55 10.72 19.29
CA ASN B 639 33.85 12.11 19.62
C ASN B 639 34.56 12.24 20.96
N LEU B 640 34.88 11.12 21.61
CA LEU B 640 35.57 11.16 22.90
C LEU B 640 36.99 11.73 22.78
N LYS B 641 37.31 12.72 23.63
CA LYS B 641 38.60 13.39 23.64
C LYS B 641 39.52 12.79 24.68
N ASN B 642 40.12 11.65 24.36
CA ASN B 642 41.05 10.98 25.25
C ASN B 642 40.48 10.93 26.67
N VAL B 643 39.17 10.70 26.75
CA VAL B 643 38.45 10.72 28.00
C VAL B 643 39.02 9.74 29.00
N SER B 644 39.07 10.17 30.26
CA SER B 644 39.56 9.36 31.36
C SER B 644 38.65 9.66 32.55
N VAL B 645 37.84 8.68 32.94
CA VAL B 645 36.88 8.86 34.03
C VAL B 645 36.95 7.70 35.04
N LYS B 646 36.31 7.87 36.20
CA LYS B 646 36.35 6.91 37.30
C LYS B 646 34.91 6.63 37.76
N ILE B 647 34.50 5.36 37.79
CA ILE B 647 33.13 4.97 38.18
C ILE B 647 33.11 4.32 39.55
N PRO B 648 32.29 4.85 40.48
CA PRO B 648 32.20 4.26 41.81
C PRO B 648 31.28 3.05 41.84
N LEU B 649 31.74 1.95 42.41
CA LEU B 649 30.95 0.73 42.49
C LEU B 649 30.08 0.73 43.74
N GLY B 650 29.06 -0.12 43.73
CA GLY B 650 28.13 -0.23 44.85
C GLY B 650 27.28 1.01 45.00
N THR B 651 26.77 1.52 43.88
CA THR B 651 25.96 2.73 43.90
C THR B 651 25.15 2.92 42.61
N PHE B 652 24.10 3.73 42.70
CA PHE B 652 23.24 4.05 41.57
C PHE B 652 23.94 5.14 40.75
N VAL B 653 24.58 4.74 39.66
CA VAL B 653 25.30 5.68 38.80
C VAL B 653 24.44 6.08 37.60
N ALA B 654 24.46 7.36 37.26
CA ALA B 654 23.68 7.89 36.14
C ALA B 654 24.54 8.69 35.17
N VAL B 655 24.84 8.12 34.00
CA VAL B 655 25.61 8.82 32.97
C VAL B 655 24.66 9.76 32.25
N THR B 656 24.97 11.06 32.32
CA THR B 656 24.13 12.09 31.74
C THR B 656 24.94 12.94 30.75
N GLY B 657 24.23 13.80 30.02
CA GLY B 657 24.81 14.66 28.98
C GLY B 657 23.88 14.73 27.80
N VAL B 658 23.94 15.81 27.02
CA VAL B 658 23.05 15.97 25.86
C VAL B 658 23.33 14.91 24.79
N SER B 659 22.33 14.63 23.96
CA SER B 659 22.47 13.62 22.92
C SER B 659 23.64 13.97 22.02
N GLY B 660 24.38 12.93 21.62
CA GLY B 660 25.56 13.09 20.77
C GLY B 660 26.85 13.31 21.53
N SER B 661 26.77 13.35 22.86
CA SER B 661 27.94 13.63 23.71
C SER B 661 28.90 12.46 23.89
N GLY B 662 28.52 11.26 23.44
CA GLY B 662 29.38 10.07 23.58
C GLY B 662 29.05 9.16 24.74
N LYS B 663 27.80 9.24 25.22
CA LYS B 663 27.34 8.41 26.34
C LYS B 663 27.32 6.93 25.95
N SER B 664 26.71 6.61 24.79
CA SER B 664 26.64 5.25 24.26
C SER B 664 28.06 4.69 24.16
N THR B 665 28.92 5.49 23.54
CA THR B 665 30.31 5.16 23.29
C THR B 665 31.10 4.82 24.56
N LEU B 666 31.06 5.70 25.56
CA LEU B 666 31.81 5.47 26.79
C LEU B 666 31.17 4.36 27.62
N VAL B 667 29.86 4.43 27.80
CA VAL B 667 29.14 3.47 28.64
C VAL B 667 28.98 2.07 28.03
N ASN B 668 28.72 1.99 26.73
CA ASN B 668 28.50 0.68 26.11
C ASN B 668 29.59 0.20 25.15
N GLU B 669 29.93 1.03 24.17
CA GLU B 669 30.94 0.68 23.17
C GLU B 669 32.32 0.42 23.78
N VAL B 670 32.65 1.16 24.85
CA VAL B 670 33.96 1.05 25.51
C VAL B 670 33.91 0.24 26.80
N LEU B 671 33.21 0.75 27.82
CA LEU B 671 33.18 0.09 29.13
C LEU B 671 32.64 -1.32 29.10
N TYR B 672 31.37 -1.48 28.70
CA TYR B 672 30.73 -2.79 28.68
C TYR B 672 31.48 -3.84 27.86
N LYS B 673 31.56 -3.66 26.54
CA LYS B 673 32.27 -4.63 25.68
C LYS B 673 33.63 -5.00 26.26
N ALA B 674 34.34 -4.01 26.80
CA ALA B 674 35.65 -4.21 27.42
C ALA B 674 35.56 -5.12 28.63
N LEU B 675 34.68 -4.74 29.57
CA LEU B 675 34.47 -5.54 30.77
C LEU B 675 33.93 -6.92 30.38
N ALA B 676 33.05 -6.93 29.39
CA ALA B 676 32.40 -8.15 28.91
C ALA B 676 33.37 -9.21 28.37
N GLN B 677 34.37 -8.80 27.59
CA GLN B 677 35.33 -9.77 27.05
C GLN B 677 36.34 -10.24 28.10
N LYS B 678 36.51 -9.47 29.18
CA LYS B 678 37.41 -9.86 30.26
C LYS B 678 36.70 -10.84 31.19
N LEU B 679 35.49 -10.48 31.58
CA LEU B 679 34.70 -11.29 32.51
C LEU B 679 34.01 -12.48 31.83
N HIS B 680 33.26 -12.20 30.76
CA HIS B 680 32.49 -13.22 30.03
C HIS B 680 33.13 -13.73 28.74
N ARG B 681 34.29 -13.19 28.39
CA ARG B 681 35.02 -13.62 27.19
C ARG B 681 34.19 -13.59 25.91
N ALA B 682 33.35 -12.54 25.79
CA ALA B 682 32.55 -12.32 24.58
C ALA B 682 33.45 -11.80 23.47
N LYS B 683 33.00 -11.98 22.23
CA LYS B 683 33.79 -11.59 21.05
C LYS B 683 33.62 -10.12 20.61
N ALA B 684 32.72 -9.39 21.25
CA ALA B 684 32.46 -7.98 20.91
C ALA B 684 33.71 -7.10 21.08
N LYS B 685 34.17 -6.53 19.97
CA LYS B 685 35.36 -5.68 19.95
C LYS B 685 35.06 -4.36 20.66
N PRO B 686 35.79 -4.04 21.75
CA PRO B 686 35.53 -2.79 22.45
C PRO B 686 35.99 -1.57 21.64
N GLY B 687 35.60 -0.38 22.10
CA GLY B 687 35.99 0.86 21.42
C GLY B 687 37.42 1.23 21.77
N GLU B 688 38.01 2.15 21.01
CA GLU B 688 39.40 2.54 21.26
C GLU B 688 39.57 3.16 22.65
N HIS B 689 40.31 2.45 23.51
CA HIS B 689 40.60 2.93 24.86
C HIS B 689 41.95 2.36 25.31
N ARG B 690 42.57 3.01 26.28
CA ARG B 690 43.88 2.57 26.77
C ARG B 690 43.73 1.33 27.69
N ASP B 691 43.12 1.51 28.86
CA ASP B 691 42.95 0.40 29.81
C ASP B 691 41.84 0.69 30.85
N ILE B 692 41.36 -0.36 31.53
CA ILE B 692 40.33 -0.24 32.57
C ILE B 692 40.75 -1.03 33.81
N ARG B 693 40.91 -0.33 34.94
CA ARG B 693 41.32 -0.94 36.22
C ARG B 693 40.11 -1.16 37.12
N GLY B 694 40.34 -1.74 38.29
CA GLY B 694 39.27 -2.02 39.23
C GLY B 694 38.35 -3.13 38.79
N LEU B 695 38.81 -3.93 37.82
CA LEU B 695 38.04 -5.06 37.30
C LEU B 695 38.09 -6.25 38.26
N GLU B 696 38.89 -6.12 39.33
CA GLU B 696 38.97 -7.15 40.37
C GLU B 696 37.88 -6.94 41.43
N HIS B 697 36.98 -5.98 41.19
CA HIS B 697 35.87 -5.68 42.10
C HIS B 697 34.55 -6.33 41.68
N LEU B 698 34.48 -6.86 40.45
CA LEU B 698 33.24 -7.48 39.96
C LEU B 698 33.50 -8.72 39.09
N ASP B 699 32.55 -9.66 39.14
CA ASP B 699 32.64 -10.92 38.41
C ASP B 699 31.81 -10.93 37.13
N LYS B 700 30.68 -10.23 37.12
CA LYS B 700 29.81 -10.23 35.94
C LYS B 700 29.11 -8.89 35.64
N VAL B 701 29.25 -8.44 34.40
CA VAL B 701 28.57 -7.24 33.92
C VAL B 701 27.46 -7.70 32.98
N ILE B 702 26.24 -7.22 33.23
CA ILE B 702 25.08 -7.57 32.42
C ILE B 702 24.55 -6.30 31.76
N ASP B 703 24.34 -6.36 30.45
CA ASP B 703 23.80 -5.24 29.69
C ASP B 703 22.32 -5.48 29.48
N ILE B 704 21.49 -4.89 30.33
CA ILE B 704 20.05 -5.01 30.18
C ILE B 704 19.67 -4.06 29.05
N ASP B 705 19.79 -4.59 27.84
CA ASP B 705 19.56 -3.86 26.60
C ASP B 705 18.08 -3.57 26.42
N GLN B 706 17.77 -2.68 25.48
CA GLN B 706 16.40 -2.35 25.14
C GLN B 706 16.01 -3.09 23.86
N SER B 707 16.84 -4.04 23.44
CA SER B 707 16.60 -4.86 22.26
C SER B 707 15.54 -5.90 22.56
N PRO B 708 14.94 -6.51 21.51
CA PRO B 708 13.88 -7.50 21.74
C PRO B 708 14.26 -8.74 22.56
N ILE B 709 13.25 -9.35 23.17
CA ILE B 709 13.41 -10.55 23.97
C ILE B 709 13.69 -11.75 23.07
N GLY B 710 13.02 -11.76 21.92
CA GLY B 710 13.16 -12.79 20.91
C GLY B 710 12.82 -12.15 19.57
N ARG B 711 13.06 -12.86 18.48
CA ARG B 711 12.81 -12.31 17.17
C ARG B 711 11.66 -13.04 16.47
N THR B 712 10.90 -13.81 17.25
CA THR B 712 9.75 -14.58 16.77
C THR B 712 8.69 -14.71 17.87
N PRO B 713 7.44 -15.04 17.49
CA PRO B 713 6.41 -15.24 18.51
C PRO B 713 6.62 -16.45 19.45
N ARG B 714 7.78 -17.14 19.36
CA ARG B 714 8.09 -18.25 20.27
C ARG B 714 8.41 -17.70 21.65
N SER B 715 9.22 -16.65 21.68
CA SER B 715 9.63 -16.01 22.92
C SER B 715 8.49 -15.18 23.51
N ASN B 716 8.47 -15.11 24.82
CA ASN B 716 7.48 -14.34 25.56
C ASN B 716 8.00 -14.19 26.98
N PRO B 717 7.43 -13.28 27.78
CA PRO B 717 7.94 -13.11 29.14
C PRO B 717 8.13 -14.41 29.91
N ALA B 718 7.26 -15.40 29.68
CA ALA B 718 7.33 -16.68 30.35
C ALA B 718 8.58 -17.47 29.97
N THR B 719 8.81 -17.60 28.65
CA THR B 719 9.96 -18.34 28.11
C THR B 719 11.32 -17.74 28.51
N TYR B 720 11.42 -16.41 28.46
CA TYR B 720 12.66 -15.72 28.80
C TYR B 720 12.96 -15.85 30.29
N THR B 721 11.93 -15.69 31.11
CA THR B 721 12.06 -15.82 32.57
C THR B 721 12.02 -17.27 33.05
N GLY B 722 11.76 -18.21 32.13
CA GLY B 722 11.70 -19.63 32.47
C GLY B 722 10.49 -20.04 33.28
N VAL B 723 9.53 -19.14 33.45
CA VAL B 723 8.32 -19.43 34.20
C VAL B 723 7.52 -20.52 33.51
N PHE B 724 7.36 -20.36 32.19
CA PHE B 724 6.62 -21.33 31.38
C PHE B 724 7.31 -22.70 31.42
N ASP B 725 8.63 -22.71 31.59
CA ASP B 725 9.38 -23.95 31.68
C ASP B 725 8.98 -24.64 32.99
N ASP B 726 8.88 -23.87 34.08
CA ASP B 726 8.47 -24.39 35.39
C ASP B 726 6.97 -24.69 35.46
N ILE B 727 6.18 -23.90 34.73
CA ILE B 727 4.72 -24.04 34.75
C ILE B 727 4.22 -25.33 34.10
N ARG B 728 5.01 -25.91 33.19
CA ARG B 728 4.58 -27.15 32.51
C ARG B 728 4.61 -28.37 33.43
N ASP B 729 5.51 -28.37 34.41
CA ASP B 729 5.60 -29.47 35.38
C ASP B 729 4.28 -29.70 36.11
N VAL B 730 3.53 -28.62 36.36
CA VAL B 730 2.25 -28.71 37.07
C VAL B 730 1.19 -29.38 36.18
N PHE B 731 1.24 -29.12 34.88
CA PHE B 731 0.32 -29.75 33.93
C PHE B 731 0.67 -31.24 33.76
N ALA B 732 1.95 -31.57 33.93
CA ALA B 732 2.40 -32.96 33.87
C ALA B 732 1.94 -33.72 35.13
N SER B 733 1.61 -32.97 36.19
CA SER B 733 1.16 -33.54 37.46
C SER B 733 -0.32 -33.94 37.48
N THR B 734 -1.14 -33.26 36.69
CA THR B 734 -2.57 -33.55 36.65
C THR B 734 -2.86 -35.00 36.25
N ASN B 735 -4.01 -35.53 36.65
CA ASN B 735 -4.39 -36.90 36.30
C ASN B 735 -4.67 -37.13 34.80
N GLU B 736 -5.20 -36.11 34.11
CA GLU B 736 -5.47 -36.21 32.67
C GLU B 736 -4.19 -36.55 31.90
N ALA B 737 -3.10 -35.87 32.25
CA ALA B 737 -1.79 -36.08 31.62
C ALA B 737 -1.21 -37.46 31.95
N LYS B 738 -1.50 -37.96 33.14
CA LYS B 738 -1.01 -39.27 33.58
C LYS B 738 -1.62 -40.37 32.73
N VAL B 739 -2.95 -40.48 32.76
CA VAL B 739 -3.67 -41.52 32.00
C VAL B 739 -3.42 -41.43 30.49
N ARG B 740 -3.43 -40.22 29.94
CA ARG B 740 -3.15 -40.04 28.52
C ARG B 740 -1.65 -40.15 28.21
N GLY B 741 -0.82 -40.05 29.25
CA GLY B 741 0.63 -40.19 29.12
C GLY B 741 1.36 -38.92 28.74
N TYR B 742 0.76 -37.76 28.98
CA TYR B 742 1.40 -36.48 28.68
C TYR B 742 2.40 -36.10 29.77
N LYS B 743 3.46 -35.43 29.36
CA LYS B 743 4.51 -34.97 30.26
C LYS B 743 4.87 -33.54 29.86
N LYS B 744 6.05 -33.05 30.25
CA LYS B 744 6.45 -31.68 29.91
C LYS B 744 6.98 -31.52 28.46
N GLY B 745 6.32 -32.20 27.52
CA GLY B 745 6.67 -32.16 26.09
C GLY B 745 5.45 -31.94 25.23
N ARG B 746 4.35 -32.62 25.58
CA ARG B 746 3.06 -32.47 24.88
C ARG B 746 2.60 -31.02 25.07
N PHE B 747 2.88 -30.48 26.26
CA PHE B 747 2.53 -29.10 26.63
C PHE B 747 3.59 -28.08 26.23
N SER B 748 4.62 -28.52 25.48
CA SER B 748 5.68 -27.64 25.02
C SER B 748 5.20 -26.73 23.91
N PHE B 749 5.99 -25.70 23.61
CA PHE B 749 5.63 -24.74 22.58
C PHE B 749 6.40 -24.94 21.26
N ASN B 750 7.55 -25.61 21.34
CA ASN B 750 8.42 -25.86 20.17
C ASN B 750 8.31 -27.27 19.58
N VAL B 751 8.43 -28.26 20.45
CA VAL B 751 8.43 -29.69 20.08
C VAL B 751 7.12 -30.17 19.43
N LYS B 752 7.24 -31.16 18.53
CA LYS B 752 6.12 -31.73 17.77
C LYS B 752 4.95 -32.27 18.62
N GLY B 753 5.23 -32.68 19.86
CA GLY B 753 4.23 -33.23 20.78
C GLY B 753 2.75 -32.88 20.59
N GLY B 754 2.33 -31.75 21.15
CA GLY B 754 0.93 -31.32 21.09
C GLY B 754 0.65 -29.96 20.49
N ARG B 755 1.68 -29.32 19.92
CA ARG B 755 1.52 -28.01 19.28
C ARG B 755 0.63 -28.08 18.05
N CYS B 756 0.28 -26.92 17.52
CA CYS B 756 -0.56 -26.83 16.33
C CYS B 756 0.32 -26.93 15.08
N GLU B 757 0.15 -28.03 14.34
CA GLU B 757 0.92 -28.29 13.11
C GLU B 757 0.76 -27.24 12.01
N ALA B 758 -0.43 -26.63 11.94
CA ALA B 758 -0.73 -25.63 10.93
C ALA B 758 0.16 -24.39 11.05
N CYS B 759 0.48 -23.97 12.27
CA CYS B 759 1.34 -22.81 12.51
C CYS B 759 2.74 -23.18 13.00
N HIS B 760 2.97 -24.47 13.20
CA HIS B 760 4.24 -25.01 13.70
C HIS B 760 4.60 -24.47 15.08
N GLY B 761 3.58 -24.30 15.93
CA GLY B 761 3.77 -23.81 17.29
C GLY B 761 3.60 -22.31 17.47
N ASP B 762 3.83 -21.52 16.42
CA ASP B 762 3.69 -20.05 16.51
C ASP B 762 2.36 -19.59 17.10
N GLY B 763 1.27 -20.13 16.54
CA GLY B 763 -0.08 -19.75 16.95
C GLY B 763 -0.58 -18.53 16.19
N ILE B 764 0.36 -17.73 15.66
CA ILE B 764 0.03 -16.53 14.93
C ILE B 764 0.81 -16.50 13.60
N ILE B 765 0.08 -16.54 12.49
CA ILE B 765 0.71 -16.49 11.18
C ILE B 765 0.98 -15.04 10.79
N LYS B 766 2.19 -14.77 10.28
CA LYS B 766 2.56 -13.43 9.81
C LYS B 766 2.10 -13.24 8.37
N ILE B 767 1.28 -12.22 8.12
CA ILE B 767 0.78 -11.94 6.77
C ILE B 767 1.61 -10.82 6.14
N GLU B 768 1.81 -10.92 4.82
CA GLU B 768 2.67 -10.00 4.07
C GLU B 768 2.02 -8.70 3.62
N MSE B 769 2.51 -7.60 4.16
CA MSE B 769 2.10 -6.25 3.76
C MSE B 769 3.29 -5.68 3.02
O MSE B 769 4.41 -5.63 3.56
CB MSE B 769 1.73 -5.40 4.98
CG MSE B 769 0.64 -6.00 5.88
SE MSE B 769 -0.92 -6.61 4.89
CE MSE B 769 -1.16 -5.02 3.77
N HIS B 770 3.08 -5.22 1.79
CA HIS B 770 4.17 -4.78 0.93
C HIS B 770 4.63 -3.36 1.23
N PHE B 771 3.79 -2.37 0.97
CA PHE B 771 4.15 -0.99 1.28
C PHE B 771 3.89 -0.70 2.75
N LEU B 772 2.87 -1.34 3.31
CA LEU B 772 2.54 -1.20 4.73
C LEU B 772 3.39 -2.16 5.57
N PRO B 773 3.53 -1.89 6.89
CA PRO B 773 4.30 -2.79 7.74
C PRO B 773 3.55 -4.11 7.93
N ASP B 774 4.28 -5.19 8.23
CA ASP B 774 3.67 -6.53 8.40
C ASP B 774 2.57 -6.57 9.47
N VAL B 775 1.70 -7.56 9.36
CA VAL B 775 0.57 -7.75 10.26
C VAL B 775 0.46 -9.21 10.69
N TYR B 776 -0.04 -9.46 11.90
CA TYR B 776 -0.20 -10.81 12.45
C TYR B 776 -1.66 -11.26 12.58
N VAL B 777 -2.03 -12.28 11.81
CA VAL B 777 -3.40 -12.83 11.82
C VAL B 777 -3.44 -14.22 12.50
N PRO B 778 -4.33 -14.40 13.49
CA PRO B 778 -4.47 -15.68 14.20
C PRO B 778 -4.55 -16.92 13.31
N CYS B 779 -3.86 -17.98 13.72
CA CYS B 779 -3.87 -19.26 13.01
C CYS B 779 -5.28 -19.82 13.02
N GLU B 780 -5.93 -19.78 11.86
CA GLU B 780 -7.34 -20.23 11.73
C GLU B 780 -7.62 -21.73 11.97
N VAL B 781 -6.58 -22.53 12.22
CA VAL B 781 -6.74 -23.97 12.50
C VAL B 781 -6.92 -24.21 14.00
N CYS B 782 -6.20 -23.45 14.83
CA CYS B 782 -6.30 -23.55 16.29
C CYS B 782 -6.78 -22.23 16.91
N HIS B 783 -7.32 -21.33 16.08
CA HIS B 783 -7.85 -20.03 16.52
C HIS B 783 -6.91 -19.30 17.50
N GLY B 784 -5.61 -19.42 17.28
CA GLY B 784 -4.61 -18.77 18.13
C GLY B 784 -4.32 -19.43 19.47
N LYS B 785 -4.95 -20.58 19.72
CA LYS B 785 -4.79 -21.29 21.00
C LYS B 785 -3.38 -21.87 21.23
N ARG B 786 -2.58 -22.02 20.17
CA ARG B 786 -1.19 -22.50 20.24
C ARG B 786 -1.02 -24.01 20.24
N TYR B 787 -2.11 -24.74 20.50
CA TYR B 787 -2.09 -26.21 20.56
C TYR B 787 -3.28 -26.81 19.81
N ASN B 788 -3.16 -28.08 19.41
CA ASN B 788 -4.24 -28.78 18.70
C ASN B 788 -5.44 -29.06 19.61
N ARG B 789 -6.47 -29.72 19.08
CA ARG B 789 -7.69 -30.00 19.85
C ARG B 789 -7.56 -31.09 20.92
N GLU B 790 -6.47 -31.85 20.88
CA GLU B 790 -6.26 -32.96 21.81
C GLU B 790 -5.36 -32.63 23.01
N THR B 791 -4.54 -31.59 22.89
CA THR B 791 -3.61 -31.21 23.94
C THR B 791 -4.26 -30.39 25.05
N LEU B 792 -4.96 -29.33 24.67
CA LEU B 792 -5.56 -28.41 25.63
C LEU B 792 -6.82 -28.92 26.35
N GLU B 793 -7.15 -30.20 26.20
CA GLU B 793 -8.28 -30.79 26.92
C GLU B 793 -7.93 -30.98 28.40
N VAL B 794 -6.62 -31.07 28.68
CA VAL B 794 -6.13 -31.22 30.05
C VAL B 794 -6.29 -29.90 30.79
N THR B 795 -7.08 -29.94 31.86
CA THR B 795 -7.37 -28.76 32.66
C THR B 795 -6.74 -28.83 34.06
N TYR B 796 -6.30 -27.67 34.54
CA TYR B 796 -5.71 -27.52 35.87
C TYR B 796 -6.39 -26.31 36.51
N LYS B 797 -7.31 -26.58 37.43
CA LYS B 797 -8.12 -25.54 38.09
C LYS B 797 -9.03 -24.83 37.09
N GLY B 798 -9.80 -25.62 36.35
CA GLY B 798 -10.74 -25.10 35.36
C GLY B 798 -10.14 -24.27 34.23
N LYS B 799 -8.81 -24.34 34.07
CA LYS B 799 -8.09 -23.59 33.04
C LYS B 799 -7.09 -24.50 32.35
N ASN B 800 -7.09 -24.48 31.02
CA ASN B 800 -6.15 -25.26 30.22
C ASN B 800 -4.85 -24.49 30.01
N ILE B 801 -3.86 -25.12 29.37
CA ILE B 801 -2.56 -24.50 29.15
C ILE B 801 -2.65 -23.21 28.31
N ALA B 802 -3.63 -23.14 27.43
CA ALA B 802 -3.82 -21.95 26.61
C ALA B 802 -4.25 -20.77 27.47
N GLU B 803 -5.34 -20.96 28.23
CA GLU B 803 -5.88 -19.89 29.10
C GLU B 803 -4.91 -19.47 30.20
N VAL B 804 -4.06 -20.38 30.68
CA VAL B 804 -3.08 -20.05 31.72
C VAL B 804 -1.99 -19.15 31.15
N LEU B 805 -1.65 -19.38 29.88
CA LEU B 805 -0.62 -18.61 29.18
C LEU B 805 -1.22 -17.26 28.74
N ASP B 806 -2.55 -17.23 28.61
CA ASP B 806 -3.29 -16.03 28.24
C ASP B 806 -3.57 -15.13 29.47
N MSE B 807 -3.26 -15.63 30.67
CA MSE B 807 -3.46 -14.85 31.91
C MSE B 807 -2.52 -13.65 31.95
O MSE B 807 -1.55 -13.58 31.21
CB MSE B 807 -3.16 -15.68 33.16
CG MSE B 807 -4.04 -16.88 33.40
SE MSE B 807 -3.73 -17.62 35.20
CE MSE B 807 -4.63 -16.22 36.21
N THR B 808 -2.81 -12.73 32.86
CA THR B 808 -1.99 -11.56 33.06
C THR B 808 -0.96 -11.91 34.14
N VAL B 809 0.08 -11.10 34.27
CA VAL B 809 1.08 -11.33 35.31
C VAL B 809 0.47 -11.14 36.70
N GLU B 810 -0.34 -10.09 36.87
CA GLU B 810 -1.02 -9.83 38.14
C GLU B 810 -2.00 -10.94 38.48
N ASP B 811 -2.79 -11.34 37.49
CA ASP B 811 -3.78 -12.40 37.68
C ASP B 811 -3.12 -13.76 37.89
N ALA B 812 -1.98 -13.99 37.24
CA ALA B 812 -1.27 -15.27 37.36
C ALA B 812 -0.69 -15.50 38.75
N LEU B 813 -0.08 -14.49 39.36
CA LEU B 813 0.49 -14.67 40.71
C LEU B 813 -0.61 -14.91 41.76
N ASP B 814 -1.84 -14.50 41.43
CA ASP B 814 -3.00 -14.77 42.28
C ASP B 814 -3.43 -16.23 42.03
N PHE B 815 -3.31 -16.66 40.78
CA PHE B 815 -3.64 -18.03 40.35
C PHE B 815 -2.59 -19.02 40.86
N PHE B 816 -1.33 -18.60 40.88
CA PHE B 816 -0.22 -19.43 41.37
C PHE B 816 0.27 -18.93 42.74
N ALA B 817 -0.67 -18.77 43.68
CA ALA B 817 -0.36 -18.29 45.03
C ALA B 817 0.34 -19.37 45.86
N SER B 818 -0.15 -20.60 45.73
CA SER B 818 0.41 -21.73 46.47
C SER B 818 1.82 -22.09 46.00
N ILE B 819 1.96 -22.45 44.72
CA ILE B 819 3.27 -22.85 44.16
C ILE B 819 4.33 -21.77 44.47
N PRO B 820 5.32 -22.11 45.31
CA PRO B 820 6.32 -21.14 45.78
C PRO B 820 7.50 -20.85 44.86
N LYS B 821 7.68 -21.64 43.81
CA LYS B 821 8.79 -21.42 42.87
C LYS B 821 8.31 -20.58 41.68
N ILE B 822 7.12 -20.90 41.19
CA ILE B 822 6.49 -20.18 40.09
C ILE B 822 6.15 -18.77 40.55
N LYS B 823 5.75 -18.64 41.82
CA LYS B 823 5.35 -17.34 42.39
C LYS B 823 6.51 -16.36 42.44
N ARG B 824 7.71 -16.82 42.78
CA ARG B 824 8.88 -15.94 42.86
C ARG B 824 9.27 -15.31 41.53
N LYS B 825 9.05 -16.04 40.45
CA LYS B 825 9.37 -15.55 39.10
C LYS B 825 8.32 -14.56 38.61
N LEU B 826 7.06 -14.76 38.98
CA LEU B 826 5.99 -13.82 38.60
C LEU B 826 6.12 -12.54 39.42
N GLU B 827 6.61 -12.65 40.66
CA GLU B 827 6.80 -11.49 41.52
C GLU B 827 7.83 -10.53 40.96
N THR B 828 8.79 -11.06 40.20
CA THR B 828 9.82 -10.21 39.56
C THR B 828 9.14 -9.36 38.48
N LEU B 829 8.37 -10.02 37.62
CA LEU B 829 7.63 -9.37 36.53
C LEU B 829 6.66 -8.28 37.03
N TYR B 830 6.11 -8.47 38.21
CA TYR B 830 5.18 -7.51 38.82
C TYR B 830 5.95 -6.28 39.34
N ASP B 831 6.96 -6.53 40.17
CA ASP B 831 7.80 -5.47 40.74
C ASP B 831 8.43 -4.67 39.61
N VAL B 832 8.92 -5.40 38.61
CA VAL B 832 9.53 -4.84 37.39
C VAL B 832 8.82 -3.61 36.83
N GLY B 833 7.49 -3.67 36.78
CA GLY B 833 6.69 -2.59 36.22
C GLY B 833 5.52 -3.11 35.39
N LEU B 834 5.58 -4.39 35.01
CA LEU B 834 4.50 -5.01 34.24
C LEU B 834 3.34 -5.33 35.18
N GLY B 835 2.93 -6.60 35.26
CA GLY B 835 1.77 -6.94 36.06
C GLY B 835 0.53 -6.84 35.18
N TYR B 836 0.59 -5.99 34.16
CA TYR B 836 -0.52 -5.79 33.24
C TYR B 836 -0.42 -6.63 31.97
N MSE B 837 0.78 -7.01 31.55
CA MSE B 837 0.91 -7.78 30.31
C MSE B 837 0.70 -9.26 30.52
O MSE B 837 0.90 -9.77 31.61
CB MSE B 837 2.23 -7.51 29.55
CG MSE B 837 3.49 -8.18 30.05
SE MSE B 837 4.95 -7.86 28.77
CE MSE B 837 4.16 -8.66 27.18
N LYS B 838 0.29 -9.91 29.45
CA LYS B 838 -0.02 -11.34 29.47
C LYS B 838 1.22 -12.19 29.32
N LEU B 839 1.18 -13.40 29.88
CA LEU B 839 2.32 -14.31 29.87
C LEU B 839 2.68 -14.82 28.46
N GLY B 840 1.67 -15.10 27.66
CA GLY B 840 1.88 -15.60 26.31
C GLY B 840 2.26 -14.55 25.28
N GLN B 841 2.00 -13.28 25.61
CA GLN B 841 2.24 -12.16 24.70
C GLN B 841 3.58 -12.27 23.95
N PRO B 842 3.51 -12.40 22.60
CA PRO B 842 4.67 -12.58 21.71
C PRO B 842 5.75 -11.49 21.77
N ALA B 843 6.98 -11.91 22.07
CA ALA B 843 8.14 -11.02 22.18
C ALA B 843 8.23 -9.92 21.12
N THR B 844 7.79 -10.25 19.90
CA THR B 844 7.80 -9.31 18.77
C THR B 844 6.94 -8.08 19.02
N THR B 845 5.80 -8.26 19.67
CA THR B 845 4.91 -7.14 19.96
C THR B 845 5.35 -6.30 21.15
N LEU B 846 6.17 -6.85 22.05
CA LEU B 846 6.62 -6.08 23.21
C LEU B 846 7.37 -4.82 22.79
N SER B 847 7.20 -3.77 23.57
CA SER B 847 7.84 -2.47 23.36
C SER B 847 9.34 -2.51 23.64
N GLY B 848 10.01 -1.42 23.32
CA GLY B 848 11.43 -1.28 23.62
C GLY B 848 11.59 -1.33 25.13
N GLY B 849 10.98 -0.38 25.82
CA GLY B 849 11.02 -0.33 27.28
C GLY B 849 10.46 -1.57 27.97
N GLU B 850 9.38 -2.14 27.43
CA GLU B 850 8.76 -3.33 28.01
C GLU B 850 9.72 -4.51 27.91
N ALA B 851 10.30 -4.70 26.74
CA ALA B 851 11.26 -5.79 26.55
C ALA B 851 12.41 -5.68 27.55
N GLN B 852 12.87 -4.46 27.79
CA GLN B 852 13.98 -4.21 28.72
C GLN B 852 13.65 -4.64 30.13
N ARG B 853 12.38 -4.49 30.53
CA ARG B 853 11.98 -4.83 31.89
C ARG B 853 11.77 -6.33 32.08
N VAL B 854 11.41 -7.02 31.01
CA VAL B 854 11.30 -8.49 31.06
C VAL B 854 12.71 -9.05 31.29
N LYS B 855 13.70 -8.39 30.70
CA LYS B 855 15.11 -8.75 30.86
C LYS B 855 15.59 -8.42 32.27
N LEU B 856 15.22 -7.22 32.73
CA LEU B 856 15.58 -6.77 34.08
C LEU B 856 14.97 -7.66 35.16
N ALA B 857 13.82 -8.27 34.83
CA ALA B 857 13.12 -9.17 35.74
C ALA B 857 13.86 -10.50 35.90
N ALA B 858 14.50 -10.97 34.83
CA ALA B 858 15.25 -12.22 34.88
C ALA B 858 16.42 -12.15 35.85
N GLU B 859 17.15 -11.04 35.82
CA GLU B 859 18.25 -10.82 36.77
C GLU B 859 17.75 -10.35 38.11
N LEU B 860 16.60 -9.68 38.13
CA LEU B 860 16.01 -9.13 39.35
C LEU B 860 16.20 -10.05 40.55
N HIS B 861 15.62 -11.26 40.51
CA HIS B 861 15.75 -12.18 41.64
C HIS B 861 16.83 -13.24 41.41
N ARG B 862 18.03 -12.94 41.94
CA ARG B 862 19.16 -13.86 41.91
C ARG B 862 20.01 -13.64 43.14
N ARG B 863 20.68 -14.70 43.58
CA ARG B 863 21.60 -14.58 44.70
C ARG B 863 22.75 -13.72 44.19
N SER B 864 22.82 -12.48 44.68
CA SER B 864 23.88 -11.57 44.28
C SER B 864 25.04 -11.67 45.27
N ASN B 865 26.26 -11.57 44.75
CA ASN B 865 27.47 -11.63 45.59
C ASN B 865 28.01 -10.24 45.92
N GLY B 866 27.26 -9.20 45.55
CA GLY B 866 27.66 -7.82 45.80
C GLY B 866 28.71 -7.35 44.80
N ARG B 867 29.01 -8.19 43.82
CA ARG B 867 30.02 -7.90 42.81
C ARG B 867 29.47 -8.23 41.43
N THR B 868 28.63 -7.34 40.92
CA THR B 868 28.02 -7.49 39.61
C THR B 868 27.40 -6.15 39.14
N LEU B 869 27.74 -5.74 37.92
CA LEU B 869 27.31 -4.46 37.36
C LEU B 869 26.17 -4.57 36.35
N TYR B 870 25.13 -3.76 36.53
CA TYR B 870 23.99 -3.74 35.62
C TYR B 870 23.99 -2.44 34.82
N ILE B 871 23.85 -2.57 33.50
CA ILE B 871 23.81 -1.40 32.61
C ILE B 871 22.44 -1.33 31.90
N LEU B 872 21.67 -0.28 32.22
CA LEU B 872 20.34 -0.08 31.63
C LEU B 872 20.32 1.22 30.80
N ASP B 873 19.89 1.12 29.55
CA ASP B 873 19.79 2.29 28.68
C ASP B 873 18.35 2.85 28.70
N GLU B 874 18.18 3.99 29.39
CA GLU B 874 16.89 4.67 29.50
C GLU B 874 15.72 3.77 29.88
N PRO B 875 15.71 3.25 31.12
CA PRO B 875 14.60 2.41 31.58
C PRO B 875 13.28 3.19 31.76
N THR B 876 13.37 4.52 31.72
CA THR B 876 12.20 5.42 31.81
C THR B 876 11.36 5.46 30.52
N THR B 877 11.96 5.05 29.40
CA THR B 877 11.29 5.06 28.11
C THR B 877 9.93 4.34 28.16
N GLY B 878 8.85 5.11 28.10
CA GLY B 878 7.48 4.56 28.11
C GLY B 878 6.85 4.41 29.48
N LEU B 879 7.38 5.14 30.47
CA LEU B 879 6.87 5.06 31.83
C LEU B 879 6.38 6.41 32.35
N HIS B 880 5.26 6.38 33.07
CA HIS B 880 4.63 7.56 33.67
C HIS B 880 5.51 8.00 34.81
N VAL B 881 5.40 9.27 35.19
CA VAL B 881 6.20 9.82 36.31
C VAL B 881 6.09 8.94 37.58
N ASP B 882 4.89 8.37 37.78
CA ASP B 882 4.60 7.47 38.90
C ASP B 882 5.32 6.12 38.73
N ASP B 883 5.32 5.60 37.51
CA ASP B 883 5.98 4.32 37.19
C ASP B 883 7.49 4.37 37.45
N ILE B 884 8.08 5.55 37.33
CA ILE B 884 9.52 5.74 37.60
C ILE B 884 9.76 5.52 39.10
N ALA B 885 8.88 6.07 39.93
CA ALA B 885 8.96 5.93 41.39
C ALA B 885 9.02 4.46 41.83
N ARG B 886 8.26 3.61 41.14
CA ARG B 886 8.24 2.17 41.44
C ARG B 886 9.35 1.38 40.74
N LEU B 887 9.93 1.94 39.68
CA LEU B 887 11.07 1.30 39.02
C LEU B 887 12.36 1.70 39.73
N LEU B 888 12.39 2.89 40.31
CA LEU B 888 13.54 3.34 41.10
C LEU B 888 13.65 2.52 42.39
N ASP B 889 12.51 2.24 43.01
CA ASP B 889 12.48 1.39 44.21
C ASP B 889 13.10 0.04 43.88
N VAL B 890 12.79 -0.48 42.69
CA VAL B 890 13.34 -1.76 42.24
C VAL B 890 14.85 -1.66 41.98
N LEU B 891 15.27 -0.64 41.23
CA LEU B 891 16.71 -0.42 40.96
C LEU B 891 17.51 -0.22 42.25
N HIS B 892 17.05 0.70 43.10
CA HIS B 892 17.72 0.98 44.39
C HIS B 892 17.78 -0.24 45.32
N ARG B 893 16.97 -1.26 45.05
CA ARG B 893 16.98 -2.50 45.81
C ARG B 893 18.26 -3.26 45.47
N LEU B 894 18.68 -3.20 44.21
CA LEU B 894 19.91 -3.85 43.76
C LEU B 894 21.14 -3.22 44.38
N VAL B 895 21.16 -1.89 44.47
CA VAL B 895 22.28 -1.16 45.05
C VAL B 895 22.40 -1.43 46.56
N ASP B 896 21.26 -1.48 47.25
CA ASP B 896 21.24 -1.81 48.68
C ASP B 896 21.99 -3.10 48.95
N ASN B 897 21.84 -4.08 48.05
CA ASN B 897 22.51 -5.38 48.18
C ASN B 897 24.03 -5.28 48.08
N GLY B 898 24.53 -4.32 47.32
CA GLY B 898 25.97 -4.14 47.14
C GLY B 898 26.37 -4.08 45.68
N ASP B 899 25.50 -4.60 44.81
CA ASP B 899 25.74 -4.59 43.38
C ASP B 899 25.73 -3.15 42.86
N THR B 900 26.12 -2.96 41.60
CA THR B 900 26.13 -1.64 40.97
C THR B 900 25.07 -1.58 39.87
N VAL B 901 24.51 -0.40 39.65
CA VAL B 901 23.49 -0.19 38.60
C VAL B 901 23.77 1.12 37.86
N LEU B 902 24.38 1.01 36.68
CA LEU B 902 24.72 2.17 35.85
C LEU B 902 23.58 2.41 34.85
N VAL B 903 23.10 3.65 34.75
CA VAL B 903 22.00 3.96 33.85
C VAL B 903 22.27 5.21 32.99
N ILE B 904 21.81 5.17 31.74
CA ILE B 904 21.96 6.27 30.79
C ILE B 904 20.62 6.99 30.66
N GLU B 905 20.47 8.13 31.33
CA GLU B 905 19.20 8.88 31.32
C GLU B 905 19.28 10.39 31.06
N HIS B 906 18.20 10.90 30.50
CA HIS B 906 17.99 12.33 30.28
C HIS B 906 16.90 12.80 31.26
N ASN B 907 16.05 11.88 31.71
CA ASN B 907 14.94 12.20 32.62
C ASN B 907 15.44 12.73 33.96
N LEU B 908 15.20 14.02 34.20
CA LEU B 908 15.65 14.70 35.40
C LEU B 908 15.23 14.07 36.73
N ASP B 909 14.11 13.36 36.75
CA ASP B 909 13.63 12.70 37.98
C ASP B 909 14.44 11.45 38.33
N VAL B 910 14.87 10.68 37.33
CA VAL B 910 15.71 9.51 37.59
C VAL B 910 17.11 10.02 37.98
N ILE B 911 17.54 11.11 37.34
CA ILE B 911 18.85 11.72 37.62
C ILE B 911 18.95 12.26 39.05
N LYS B 912 17.91 12.96 39.50
CA LYS B 912 17.90 13.54 40.84
C LYS B 912 17.93 12.46 41.93
N THR B 913 17.33 11.30 41.66
CA THR B 913 17.29 10.20 42.64
C THR B 913 18.65 9.51 42.79
N ALA B 914 19.46 9.55 41.73
CA ALA B 914 20.78 8.92 41.72
C ALA B 914 21.72 9.45 42.80
N ASP B 915 22.75 8.67 43.11
CA ASP B 915 23.74 9.04 44.11
C ASP B 915 24.95 9.74 43.48
N TYR B 916 25.35 9.24 42.31
CA TYR B 916 26.52 9.76 41.59
C TYR B 916 26.14 9.85 40.12
N ILE B 917 26.68 10.85 39.43
CA ILE B 917 26.43 11.02 37.99
C ILE B 917 27.68 11.48 37.26
N ILE B 918 27.77 11.13 35.98
CA ILE B 918 28.88 11.55 35.14
C ILE B 918 28.30 12.29 33.94
N ASP B 919 28.32 13.62 34.01
CA ASP B 919 27.79 14.47 32.94
C ASP B 919 28.81 14.49 31.80
N LEU B 920 28.34 14.28 30.58
CA LEU B 920 29.23 14.15 29.45
C LEU B 920 29.16 15.33 28.47
N GLY B 921 30.28 15.54 27.77
CA GLY B 921 30.48 16.58 26.75
C GLY B 921 29.63 17.85 26.74
N PRO B 922 30.30 19.03 26.71
CA PRO B 922 29.52 20.26 26.63
C PRO B 922 29.06 20.36 25.18
N GLU B 923 27.74 20.32 24.97
CA GLU B 923 27.15 20.30 23.62
C GLU B 923 27.44 18.93 23.00
N GLY B 924 26.85 18.67 21.84
CA GLY B 924 27.01 17.37 21.20
C GLY B 924 27.97 17.36 20.03
N GLY B 925 28.13 16.17 19.46
CA GLY B 925 28.97 15.99 18.29
C GLY B 925 30.42 16.24 18.55
N ASP B 926 31.04 16.96 17.62
CA ASP B 926 32.48 17.23 17.66
C ASP B 926 32.87 18.17 18.82
N ARG B 927 31.96 19.07 19.20
CA ARG B 927 32.19 20.02 20.29
C ARG B 927 31.99 19.44 21.69
N GLY B 928 31.69 18.14 21.77
CA GLY B 928 31.50 17.46 23.07
C GLY B 928 32.48 16.32 23.21
N GLY B 929 32.09 15.29 23.96
CA GLY B 929 32.95 14.11 24.17
C GLY B 929 34.03 14.34 25.21
N GLN B 930 33.63 14.84 26.36
CA GLN B 930 34.54 15.11 27.48
C GLN B 930 33.75 15.31 28.78
N ILE B 931 34.34 14.90 29.89
CA ILE B 931 33.67 14.96 31.19
C ILE B 931 33.49 16.41 31.66
N VAL B 932 32.24 16.88 31.66
CA VAL B 932 31.92 18.26 32.06
C VAL B 932 31.81 18.42 33.58
N ALA B 933 31.34 17.37 34.26
CA ALA B 933 31.19 17.42 35.72
C ALA B 933 30.95 16.04 36.32
N VAL B 934 31.64 15.74 37.43
CA VAL B 934 31.51 14.46 38.12
C VAL B 934 30.93 14.68 39.52
N GLY B 935 30.62 13.57 40.20
CA GLY B 935 30.15 13.63 41.58
C GLY B 935 28.66 13.57 41.86
N THR B 936 28.32 13.83 43.12
CA THR B 936 26.95 13.84 43.62
C THR B 936 26.09 14.87 42.89
N PRO B 937 24.80 14.57 42.66
CA PRO B 937 23.86 15.48 42.00
C PRO B 937 23.99 16.97 42.35
N GLU B 938 24.22 17.29 43.62
CA GLU B 938 24.36 18.69 44.04
C GLU B 938 25.62 19.32 43.49
N GLU B 939 26.76 18.63 43.64
CA GLU B 939 28.04 19.14 43.10
C GLU B 939 27.95 19.36 41.60
N VAL B 940 27.21 18.48 40.92
CA VAL B 940 27.01 18.59 39.48
C VAL B 940 26.07 19.77 39.22
N ALA B 941 25.02 19.87 40.04
CA ALA B 941 24.03 20.94 39.91
C ALA B 941 24.64 22.34 39.97
N GLU B 942 25.64 22.52 40.83
CA GLU B 942 26.29 23.83 40.97
C GLU B 942 27.48 24.00 40.02
N VAL B 943 27.37 23.44 38.81
CA VAL B 943 28.36 23.59 37.76
C VAL B 943 27.69 24.46 36.69
N LYS B 944 28.17 25.69 36.54
CA LYS B 944 27.61 26.66 35.59
C LYS B 944 27.74 26.22 34.12
N GLU B 945 28.72 25.34 33.84
CA GLU B 945 29.00 24.87 32.48
C GLU B 945 28.23 23.60 32.09
N SER B 946 27.68 22.90 33.08
CA SER B 946 26.91 21.68 32.82
C SER B 946 25.47 22.01 32.46
N HIS B 947 25.03 21.50 31.31
CA HIS B 947 23.64 21.72 30.88
C HIS B 947 22.70 20.89 31.73
N THR B 948 23.18 19.71 32.15
CA THR B 948 22.38 18.81 32.98
C THR B 948 22.15 19.43 34.35
N GLY B 949 23.24 19.91 34.96
CA GLY B 949 23.18 20.55 36.27
C GLY B 949 22.35 21.82 36.27
N ARG B 950 22.34 22.53 35.15
CA ARG B 950 21.58 23.76 35.03
C ARG B 950 20.07 23.50 35.15
N TYR B 951 19.59 22.43 34.52
CA TYR B 951 18.18 22.04 34.61
C TYR B 951 17.86 21.25 35.87
N LEU B 952 18.89 20.70 36.52
CA LEU B 952 18.70 19.90 37.73
C LEU B 952 18.57 20.76 38.97
N LYS B 953 19.15 21.97 38.94
CA LYS B 953 19.13 22.88 40.08
C LYS B 953 17.73 23.37 40.46
N PRO B 954 16.93 23.87 39.49
CA PRO B 954 15.57 24.28 39.85
C PRO B 954 14.70 23.10 40.29
N ILE B 955 15.00 21.90 39.77
CA ILE B 955 14.25 20.69 40.14
C ILE B 955 14.63 20.21 41.55
N LEU B 956 15.92 20.23 41.88
CA LEU B 956 16.36 19.85 43.23
C LEU B 956 15.77 20.82 44.24
N GLU B 957 15.82 22.12 43.93
CA GLU B 957 15.24 23.14 44.81
C GLU B 957 13.70 23.15 44.77
N ARG B 958 13.11 22.66 43.68
CA ARG B 958 11.65 22.55 43.56
C ARG B 958 11.14 21.44 44.48
N ASP B 959 11.80 20.29 44.43
CA ASP B 959 11.44 19.11 45.22
C ASP B 959 11.92 19.17 46.67
N ARG B 960 12.93 19.98 46.96
CA ARG B 960 13.43 20.11 48.33
C ARG B 960 12.49 20.95 49.17
N ALA B 961 11.82 21.92 48.54
CA ALA B 961 10.86 22.77 49.23
C ALA B 961 9.52 22.03 49.43
N ARG B 962 9.18 21.17 48.48
CA ARG B 962 7.94 20.36 48.54
C ARG B 962 7.98 19.39 49.71
N MSE B 963 9.15 18.78 49.94
CA MSE B 963 9.33 17.87 51.06
C MSE B 963 9.24 18.67 52.35
O MSE B 963 8.60 18.22 53.32
CB MSE B 963 10.70 17.20 50.99
CG MSE B 963 10.83 16.23 49.83
SE MSE B 963 12.70 15.99 49.29
CE MSE B 963 13.49 15.67 51.06
N GLN B 964 9.84 19.86 52.35
CA GLN B 964 9.81 20.78 53.49
C GLN B 964 8.38 21.29 53.71
N ALA B 965 7.60 21.38 52.63
CA ALA B 965 6.20 21.79 52.70
C ALA B 965 5.35 20.67 53.31
N ARG B 966 5.70 19.43 53.02
CA ARG B 966 5.02 18.25 53.58
C ARG B 966 5.48 18.02 55.01
N TYR B 967 6.77 18.23 55.25
CA TYR B 967 7.42 18.06 56.56
C TYR B 967 6.82 18.95 57.63
N GLU B 968 6.52 20.20 57.29
CA GLU B 968 5.93 21.15 58.24
C GLU B 968 4.46 20.87 58.54
N ALA B 969 3.71 20.50 57.50
CA ALA B 969 2.28 20.21 57.64
C ALA B 969 2.04 18.91 58.39
PB ADP C . -7.12 17.26 -20.75
O1B ADP C . -7.61 18.68 -20.58
O2B ADP C . -7.70 16.57 -21.96
O3B ADP C . -7.22 16.44 -19.49
PA ADP C . -4.51 16.22 -20.97
O1A ADP C . -4.88 15.23 -22.05
O2A ADP C . -4.46 15.76 -19.54
O3A ADP C . -5.55 17.45 -21.08
O5' ADP C . -3.03 16.82 -21.24
C5' ADP C . -2.74 17.68 -22.34
C4' ADP C . -1.56 17.21 -23.20
O4' ADP C . -0.73 16.24 -22.54
C3' ADP C . -2.02 16.53 -24.48
O3' ADP C . -1.17 16.89 -25.57
C2' ADP C . -1.88 15.06 -24.21
O2' ADP C . -1.69 14.29 -25.40
C1' ADP C . -0.64 15.05 -23.34
N9 ADP C . -0.58 13.81 -22.54
C8 ADP C . -1.37 13.47 -21.49
N7 ADP C . -1.01 12.25 -20.99
C5 ADP C . 0.03 11.81 -21.72
C6 ADP C . 0.89 10.61 -21.73
N6 ADP C . 0.70 9.62 -20.84
N1 ADP C . 1.86 10.53 -22.67
C2 ADP C . 2.08 11.51 -23.57
N3 ADP C . 1.32 12.63 -23.60
C4 ADP C . 0.31 12.83 -22.73
PB ADP D . -28.98 2.26 -19.90
O1B ADP D . -30.12 3.17 -20.26
O2B ADP D . -28.24 2.72 -18.67
O3B ADP D . -28.14 1.88 -21.08
PA ADP D . -29.00 -0.55 -19.58
O1A ADP D . -27.76 -0.58 -18.72
O2A ADP D . -28.93 -0.94 -21.04
O3A ADP D . -29.69 0.90 -19.42
O5' ADP D . -30.07 -1.58 -18.98
C5' ADP D . -31.08 -1.18 -18.05
C4' ADP D . -31.34 -2.32 -17.07
O4' ADP D . -30.70 -3.54 -17.46
C3' ADP D . -30.82 -1.99 -15.68
O3' ADP D . -31.85 -2.31 -14.72
C2' ADP D . -29.60 -2.86 -15.50
O2' ADP D . -29.38 -3.26 -14.14
C1' ADP D . -29.92 -4.04 -16.39
N9 ADP D . -28.68 -4.64 -16.88
C8 ADP D . -27.81 -4.06 -17.72
N7 ADP D . -26.76 -4.89 -17.97
C5 ADP D . -26.97 -6.02 -17.27
C6 ADP D . -26.25 -7.31 -17.07
N6 ADP D . -25.08 -7.56 -17.70
N1 ADP D . -26.83 -8.23 -16.26
C2 ADP D . -27.99 -8.00 -15.63
N3 ADP D . -28.69 -6.85 -15.77
C4 ADP D . -28.24 -5.85 -16.56
ZN ZN E . -34.85 -30.42 10.99
ZN ZN F . -22.88 -22.94 -6.90
ZN ZN G . 14.46 0.22 -23.88
PB ADP H . 0.01 2.04 27.11
O1B ADP H . -0.24 3.00 28.24
O2B ADP H . 1.26 1.20 27.26
O3B ADP H . -0.18 2.71 25.76
PA ADP H . -1.24 -0.12 25.95
O1A ADP H . 0.08 -0.85 25.83
O2A ADP H . -1.84 0.60 24.77
O3A ADP H . -1.14 0.93 27.17
O5' ADP H . -2.35 -1.16 26.41
C5' ADP H . -2.04 -2.01 27.51
C4' ADP H . -3.07 -3.12 27.60
O4' ADP H . -3.34 -3.62 26.30
C3' ADP H . -2.49 -4.24 28.45
O3' ADP H . -3.41 -4.54 29.51
C2' ADP H . -2.28 -5.41 27.51
O2' ADP H . -2.85 -6.64 27.97
C1' ADP H . -2.92 -4.98 26.19
N9 ADP H . -1.95 -5.14 25.08
C8 ADP H . -0.95 -4.30 24.77
N7 ADP H . -0.28 -4.79 23.68
C5 ADP H . -0.85 -5.94 23.31
C6 ADP H . -0.65 -6.97 22.26
N6 ADP H . 0.35 -6.85 21.36
N1 ADP H . -1.48 -8.04 22.23
C2 ADP H . -2.49 -8.18 23.12
N3 ADP H . -2.72 -7.28 24.10
C4 ADP H . -1.96 -6.17 24.25
PB ADP I . 25.09 9.86 22.94
O1B ADP I . 25.45 10.93 23.94
O2B ADP I . 24.03 10.33 21.98
O3B ADP I . 24.87 8.50 23.55
PA ADP I . 26.76 8.48 21.06
O1A ADP I . 25.46 7.84 20.62
O2A ADP I . 27.82 7.60 21.69
O3A ADP I . 26.42 9.73 22.04
O5' ADP I . 27.50 9.20 19.82
C5' ADP I . 28.17 10.44 20.03
C4' ADP I . 29.04 10.89 18.88
O4' ADP I . 29.72 9.77 18.28
C3' ADP I . 28.23 11.55 17.79
O3' ADP I . 28.97 12.61 17.19
C2' ADP I . 27.99 10.45 16.79
O2' ADP I . 27.78 10.97 15.47
C1' ADP I . 29.25 9.59 16.95
N9 ADP I . 28.94 8.17 16.69
C8 ADP I . 28.36 7.29 17.53
N7 ADP I . 28.24 6.07 16.95
C5 ADP I . 28.74 6.17 15.71
C6 ADP I . 28.91 5.27 14.57
N6 ADP I . 28.50 3.98 14.65
N1 ADP I . 29.50 5.75 13.45
C2 ADP I . 29.91 7.04 13.35
N3 ADP I . 29.77 7.93 14.37
C4 ADP I . 29.20 7.55 15.54
ZN ZN J . 42.62 15.94 -18.63
ZN ZN K . 34.20 1.31 -3.28
ZN ZN L . -2.00 -23.11 15.21
#